data_5GZN
#
_entry.id   5GZN
#
_cell.length_a   124.708
_cell.length_b   129.385
_cell.length_c   428.711
_cell.angle_alpha   90.00
_cell.angle_beta   90.00
_cell.angle_gamma   90.00
#
_symmetry.space_group_name_H-M   'C 2 2 21'
#
loop_
_entity.id
_entity.type
_entity.pdbx_description
1 polymer 'Genome polyprotein'
2 polymer 'Antibody Heavy chain'
3 polymer 'Antibody light chain'
#
loop_
_entity_poly.entity_id
_entity_poly.type
_entity_poly.pdbx_seq_one_letter_code
_entity_poly.pdbx_strand_id
1 'polypeptide(L)'
;IRCIGVSNRDFVEGMSGGTWVDVVLEHGGCVTVMAQDKPTVDIELVTTTVSNMAEVRSYCYEASISDMASDSRCPTQGEA
YLDKQSDTQYVCKRTLVDRGWGNGCGLFGKGSLVTCAKFACSKKMTGKSIQPENLEYRIMLSVHGSQHSGMIVNDTGHET
DENRAKVEITPNSPRAEATLGGFGSLGLDCEPRTGLDFSDLYYLTMNNKHWLVHKEWFHDIPLPWHAGADTGTPHWNNKE
ALVEFKDAHAKRQTVVVLGSQEGAVHTALAGALEAEMDGAKGRLSSGHLKCRLKMDKLRLKGVSYSLCTAAFTFTKIPAE
TLHGTVTVEVQYAGTDGPCKVPAQMAVDMQTLTPVGRLITANPVITESTENSKMMLELDPPFGDSYIVIGVGEKKITHHW
HRSGSTIGK
;
A,B,E,G
2 'polypeptide(L)'
;EVQLVESGGGVVQPGRSLRLSCAASGFTFSSYAMHWVRQAPGKGLEWVAVISYDGSNKYYADSVKGRFTISRDNSKSTLY
LQMNNLRAEDTAVYYCARDHLGWSSIWSAPESFLDYWGQGTLVTVSSASTKGPSVFPLAPSSKSTSGGTAALGCLVKDYF
PEPVTVSWNSGALTSGVHTFPAVLQSSGLYSLSSVVTVPSSSLGTQTYICNVNHKPSNTKVDKRVEPK
;
H,C
3 'polypeptide(L)'
;QSVLTQPPSVSAAPGQKVTISCSGSSSNIGNNYVSWYQQLPGTAPKLLIYDSNKRPSGIPDRFSGSKSGTSATLGITGLQ
TGDEADYYCGTWDSSLSVWVFGGGTKLTVLGQPKAAPSVTLFPPSSEELQANKATLVCLISDFYPGAVTVAWKADSSPVK
AGVETTTPSKQSNNKYAASSYLSLTPEQWKSHRSYSCQVTHEGSTVEKTVAPTECS
;
L,D
#
# COMPACT_ATOMS: atom_id res chain seq x y z
N ILE A 1 -15.77 -4.44 1.29
CA ILE A 1 -14.69 -5.28 0.79
C ILE A 1 -15.11 -6.01 -0.49
N ARG A 2 -14.76 -5.42 -1.63
CA ARG A 2 -15.22 -5.88 -2.93
C ARG A 2 -14.42 -7.10 -3.41
N CYS A 3 -14.59 -7.43 -4.68
CA CYS A 3 -13.78 -8.43 -5.39
C CYS A 3 -13.98 -9.88 -4.96
N ILE A 4 -14.40 -10.11 -3.72
CA ILE A 4 -14.50 -11.48 -3.20
C ILE A 4 -15.46 -12.33 -4.04
N GLY A 5 -16.46 -11.70 -4.63
CA GLY A 5 -17.40 -12.41 -5.49
C GLY A 5 -16.90 -12.52 -6.92
N VAL A 6 -16.04 -11.58 -7.31
CA VAL A 6 -15.54 -11.49 -8.67
C VAL A 6 -14.73 -12.72 -9.09
N SER A 7 -15.00 -13.23 -10.29
CA SER A 7 -14.31 -14.42 -10.79
C SER A 7 -12.89 -14.12 -11.27
N ASN A 8 -12.72 -13.10 -12.11
CA ASN A 8 -11.39 -12.74 -12.61
C ASN A 8 -10.66 -11.78 -11.68
N ARG A 9 -10.13 -12.32 -10.58
CA ARG A 9 -9.48 -11.53 -9.54
C ARG A 9 -7.98 -11.77 -9.51
N ASP A 10 -7.20 -10.72 -9.27
CA ASP A 10 -5.76 -10.85 -9.16
C ASP A 10 -5.27 -10.50 -7.76
N PHE A 11 -4.08 -10.98 -7.40
CA PHE A 11 -3.50 -10.68 -6.11
C PHE A 11 -2.07 -10.17 -6.26
N VAL A 12 -1.93 -8.89 -6.57
CA VAL A 12 -0.63 -8.27 -6.77
C VAL A 12 0.06 -8.03 -5.43
N GLU A 13 1.30 -8.48 -5.33
CA GLU A 13 2.04 -8.38 -4.07
C GLU A 13 3.03 -7.22 -4.07
N GLY A 14 3.32 -6.70 -2.88
CA GLY A 14 4.24 -5.58 -2.72
C GLY A 14 5.69 -6.00 -2.53
N MET A 15 6.42 -5.23 -1.74
CA MET A 15 7.84 -5.47 -1.54
C MET A 15 8.20 -5.45 -0.05
N SER A 16 9.03 -4.48 0.32
CA SER A 16 9.40 -4.27 1.71
C SER A 16 8.86 -2.91 2.17
N GLY A 17 8.97 -1.93 1.28
CA GLY A 17 8.51 -0.58 1.54
C GLY A 17 8.64 0.18 0.24
N GLY A 18 8.27 -0.51 -0.84
CA GLY A 18 8.43 0.01 -2.19
C GLY A 18 7.59 1.23 -2.49
N THR A 19 7.58 1.65 -3.75
CA THR A 19 6.91 2.87 -4.13
C THR A 19 5.93 2.66 -5.28
N TRP A 20 6.25 1.73 -6.18
CA TRP A 20 5.39 1.48 -7.34
C TRP A 20 4.98 0.01 -7.48
N VAL A 21 3.72 -0.22 -7.82
CA VAL A 21 3.31 -1.56 -8.21
C VAL A 21 2.48 -1.53 -9.50
N ASP A 22 2.79 -2.42 -10.43
CA ASP A 22 2.09 -2.46 -11.71
C ASP A 22 0.84 -3.33 -11.65
N VAL A 23 -0.25 -2.85 -12.24
CA VAL A 23 -1.49 -3.63 -12.31
C VAL A 23 -2.12 -3.54 -13.69
N VAL A 24 -3.06 -4.44 -13.97
CA VAL A 24 -3.82 -4.43 -15.21
C VAL A 24 -5.31 -4.52 -14.89
N LEU A 25 -6.06 -3.46 -15.21
CA LEU A 25 -7.46 -3.39 -14.85
C LEU A 25 -8.36 -3.76 -16.02
N GLU A 26 -9.00 -4.93 -15.91
CA GLU A 26 -9.96 -5.36 -16.91
C GLU A 26 -11.39 -5.12 -16.45
N HIS A 27 -12.24 -4.73 -17.39
CA HIS A 27 -13.65 -4.51 -17.10
C HIS A 27 -14.28 -5.75 -16.50
N GLY A 28 -15.01 -5.57 -15.41
CA GLY A 28 -15.64 -6.70 -14.74
C GLY A 28 -14.67 -7.45 -13.85
N GLY A 29 -13.38 -7.30 -14.16
CA GLY A 29 -12.32 -7.89 -13.36
C GLY A 29 -11.93 -7.00 -12.19
N CYS A 30 -11.02 -7.48 -11.34
CA CYS A 30 -10.64 -6.75 -10.14
C CYS A 30 -9.25 -7.13 -9.65
N VAL A 31 -8.53 -6.14 -9.11
CA VAL A 31 -7.17 -6.37 -8.62
C VAL A 31 -7.03 -6.05 -7.14
N THR A 32 -6.65 -7.06 -6.36
CA THR A 32 -6.39 -6.87 -4.95
C THR A 32 -4.89 -6.67 -4.70
N VAL A 33 -4.50 -5.42 -4.42
CA VAL A 33 -3.11 -5.11 -4.14
C VAL A 33 -2.80 -5.25 -2.65
N MET A 34 -1.82 -6.09 -2.36
CA MET A 34 -1.32 -6.32 -1.01
C MET A 34 0.15 -6.01 -0.93
N ALA A 35 0.47 -4.79 -0.51
CA ALA A 35 1.86 -4.41 -0.31
C ALA A 35 2.23 -4.62 1.15
N GLN A 36 3.47 -5.04 1.40
CA GLN A 36 3.95 -5.27 2.76
C GLN A 36 3.89 -3.99 3.57
N ASP A 37 3.34 -4.10 4.78
CA ASP A 37 3.20 -2.97 5.69
C ASP A 37 2.40 -1.85 5.02
N LYS A 38 1.38 -2.25 4.27
CA LYS A 38 0.42 -1.31 3.68
C LYS A 38 -0.97 -1.88 3.88
N PRO A 39 -2.01 -1.03 3.90
CA PRO A 39 -3.35 -1.60 3.94
C PRO A 39 -3.65 -2.26 2.60
N THR A 40 -4.41 -3.34 2.63
CA THR A 40 -4.79 -4.01 1.40
C THR A 40 -5.83 -3.18 0.67
N VAL A 41 -5.62 -2.94 -0.62
CA VAL A 41 -6.56 -2.11 -1.36
C VAL A 41 -7.10 -2.83 -2.58
N ASP A 42 -8.31 -2.49 -2.97
CA ASP A 42 -8.95 -3.05 -4.16
C ASP A 42 -9.06 -2.01 -5.25
N ILE A 43 -8.51 -2.34 -6.41
CA ILE A 43 -8.58 -1.47 -7.58
C ILE A 43 -9.42 -2.14 -8.65
N GLU A 44 -10.44 -1.45 -9.15
CA GLU A 44 -11.21 -2.01 -10.27
C GLU A 44 -11.78 -0.97 -11.22
N LEU A 45 -11.59 -1.20 -12.52
CA LEU A 45 -12.09 -0.33 -13.58
C LEU A 45 -13.60 -0.53 -13.77
N VAL A 46 -14.38 0.52 -13.51
CA VAL A 46 -15.83 0.40 -13.47
C VAL A 46 -16.55 0.96 -14.69
N THR A 47 -15.95 1.92 -15.39
CA THR A 47 -16.61 2.52 -16.55
C THR A 47 -15.69 3.12 -17.59
N THR A 48 -15.59 2.44 -18.73
CA THR A 48 -15.06 3.08 -19.93
C THR A 48 -16.25 3.73 -20.62
N THR A 49 -16.12 5.00 -21.00
CA THR A 49 -17.25 5.71 -21.59
C THR A 49 -16.81 6.78 -22.59
N VAL A 50 -17.42 6.76 -23.77
CA VAL A 50 -17.10 7.69 -24.86
C VAL A 50 -18.19 8.74 -25.08
N SER A 51 -17.81 9.89 -25.65
CA SER A 51 -18.76 10.98 -25.88
C SER A 51 -18.23 12.01 -26.87
N ASN A 52 -19.16 12.75 -27.47
CA ASN A 52 -18.84 13.80 -28.44
C ASN A 52 -17.89 13.33 -29.55
N MET A 53 -18.17 12.14 -30.07
CA MET A 53 -17.40 11.58 -31.18
C MET A 53 -17.83 12.21 -32.49
N ALA A 54 -16.88 12.33 -33.43
CA ALA A 54 -17.16 12.92 -34.73
C ALA A 54 -17.63 11.85 -35.71
N GLU A 55 -18.81 12.05 -36.28
CA GLU A 55 -19.35 11.11 -37.25
C GLU A 55 -18.49 11.07 -38.50
N VAL A 56 -18.32 9.87 -39.04
CA VAL A 56 -17.46 9.68 -40.21
C VAL A 56 -18.27 9.34 -41.46
N ARG A 57 -19.17 8.37 -41.33
CA ARG A 57 -19.96 7.90 -42.45
C ARG A 57 -21.21 7.17 -42.00
N SER A 58 -22.34 7.45 -42.64
CA SER A 58 -23.57 6.75 -42.33
C SER A 58 -24.00 5.85 -43.49
N TYR A 59 -24.29 4.60 -43.18
CA TYR A 59 -24.83 3.66 -44.16
C TYR A 59 -26.34 3.53 -44.01
N CYS A 60 -27.03 3.32 -45.13
CA CYS A 60 -28.46 3.11 -45.13
C CYS A 60 -28.79 1.63 -45.22
N TYR A 61 -29.62 1.15 -44.31
CA TYR A 61 -29.99 -0.27 -44.28
C TYR A 61 -31.47 -0.46 -44.51
N GLU A 62 -32.18 0.64 -44.77
CA GLU A 62 -33.58 0.57 -45.15
C GLU A 62 -34.00 1.80 -45.94
N ALA A 63 -34.27 1.59 -47.22
CA ALA A 63 -34.60 2.66 -48.14
C ALA A 63 -35.98 2.47 -48.73
N SER A 64 -36.47 3.50 -49.41
CA SER A 64 -37.74 3.41 -50.14
C SER A 64 -37.64 4.23 -51.42
N ILE A 65 -38.43 3.85 -52.42
CA ILE A 65 -38.48 4.62 -53.67
C ILE A 65 -39.90 5.03 -54.00
N SER A 66 -40.04 6.13 -54.72
CA SER A 66 -41.34 6.65 -55.08
C SER A 66 -41.28 7.47 -56.36
N ASP A 67 -42.38 7.44 -57.11
CA ASP A 67 -42.52 8.21 -58.35
C ASP A 67 -41.40 7.89 -59.33
N MET A 68 -41.31 6.62 -59.74
CA MET A 68 -40.33 6.21 -60.74
C MET A 68 -40.82 6.59 -62.13
N ALA A 69 -39.89 6.71 -63.06
CA ALA A 69 -40.25 7.06 -64.44
C ALA A 69 -39.29 6.45 -65.44
N SER A 70 -39.83 6.01 -66.58
CA SER A 70 -39.01 5.42 -67.64
C SER A 70 -39.13 6.21 -68.93
N ASP A 71 -38.10 6.13 -69.77
CA ASP A 71 -38.15 6.70 -71.11
C ASP A 71 -37.60 5.72 -72.13
N SER A 72 -38.33 5.57 -73.23
CA SER A 72 -37.97 4.63 -74.29
C SER A 72 -37.71 5.34 -75.61
N ARG A 73 -36.90 4.72 -76.46
CA ARG A 73 -36.64 5.26 -77.80
C ARG A 73 -36.31 4.17 -78.81
N CYS A 74 -36.97 4.25 -79.96
CA CYS A 74 -36.74 3.33 -81.08
C CYS A 74 -35.29 3.36 -81.57
N PRO A 75 -34.84 2.28 -82.23
CA PRO A 75 -33.52 2.30 -82.87
C PRO A 75 -33.41 3.47 -83.84
N THR A 76 -32.19 4.02 -83.96
CA THR A 76 -31.89 5.18 -84.79
C THR A 76 -32.60 6.46 -84.31
N GLN A 77 -33.08 6.44 -83.07
CA GLN A 77 -33.74 7.62 -82.51
C GLN A 77 -33.01 8.11 -81.27
N GLY A 78 -31.70 7.86 -81.23
CA GLY A 78 -30.85 8.41 -80.19
C GLY A 78 -31.03 7.79 -78.82
N GLU A 79 -30.14 8.19 -77.90
CA GLU A 79 -30.16 7.71 -76.53
C GLU A 79 -31.38 8.25 -75.78
N ALA A 80 -31.91 7.45 -74.87
CA ALA A 80 -33.06 7.87 -74.07
C ALA A 80 -32.65 8.89 -73.02
N TYR A 81 -33.59 9.73 -72.60
CA TYR A 81 -33.28 10.81 -71.67
C TYR A 81 -34.46 11.25 -70.83
N LEU A 82 -34.24 11.32 -69.52
CA LEU A 82 -35.19 11.94 -68.60
C LEU A 82 -34.52 13.17 -67.98
N ASP A 83 -35.34 14.11 -67.51
CA ASP A 83 -34.81 15.28 -66.83
C ASP A 83 -34.38 14.91 -65.42
N LYS A 84 -35.06 13.93 -64.84
CA LYS A 84 -34.75 13.45 -63.50
C LYS A 84 -33.54 12.52 -63.50
N GLN A 85 -32.82 12.51 -64.61
CA GLN A 85 -31.65 11.65 -64.78
C GLN A 85 -30.42 12.22 -64.08
N SER A 86 -30.34 13.55 -63.99
CA SER A 86 -29.20 14.22 -63.39
C SER A 86 -29.36 14.44 -61.89
N ASP A 87 -30.61 14.41 -61.43
CA ASP A 87 -30.92 14.62 -60.01
C ASP A 87 -30.25 13.54 -59.16
N THR A 88 -29.58 13.96 -58.10
CA THR A 88 -28.81 13.04 -57.25
C THR A 88 -29.71 12.21 -56.35
N GLN A 89 -30.93 12.71 -56.10
CA GLN A 89 -31.90 11.98 -55.30
C GLN A 89 -32.46 10.81 -56.10
N TYR A 90 -32.27 10.85 -57.40
CA TYR A 90 -32.77 9.81 -58.31
C TYR A 90 -31.67 8.87 -58.77
N VAL A 91 -31.92 7.56 -58.63
CA VAL A 91 -31.01 6.54 -59.12
C VAL A 91 -31.54 6.02 -60.45
N CYS A 92 -30.65 5.81 -61.42
CA CYS A 92 -31.08 5.47 -62.77
C CYS A 92 -30.39 4.24 -63.36
N LYS A 93 -30.92 3.75 -64.49
CA LYS A 93 -30.29 2.68 -65.24
C LYS A 93 -30.56 2.77 -66.74
N ARG A 94 -29.48 2.64 -67.49
CA ARG A 94 -29.50 2.52 -68.95
C ARG A 94 -29.57 1.06 -69.35
N THR A 95 -30.31 0.78 -70.42
CA THR A 95 -30.33 -0.56 -70.98
C THR A 95 -30.85 -0.52 -72.41
N LEU A 96 -30.42 -1.48 -73.20
CA LEU A 96 -30.92 -1.64 -74.57
C LEU A 96 -31.93 -2.78 -74.62
N VAL A 97 -33.09 -2.55 -75.21
CA VAL A 97 -34.12 -3.58 -75.25
C VAL A 97 -34.71 -3.72 -76.65
N ASP A 98 -35.04 -4.96 -77.03
CA ASP A 98 -35.55 -5.27 -78.37
C ASP A 98 -36.79 -4.49 -78.78
N ARG A 99 -36.73 -3.86 -79.95
CA ARG A 99 -37.84 -3.11 -80.50
C ARG A 99 -38.12 -3.53 -81.93
N GLY A 100 -39.34 -3.26 -82.41
CA GLY A 100 -39.71 -3.61 -83.77
C GLY A 100 -41.05 -3.00 -84.16
N TRP A 101 -41.69 -3.57 -85.17
CA TRP A 101 -43.02 -3.13 -85.56
C TRP A 101 -44.02 -3.41 -84.44
N GLY A 102 -43.77 -4.51 -83.72
CA GLY A 102 -44.66 -4.97 -82.68
C GLY A 102 -44.78 -4.04 -81.48
N ASN A 103 -44.01 -2.96 -81.48
CA ASN A 103 -44.09 -1.98 -80.41
C ASN A 103 -43.61 -0.59 -80.85
N GLY A 104 -44.08 -0.16 -82.02
CA GLY A 104 -43.95 1.23 -82.42
C GLY A 104 -42.76 1.62 -83.27
N CYS A 105 -41.82 0.71 -83.48
CA CYS A 105 -40.60 1.08 -84.18
C CYS A 105 -40.59 0.66 -85.65
N GLY A 106 -39.89 1.43 -86.46
CA GLY A 106 -39.86 1.23 -87.90
C GLY A 106 -39.02 0.05 -88.36
N LEU A 107 -38.09 -0.38 -87.52
CA LEU A 107 -37.23 -1.50 -87.89
C LEU A 107 -36.75 -2.27 -86.65
N PHE A 108 -36.60 -3.58 -86.82
CA PHE A 108 -36.33 -4.49 -85.72
C PHE A 108 -34.89 -4.42 -85.25
N GLY A 109 -34.69 -4.25 -83.94
CA GLY A 109 -33.36 -4.18 -83.38
C GLY A 109 -33.33 -3.83 -81.91
N LYS A 110 -32.41 -2.95 -81.53
CA LYS A 110 -32.25 -2.54 -80.14
C LYS A 110 -32.60 -1.07 -79.95
N GLY A 111 -33.47 -0.79 -78.99
CA GLY A 111 -33.86 0.57 -78.66
C GLY A 111 -33.32 0.95 -77.29
N SER A 112 -33.19 2.26 -77.07
CA SER A 112 -32.64 2.77 -75.82
C SER A 112 -33.70 2.92 -74.74
N LEU A 113 -33.35 2.58 -73.52
CA LEU A 113 -34.29 2.64 -72.40
C LEU A 113 -33.60 3.12 -71.15
N VAL A 114 -34.26 4.02 -70.42
CA VAL A 114 -33.72 4.53 -69.17
C VAL A 114 -34.80 4.51 -68.10
N THR A 115 -34.41 4.21 -66.86
CA THR A 115 -35.39 4.23 -65.78
C THR A 115 -34.82 4.84 -64.50
N CYS A 116 -35.59 5.73 -63.86
CA CYS A 116 -35.15 6.44 -62.67
C CYS A 116 -36.13 6.31 -61.51
N ALA A 117 -35.61 6.33 -60.28
CA ALA A 117 -36.44 6.26 -59.07
C ALA A 117 -35.92 7.19 -57.97
N LYS A 118 -36.84 7.74 -57.19
CA LYS A 118 -36.48 8.67 -56.13
C LYS A 118 -36.00 7.93 -54.87
N PHE A 119 -34.77 8.20 -54.47
CA PHE A 119 -34.14 7.45 -53.38
C PHE A 119 -34.33 8.11 -52.02
N ALA A 120 -35.15 7.49 -51.17
CA ALA A 120 -35.30 7.91 -49.79
C ALA A 120 -34.55 6.95 -48.89
N CYS A 121 -34.20 7.39 -47.68
CA CYS A 121 -33.56 6.49 -46.72
C CYS A 121 -34.31 6.46 -45.40
N SER A 122 -35.18 5.47 -45.25
CA SER A 122 -35.98 5.31 -44.04
C SER A 122 -35.11 5.23 -42.79
N LYS A 123 -34.17 4.30 -42.77
CA LYS A 123 -33.32 4.13 -41.60
C LYS A 123 -31.84 4.04 -41.96
N LYS A 124 -30.99 4.52 -41.04
CA LYS A 124 -29.56 4.47 -41.26
C LYS A 124 -28.80 4.13 -39.99
N MET A 125 -27.55 3.71 -40.17
CA MET A 125 -26.65 3.47 -39.05
C MET A 125 -25.45 4.40 -39.23
N THR A 126 -24.80 4.76 -38.12
CA THR A 126 -23.73 5.74 -38.19
C THR A 126 -22.45 5.26 -37.50
N GLY A 127 -21.34 5.40 -38.20
CA GLY A 127 -20.03 5.10 -37.62
C GLY A 127 -19.32 6.37 -37.20
N LYS A 128 -18.84 6.38 -35.96
CA LYS A 128 -18.19 7.56 -35.41
C LYS A 128 -16.72 7.30 -35.07
N SER A 129 -15.91 8.34 -35.11
CA SER A 129 -14.49 8.23 -34.84
C SER A 129 -14.19 8.30 -33.35
N ILE A 130 -13.26 7.48 -32.89
CA ILE A 130 -12.94 7.44 -31.47
C ILE A 130 -11.60 8.11 -31.17
N GLN A 131 -11.67 9.41 -30.92
CA GLN A 131 -10.50 10.20 -30.54
C GLN A 131 -10.25 10.11 -29.04
N PRO A 132 -8.97 10.22 -28.61
CA PRO A 132 -8.62 10.19 -27.19
C PRO A 132 -9.41 11.21 -26.35
N GLU A 133 -9.85 12.29 -26.97
CA GLU A 133 -10.63 13.32 -26.27
C GLU A 133 -12.01 12.80 -25.89
N ASN A 134 -12.35 11.61 -26.37
CA ASN A 134 -13.67 11.04 -26.13
C ASN A 134 -13.68 10.02 -24.99
N LEU A 135 -12.52 9.41 -24.73
CA LEU A 135 -12.42 8.40 -23.68
C LEU A 135 -12.42 8.99 -22.27
N GLU A 136 -13.04 8.26 -21.35
CA GLU A 136 -12.95 8.61 -19.94
C GLU A 136 -13.13 7.38 -19.07
N TYR A 137 -12.03 6.78 -18.65
CA TYR A 137 -12.04 5.65 -17.74
C TYR A 137 -12.39 6.11 -16.32
N ARG A 138 -12.94 5.21 -15.51
CA ARG A 138 -13.22 5.51 -14.11
C ARG A 138 -12.82 4.32 -13.25
N ILE A 139 -11.91 4.58 -12.32
CA ILE A 139 -11.38 3.51 -11.48
C ILE A 139 -11.86 3.68 -10.05
N MET A 140 -12.20 2.55 -9.42
CA MET A 140 -12.66 2.56 -8.04
C MET A 140 -11.63 1.94 -7.11
N LEU A 141 -11.39 2.61 -5.99
CA LEU A 141 -10.41 2.18 -4.99
C LEU A 141 -11.09 1.93 -3.65
N SER A 142 -10.87 0.77 -3.06
CA SER A 142 -11.48 0.47 -1.78
C SER A 142 -10.56 -0.31 -0.84
N VAL A 143 -10.13 0.34 0.23
CA VAL A 143 -9.35 -0.30 1.27
C VAL A 143 -10.15 -1.43 1.91
N HIS A 144 -9.52 -2.60 2.04
CA HIS A 144 -10.15 -3.73 2.69
C HIS A 144 -10.53 -3.43 4.13
N GLY A 145 -11.70 -3.90 4.54
CA GLY A 145 -12.17 -3.71 5.90
C GLY A 145 -12.67 -2.31 6.20
N SER A 146 -13.98 -2.15 6.30
CA SER A 146 -14.54 -0.85 6.70
C SER A 146 -15.62 -1.03 7.75
N GLN A 147 -16.81 -0.53 7.46
CA GLN A 147 -17.95 -0.68 8.36
C GLN A 147 -18.66 -2.00 8.05
N HIS A 148 -19.29 -2.08 6.89
CA HIS A 148 -19.99 -3.29 6.48
C HIS A 148 -19.20 -4.09 5.46
N ASN A 154 -22.40 -4.10 -0.63
CA ASN A 154 -22.05 -4.77 -1.87
C ASN A 154 -22.08 -3.83 -3.06
N ASP A 155 -22.72 -2.68 -2.89
CA ASP A 155 -22.96 -1.74 -3.97
C ASP A 155 -22.04 -0.52 -3.92
N THR A 156 -22.55 0.63 -4.36
CA THR A 156 -21.77 1.86 -4.35
C THR A 156 -22.50 3.00 -3.63
N GLY A 157 -21.89 3.49 -2.57
CA GLY A 157 -22.38 4.62 -1.79
C GLY A 157 -21.17 5.21 -1.09
N HIS A 158 -20.16 5.55 -1.89
CA HIS A 158 -18.79 5.75 -1.44
C HIS A 158 -18.42 7.17 -1.03
N GLU A 159 -19.20 8.15 -1.48
CA GLU A 159 -18.83 9.55 -1.34
C GLU A 159 -18.51 9.96 0.10
N THR A 160 -19.10 9.23 1.05
CA THR A 160 -18.90 9.49 2.46
C THR A 160 -17.81 8.60 3.07
N ASP A 161 -17.76 7.35 2.64
CA ASP A 161 -16.79 6.39 3.14
C ASP A 161 -15.37 6.86 2.84
N GLU A 162 -14.49 6.76 3.84
CA GLU A 162 -13.09 7.14 3.66
C GLU A 162 -12.31 6.01 2.98
N ASN A 163 -12.72 4.76 3.22
CA ASN A 163 -12.04 3.61 2.64
C ASN A 163 -12.27 3.50 1.13
N ARG A 164 -13.31 4.18 0.64
CA ARG A 164 -13.66 4.09 -0.77
C ARG A 164 -13.52 5.44 -1.47
N ALA A 165 -12.92 5.41 -2.66
CA ALA A 165 -12.71 6.61 -3.45
C ALA A 165 -12.88 6.31 -4.93
N LYS A 166 -13.34 7.30 -5.68
CA LYS A 166 -13.51 7.19 -7.13
C LYS A 166 -12.55 8.14 -7.83
N VAL A 167 -11.93 7.68 -8.91
CA VAL A 167 -11.11 8.56 -9.74
C VAL A 167 -11.46 8.43 -11.21
N GLU A 168 -11.20 9.49 -11.96
CA GLU A 168 -11.43 9.46 -13.40
C GLU A 168 -10.14 9.76 -14.17
N ILE A 169 -10.02 9.13 -15.33
CA ILE A 169 -8.80 9.16 -16.14
C ILE A 169 -9.13 9.39 -17.60
N THR A 170 -8.34 10.22 -18.29
CA THR A 170 -8.48 10.37 -19.73
C THR A 170 -7.15 10.05 -20.39
N PRO A 171 -7.15 9.77 -21.70
CA PRO A 171 -5.89 9.58 -22.41
C PRO A 171 -5.01 10.82 -22.39
N ASN A 172 -5.62 11.99 -22.21
CA ASN A 172 -4.87 13.24 -22.11
C ASN A 172 -4.76 13.71 -20.67
N SER A 173 -4.98 12.78 -19.74
CA SER A 173 -4.83 13.04 -18.30
C SER A 173 -4.77 11.73 -17.53
N PRO A 174 -3.74 10.91 -17.80
CA PRO A 174 -3.68 9.54 -17.27
C PRO A 174 -3.34 9.48 -15.79
N ARG A 175 -3.03 10.62 -15.18
CA ARG A 175 -2.56 10.67 -13.81
C ARG A 175 -3.64 11.15 -12.83
N ALA A 176 -3.76 10.45 -11.71
CA ALA A 176 -4.75 10.83 -10.70
C ALA A 176 -4.35 10.37 -9.30
N GLU A 177 -4.81 11.11 -8.29
CA GLU A 177 -4.55 10.77 -6.90
C GLU A 177 -5.87 10.61 -6.15
N ALA A 178 -5.92 9.65 -5.23
CA ALA A 178 -7.15 9.39 -4.49
C ALA A 178 -6.91 9.29 -2.99
N THR A 179 -7.42 10.26 -2.24
CA THR A 179 -7.28 10.26 -0.78
C THR A 179 -8.17 9.20 -0.15
N LEU A 180 -7.66 8.54 0.86
CA LEU A 180 -8.37 7.44 1.51
C LEU A 180 -8.45 7.64 3.03
N GLY A 181 -8.64 8.89 3.44
CA GLY A 181 -8.82 9.23 4.85
C GLY A 181 -7.60 8.94 5.68
N GLY A 182 -7.78 8.17 6.75
CA GLY A 182 -6.69 7.82 7.63
C GLY A 182 -5.72 6.82 7.04
N PHE A 183 -5.96 6.45 5.78
CA PHE A 183 -5.10 5.48 5.09
C PHE A 183 -4.14 6.15 4.10
N GLY A 184 -4.21 7.48 4.03
CA GLY A 184 -3.28 8.22 3.20
C GLY A 184 -3.84 8.59 1.85
N SER A 185 -3.18 8.14 0.79
CA SER A 185 -3.62 8.43 -0.57
C SER A 185 -2.91 7.55 -1.58
N LEU A 186 -3.62 7.17 -2.63
CA LEU A 186 -3.05 6.32 -3.67
C LEU A 186 -2.78 7.12 -4.94
N GLY A 187 -1.77 6.68 -5.70
CA GLY A 187 -1.42 7.32 -6.95
C GLY A 187 -1.65 6.40 -8.13
N LEU A 188 -2.04 6.99 -9.26
CA LEU A 188 -2.37 6.24 -10.47
C LEU A 188 -1.80 6.88 -11.73
N ASP A 189 -0.90 6.17 -12.38
CA ASP A 189 -0.41 6.58 -13.70
C ASP A 189 -0.76 5.48 -14.72
N CYS A 190 -1.88 5.67 -15.41
CA CYS A 190 -2.44 4.63 -16.27
C CYS A 190 -2.20 4.89 -17.76
N GLU A 191 -1.42 4.03 -18.39
CA GLU A 191 -1.18 4.12 -19.82
C GLU A 191 -2.44 3.79 -20.62
N PRO A 192 -2.93 4.76 -21.41
CA PRO A 192 -4.13 4.62 -22.23
C PRO A 192 -3.84 4.11 -23.64
N ARG A 193 -2.58 4.13 -24.05
CA ARG A 193 -2.17 3.58 -25.34
C ARG A 193 -2.39 2.07 -25.36
N THR A 194 -1.91 1.41 -24.31
CA THR A 194 -2.10 -0.02 -24.15
C THR A 194 -3.53 -0.33 -23.71
N GLY A 195 -4.30 0.73 -23.48
CA GLY A 195 -5.71 0.60 -23.15
C GLY A 195 -6.43 -0.25 -24.18
N LEU A 196 -6.60 0.31 -25.37
CA LEU A 196 -7.09 -0.44 -26.52
C LEU A 196 -6.92 0.39 -27.77
N ASP A 197 -6.52 -0.26 -28.86
CA ASP A 197 -6.21 0.43 -30.10
C ASP A 197 -7.47 0.98 -30.75
N PHE A 198 -7.97 2.09 -30.21
CA PHE A 198 -9.16 2.73 -30.75
C PHE A 198 -8.83 3.55 -31.99
N SER A 199 -7.57 3.51 -32.40
CA SER A 199 -7.15 4.14 -33.66
C SER A 199 -7.48 3.23 -34.83
N ASP A 200 -7.92 2.01 -34.52
CA ASP A 200 -8.35 1.05 -35.53
C ASP A 200 -9.77 0.58 -35.23
N LEU A 201 -10.57 1.46 -34.65
CA LEU A 201 -11.96 1.13 -34.32
C LEU A 201 -12.91 2.31 -34.53
N TYR A 202 -14.07 1.99 -35.09
CA TYR A 202 -15.18 2.92 -35.22
C TYR A 202 -16.29 2.53 -34.23
N TYR A 203 -17.07 3.52 -33.82
CA TYR A 203 -18.20 3.29 -32.92
C TYR A 203 -19.49 3.26 -33.74
N LEU A 204 -20.08 2.07 -33.87
CA LEU A 204 -21.24 1.88 -34.71
C LEU A 204 -22.55 2.00 -33.94
N THR A 205 -23.44 2.84 -34.46
CA THR A 205 -24.75 3.07 -33.87
C THR A 205 -25.85 2.70 -34.86
N MET A 206 -26.65 1.70 -34.51
CA MET A 206 -27.77 1.27 -35.34
C MET A 206 -29.00 1.04 -34.49
N ASN A 207 -29.94 1.99 -34.57
CA ASN A 207 -31.23 1.90 -33.89
C ASN A 207 -31.11 1.54 -32.42
N ASN A 208 -30.48 2.43 -31.65
CA ASN A 208 -30.25 2.26 -30.21
C ASN A 208 -29.29 1.13 -29.84
N LYS A 209 -28.86 0.33 -30.83
CA LYS A 209 -27.89 -0.72 -30.56
C LYS A 209 -26.49 -0.23 -30.94
N HIS A 210 -25.48 -0.53 -30.11
CA HIS A 210 -24.15 0.01 -30.35
C HIS A 210 -23.05 -1.04 -30.30
N TRP A 211 -22.07 -0.89 -31.20
CA TRP A 211 -20.93 -1.81 -31.24
C TRP A 211 -19.61 -1.09 -31.48
N LEU A 212 -18.52 -1.82 -31.31
CA LEU A 212 -17.20 -1.34 -31.70
C LEU A 212 -16.72 -2.19 -32.86
N VAL A 213 -16.52 -1.57 -34.02
CA VAL A 213 -16.20 -2.33 -35.22
C VAL A 213 -14.85 -1.92 -35.79
N HIS A 214 -14.20 -2.83 -36.50
CA HIS A 214 -12.93 -2.50 -37.15
C HIS A 214 -13.18 -1.55 -38.31
N LYS A 215 -12.25 -0.60 -38.50
CA LYS A 215 -12.39 0.43 -39.53
C LYS A 215 -12.49 -0.16 -40.95
N GLU A 216 -11.67 -1.16 -41.24
CA GLU A 216 -11.65 -1.75 -42.58
C GLU A 216 -12.95 -2.50 -42.87
N TRP A 217 -13.47 -3.21 -41.88
CA TRP A 217 -14.73 -3.90 -42.03
C TRP A 217 -15.86 -2.90 -42.25
N PHE A 218 -15.75 -1.76 -41.58
CA PHE A 218 -16.74 -0.70 -41.70
C PHE A 218 -16.73 -0.07 -43.09
N HIS A 219 -15.53 0.09 -43.65
CA HIS A 219 -15.38 0.69 -44.97
C HIS A 219 -15.83 -0.24 -46.09
N ASP A 220 -15.90 -1.53 -45.79
CA ASP A 220 -16.23 -2.53 -46.80
C ASP A 220 -17.69 -2.96 -46.72
N ILE A 221 -18.53 -2.15 -46.10
CA ILE A 221 -19.95 -2.46 -46.00
C ILE A 221 -20.65 -2.12 -47.30
N PRO A 222 -21.35 -3.11 -47.88
CA PRO A 222 -22.03 -2.94 -49.17
C PRO A 222 -23.41 -2.29 -49.01
N LEU A 223 -23.44 -1.02 -48.65
CA LEU A 223 -24.69 -0.28 -48.52
C LEU A 223 -24.51 1.15 -49.03
N PRO A 224 -25.62 1.84 -49.32
CA PRO A 224 -25.52 3.26 -49.68
C PRO A 224 -25.01 4.05 -48.50
N TRP A 225 -24.30 5.17 -48.72
CA TRP A 225 -23.66 5.87 -47.63
C TRP A 225 -23.42 7.35 -47.89
N HIS A 226 -23.35 8.14 -46.83
CA HIS A 226 -22.89 9.54 -46.95
C HIS A 226 -21.80 9.85 -45.91
N ALA A 227 -21.02 10.89 -46.16
CA ALA A 227 -19.91 11.18 -45.30
C ALA A 227 -20.28 12.23 -44.29
N GLY A 228 -19.70 12.14 -43.10
CA GLY A 228 -20.00 13.11 -42.08
C GLY A 228 -21.49 13.20 -42.10
N ALA A 229 -22.03 14.41 -42.12
CA ALA A 229 -23.46 14.59 -41.98
C ALA A 229 -23.89 16.03 -42.21
N ASP A 230 -25.06 16.18 -42.81
CA ASP A 230 -25.70 17.48 -43.06
C ASP A 230 -27.23 17.47 -42.92
N THR A 231 -27.77 18.60 -42.47
CA THR A 231 -29.22 18.72 -42.21
C THR A 231 -30.05 18.54 -43.48
N GLY A 232 -31.35 18.35 -43.30
CA GLY A 232 -32.26 18.16 -44.41
C GLY A 232 -32.04 16.82 -45.10
N THR A 233 -31.62 16.88 -46.36
CA THR A 233 -31.39 15.67 -47.14
C THR A 233 -29.97 15.63 -47.69
N PRO A 234 -29.21 14.58 -47.34
CA PRO A 234 -27.82 14.40 -47.75
C PRO A 234 -27.68 13.64 -49.06
N HIS A 235 -26.48 13.60 -49.61
CA HIS A 235 -26.24 12.91 -50.88
C HIS A 235 -25.72 11.50 -50.65
N TRP A 236 -26.51 10.51 -51.06
CA TRP A 236 -26.16 9.10 -50.88
C TRP A 236 -25.32 8.55 -52.04
N ASN A 237 -24.21 7.91 -51.70
CA ASN A 237 -23.38 7.23 -52.69
C ASN A 237 -23.75 5.76 -52.80
N ASN A 238 -23.55 5.19 -53.98
CA ASN A 238 -23.83 3.77 -54.23
C ASN A 238 -25.25 3.38 -53.83
N LYS A 239 -26.22 4.01 -54.46
CA LYS A 239 -27.63 3.73 -54.16
C LYS A 239 -28.06 2.37 -54.68
N GLU A 240 -27.24 1.79 -55.56
CA GLU A 240 -27.58 0.53 -56.21
C GLU A 240 -27.48 -0.68 -55.28
N ALA A 241 -27.07 -0.44 -54.04
CA ALA A 241 -26.93 -1.53 -53.08
C ALA A 241 -28.29 -1.93 -52.52
N LEU A 242 -29.26 -1.02 -52.61
CA LEU A 242 -30.60 -1.29 -52.09
C LEU A 242 -31.68 -1.15 -53.16
N VAL A 243 -31.30 -0.67 -54.34
CA VAL A 243 -32.24 -0.47 -55.42
C VAL A 243 -31.85 -1.29 -56.64
N GLU A 244 -32.66 -2.28 -56.99
CA GLU A 244 -32.35 -3.11 -58.16
C GLU A 244 -33.38 -2.83 -59.25
N PHE A 245 -32.98 -3.13 -60.49
CA PHE A 245 -33.85 -2.97 -61.65
C PHE A 245 -34.22 -4.40 -62.02
N LYS A 246 -35.47 -4.60 -62.42
CA LYS A 246 -35.92 -5.91 -62.89
C LYS A 246 -35.85 -5.96 -64.42
N ASP A 247 -36.59 -6.91 -64.99
CA ASP A 247 -36.47 -7.30 -66.39
C ASP A 247 -37.08 -6.23 -67.29
N ALA A 248 -36.24 -5.65 -68.14
CA ALA A 248 -36.64 -4.52 -68.99
C ALA A 248 -37.64 -4.90 -70.09
N HIS A 249 -38.69 -4.10 -70.22
CA HIS A 249 -39.66 -4.25 -71.32
C HIS A 249 -39.35 -3.23 -72.43
N ALA A 250 -40.29 -3.06 -73.35
CA ALA A 250 -40.11 -2.14 -74.46
C ALA A 250 -40.10 -0.68 -74.00
N LYS A 251 -41.09 -0.33 -73.18
CA LYS A 251 -41.25 1.06 -72.75
C LYS A 251 -41.11 1.24 -71.24
N ARG A 252 -40.80 0.17 -70.52
CA ARG A 252 -40.73 0.24 -69.06
C ARG A 252 -39.67 -0.69 -68.44
N GLN A 253 -39.54 -0.60 -67.12
CA GLN A 253 -38.58 -1.38 -66.35
C GLN A 253 -38.87 -1.18 -64.86
N THR A 254 -39.47 -2.18 -64.22
CA THR A 254 -39.85 -2.04 -62.81
C THR A 254 -38.63 -1.91 -61.90
N VAL A 255 -38.74 -1.05 -60.90
CA VAL A 255 -37.66 -0.82 -59.95
C VAL A 255 -38.08 -1.24 -58.56
N VAL A 256 -37.25 -2.01 -57.87
CA VAL A 256 -37.62 -2.49 -56.55
C VAL A 256 -36.52 -2.28 -55.52
N VAL A 257 -36.93 -1.84 -54.34
CA VAL A 257 -36.03 -1.69 -53.20
C VAL A 257 -35.93 -2.98 -52.42
N LEU A 258 -34.71 -3.35 -52.06
CA LEU A 258 -34.49 -4.52 -51.23
C LEU A 258 -35.06 -4.29 -49.84
N GLY A 259 -35.32 -5.38 -49.12
CA GLY A 259 -35.84 -5.27 -47.77
C GLY A 259 -34.83 -4.67 -46.81
N SER A 260 -35.22 -4.57 -45.54
CA SER A 260 -34.34 -4.04 -44.50
C SER A 260 -33.11 -4.93 -44.32
N GLN A 261 -31.96 -4.31 -44.12
CA GLN A 261 -30.72 -5.04 -43.94
C GLN A 261 -30.29 -5.07 -42.48
N GLU A 262 -31.23 -4.80 -41.58
CA GLU A 262 -30.93 -4.76 -40.16
C GLU A 262 -30.37 -6.11 -39.67
N GLY A 263 -31.19 -7.15 -39.73
CA GLY A 263 -30.79 -8.47 -39.28
C GLY A 263 -29.52 -8.97 -39.96
N ALA A 264 -29.34 -8.58 -41.21
CA ALA A 264 -28.13 -8.91 -41.96
C ALA A 264 -26.90 -8.36 -41.24
N VAL A 265 -26.97 -7.08 -40.87
CA VAL A 265 -25.86 -6.44 -40.17
C VAL A 265 -25.71 -7.01 -38.77
N HIS A 266 -26.81 -7.22 -38.06
CA HIS A 266 -26.80 -7.87 -36.74
C HIS A 266 -25.99 -9.15 -36.78
N THR A 267 -26.24 -9.95 -37.82
CA THR A 267 -25.51 -11.20 -38.02
C THR A 267 -24.04 -10.93 -38.36
N ALA A 268 -23.81 -9.90 -39.17
CA ALA A 268 -22.44 -9.52 -39.53
C ALA A 268 -21.64 -9.03 -38.33
N LEU A 269 -22.36 -8.73 -37.24
CA LEU A 269 -21.74 -8.17 -36.04
C LEU A 269 -21.75 -9.17 -34.88
N ALA A 270 -21.84 -10.45 -35.21
CA ALA A 270 -22.04 -11.50 -34.21
C ALA A 270 -20.99 -11.49 -33.09
N GLY A 271 -19.74 -11.24 -33.45
CA GLY A 271 -18.67 -11.31 -32.47
C GLY A 271 -18.14 -9.95 -32.03
N ALA A 272 -18.67 -8.89 -32.60
CA ALA A 272 -18.19 -7.54 -32.33
C ALA A 272 -18.43 -7.12 -30.87
N LEU A 273 -17.58 -6.22 -30.38
CA LEU A 273 -17.71 -5.72 -29.02
C LEU A 273 -19.01 -4.92 -28.87
N GLU A 274 -19.73 -5.13 -27.77
CA GLU A 274 -21.00 -4.46 -27.56
C GLU A 274 -20.86 -3.24 -26.66
N ALA A 275 -21.56 -2.16 -27.02
CA ALA A 275 -21.54 -0.95 -26.22
C ALA A 275 -22.94 -0.62 -25.70
N GLU A 276 -22.99 -0.13 -24.47
CA GLU A 276 -24.25 0.31 -23.87
C GLU A 276 -24.53 1.78 -24.22
N MET A 277 -25.79 2.18 -24.13
CA MET A 277 -26.19 3.51 -24.55
C MET A 277 -26.80 4.32 -23.42
N ASP A 278 -26.24 5.49 -23.16
CA ASP A 278 -26.77 6.38 -22.15
C ASP A 278 -26.88 7.78 -22.71
N GLY A 279 -27.99 8.05 -23.40
CA GLY A 279 -28.18 9.31 -24.09
C GLY A 279 -27.07 9.51 -25.10
N ALA A 280 -26.52 10.72 -25.13
CA ALA A 280 -25.45 11.06 -26.06
C ALA A 280 -24.11 10.44 -25.64
N LYS A 281 -24.13 9.66 -24.56
CA LYS A 281 -22.92 8.98 -24.11
C LYS A 281 -22.95 7.51 -24.48
N GLY A 282 -21.78 6.97 -24.82
CA GLY A 282 -21.61 5.54 -25.03
C GLY A 282 -20.85 4.94 -23.87
N ARG A 283 -21.11 3.68 -23.56
CA ARG A 283 -20.55 3.06 -22.37
C ARG A 283 -20.03 1.64 -22.65
N LEU A 284 -18.72 1.52 -22.78
CA LEU A 284 -18.08 0.25 -23.13
C LEU A 284 -17.99 -0.72 -21.95
N SER A 285 -17.70 -1.98 -22.27
CA SER A 285 -17.46 -3.00 -21.26
C SER A 285 -16.23 -3.84 -21.65
N SER A 286 -15.48 -3.34 -22.62
CA SER A 286 -14.20 -3.93 -22.98
C SER A 286 -13.08 -3.16 -22.29
N GLY A 287 -12.47 -3.79 -21.30
CA GLY A 287 -11.52 -3.08 -20.45
C GLY A 287 -10.11 -3.62 -20.39
N HIS A 288 -9.15 -2.73 -20.56
CA HIS A 288 -7.74 -3.05 -20.38
C HIS A 288 -7.01 -1.75 -20.05
N LEU A 289 -6.33 -1.74 -18.90
CA LEU A 289 -5.58 -0.56 -18.48
C LEU A 289 -4.36 -0.95 -17.66
N LYS A 290 -3.17 -0.79 -18.25
CA LYS A 290 -1.94 -0.96 -17.49
C LYS A 290 -1.71 0.28 -16.65
N CYS A 291 -1.75 0.11 -15.33
CA CYS A 291 -1.63 1.24 -14.42
C CYS A 291 -0.49 1.06 -13.44
N ARG A 292 0.17 2.18 -13.13
CA ARG A 292 1.25 2.18 -12.16
C ARG A 292 0.77 2.82 -10.87
N LEU A 293 0.75 2.04 -9.80
CA LEU A 293 0.23 2.47 -8.51
C LEU A 293 1.35 3.05 -7.65
N LYS A 294 1.22 4.32 -7.33
CA LYS A 294 2.13 5.01 -6.42
C LYS A 294 1.65 4.81 -4.98
N MET A 295 2.52 4.27 -4.14
CA MET A 295 2.07 3.73 -2.86
C MET A 295 2.70 4.32 -1.61
N ASP A 296 3.69 5.18 -1.77
CA ASP A 296 4.43 5.66 -0.60
C ASP A 296 3.62 6.63 0.25
N LYS A 297 2.57 7.22 -0.32
CA LYS A 297 1.72 8.12 0.46
C LYS A 297 0.62 7.36 1.20
N LEU A 298 0.60 6.05 1.04
CA LEU A 298 -0.37 5.20 1.73
C LEU A 298 0.13 4.80 3.12
N ARG A 299 -0.78 4.58 4.06
CA ARG A 299 -0.38 4.25 5.43
C ARG A 299 -1.41 3.40 6.18
N LEU A 300 -0.93 2.58 7.12
CA LEU A 300 -1.81 1.85 8.03
C LEU A 300 -2.46 2.82 9.00
N LYS A 301 -3.66 2.50 9.45
CA LYS A 301 -4.41 3.39 10.32
C LYS A 301 -3.94 3.28 11.76
N GLY A 302 -4.12 2.11 12.36
CA GLY A 302 -3.80 1.90 13.76
C GLY A 302 -2.58 1.02 13.99
N VAL A 303 -1.42 1.50 13.55
CA VAL A 303 -0.16 0.82 13.79
C VAL A 303 0.10 0.67 15.28
N SER A 304 -0.37 1.65 16.05
CA SER A 304 -0.09 1.69 17.48
C SER A 304 -1.34 1.57 18.34
N TYR A 305 -2.39 0.97 17.78
CA TYR A 305 -3.56 0.65 18.59
C TYR A 305 -3.23 -0.48 19.54
N SER A 306 -3.99 -0.58 20.62
CA SER A 306 -3.93 -1.76 21.46
C SER A 306 -4.85 -2.82 20.86
N LEU A 307 -4.69 -4.07 21.26
CA LEU A 307 -5.53 -5.15 20.76
C LEU A 307 -6.95 -5.05 21.30
N CYS A 308 -7.87 -5.77 20.68
CA CYS A 308 -9.25 -5.82 21.13
C CYS A 308 -9.42 -6.92 22.16
N THR A 309 -9.72 -6.53 23.40
CA THR A 309 -9.74 -7.46 24.53
C THR A 309 -11.09 -8.14 24.71
N ALA A 310 -12.15 -7.51 24.20
CA ALA A 310 -13.48 -8.07 24.35
C ALA A 310 -13.69 -9.25 23.41
N ALA A 311 -14.94 -9.72 23.33
CA ALA A 311 -15.26 -10.91 22.57
C ALA A 311 -15.72 -10.60 21.17
N PHE A 312 -15.20 -11.35 20.21
CA PHE A 312 -15.74 -11.37 18.86
C PHE A 312 -16.74 -12.49 18.74
N THR A 313 -17.77 -12.30 17.91
CA THR A 313 -18.69 -13.39 17.60
C THR A 313 -18.94 -13.47 16.11
N PHE A 314 -19.43 -14.61 15.64
CA PHE A 314 -19.75 -14.76 14.22
C PHE A 314 -21.14 -14.22 13.90
N THR A 315 -21.27 -13.62 12.72
CA THR A 315 -22.57 -13.17 12.23
C THR A 315 -22.98 -13.97 10.99
N LYS A 316 -21.99 -14.26 10.15
CA LYS A 316 -22.17 -15.21 9.05
C LYS A 316 -21.25 -16.40 9.27
N ILE A 317 -21.65 -17.56 8.77
CA ILE A 317 -20.82 -18.75 8.85
C ILE A 317 -19.77 -18.69 7.74
N PRO A 318 -18.48 -18.82 8.11
CA PRO A 318 -17.33 -18.64 7.21
C PRO A 318 -17.48 -19.36 5.88
N ALA A 319 -17.32 -18.62 4.78
CA ALA A 319 -17.51 -19.16 3.45
C ALA A 319 -16.21 -19.13 2.66
N GLU A 320 -16.08 -20.06 1.72
CA GLU A 320 -14.90 -20.10 0.87
C GLU A 320 -15.17 -19.41 -0.46
N THR A 321 -14.30 -18.50 -0.83
CA THR A 321 -14.42 -17.78 -2.09
C THR A 321 -14.07 -18.70 -3.26
N LEU A 322 -13.98 -18.12 -4.45
CA LEU A 322 -13.63 -18.89 -5.64
C LEU A 322 -12.13 -19.10 -5.73
N HIS A 323 -11.37 -18.39 -4.89
CA HIS A 323 -9.92 -18.43 -4.97
C HIS A 323 -9.29 -19.14 -3.78
N GLY A 324 -10.12 -19.74 -2.94
CA GLY A 324 -9.63 -20.54 -1.84
C GLY A 324 -9.52 -19.78 -0.53
N THR A 325 -9.67 -18.47 -0.60
CA THR A 325 -9.61 -17.64 0.60
C THR A 325 -10.92 -17.77 1.39
N VAL A 326 -10.91 -17.28 2.62
CA VAL A 326 -12.09 -17.35 3.47
C VAL A 326 -12.55 -15.96 3.89
N THR A 327 -13.84 -15.70 3.74
CA THR A 327 -14.41 -14.48 4.27
C THR A 327 -15.17 -14.79 5.55
N VAL A 328 -14.91 -14.02 6.60
CA VAL A 328 -15.69 -14.11 7.82
C VAL A 328 -16.24 -12.75 8.17
N GLU A 329 -17.38 -12.74 8.86
CA GLU A 329 -17.90 -11.50 9.39
C GLU A 329 -18.06 -11.62 10.90
N VAL A 330 -17.42 -10.69 11.61
CA VAL A 330 -17.41 -10.74 13.05
C VAL A 330 -18.07 -9.51 13.65
N GLN A 331 -18.66 -9.71 14.82
CA GLN A 331 -19.26 -8.64 15.59
C GLN A 331 -18.46 -8.44 16.87
N TYR A 332 -18.04 -7.21 17.09
CA TYR A 332 -17.22 -6.89 18.26
C TYR A 332 -18.03 -6.12 19.30
N ALA A 333 -18.16 -6.72 20.49
CA ALA A 333 -19.02 -6.18 21.52
C ALA A 333 -18.33 -5.09 22.36
N GLY A 334 -17.01 -5.05 22.31
CA GLY A 334 -16.26 -4.12 23.12
C GLY A 334 -16.44 -2.66 22.73
N THR A 335 -16.09 -1.77 23.64
CA THR A 335 -16.20 -0.33 23.39
C THR A 335 -14.85 0.35 23.44
N ASP A 336 -13.79 -0.45 23.57
CA ASP A 336 -12.43 0.08 23.64
C ASP A 336 -11.86 0.42 22.27
N GLY A 337 -12.75 0.69 21.31
CA GLY A 337 -12.34 1.07 19.98
C GLY A 337 -11.94 2.53 19.91
N PRO A 338 -11.18 2.91 18.87
CA PRO A 338 -10.64 2.00 17.85
C PRO A 338 -9.48 1.15 18.38
N CYS A 339 -9.48 -0.14 18.06
CA CYS A 339 -8.42 -1.05 18.48
C CYS A 339 -8.05 -2.02 17.35
N LYS A 340 -7.07 -2.88 17.61
CA LYS A 340 -6.57 -3.81 16.58
C LYS A 340 -7.21 -5.20 16.71
N VAL A 341 -7.65 -5.74 15.58
CA VAL A 341 -8.32 -7.03 15.56
C VAL A 341 -7.34 -8.19 15.60
N PRO A 342 -7.46 -9.05 16.62
CA PRO A 342 -6.64 -10.26 16.72
C PRO A 342 -7.15 -11.30 15.73
N ALA A 343 -6.40 -11.55 14.66
CA ALA A 343 -6.86 -12.46 13.63
C ALA A 343 -5.71 -13.17 12.91
N GLN A 344 -5.58 -14.46 13.17
CA GLN A 344 -4.56 -15.25 12.50
C GLN A 344 -5.10 -16.64 12.24
N MET A 345 -4.27 -17.49 11.68
CA MET A 345 -4.66 -18.88 11.50
C MET A 345 -3.59 -19.82 12.03
N ALA A 346 -3.96 -20.62 13.01
CA ALA A 346 -3.03 -21.53 13.65
C ALA A 346 -3.33 -22.97 13.23
N VAL A 347 -2.30 -23.70 12.85
CA VAL A 347 -2.44 -25.12 12.57
C VAL A 347 -2.26 -25.90 13.86
N ASP A 348 -1.70 -25.23 14.87
CA ASP A 348 -1.46 -25.82 16.18
C ASP A 348 -1.91 -24.85 17.27
N MET A 349 -2.99 -25.20 17.95
CA MET A 349 -3.63 -24.30 18.91
C MET A 349 -2.85 -24.10 20.20
N GLN A 350 -1.84 -24.93 20.43
CA GLN A 350 -1.04 -24.83 21.64
C GLN A 350 -0.03 -23.69 21.55
N THR A 351 0.58 -23.56 20.38
CA THR A 351 1.63 -22.59 20.15
C THR A 351 1.12 -21.31 19.46
N LEU A 352 -0.02 -21.42 18.79
CA LEU A 352 -0.61 -20.31 18.03
C LEU A 352 0.33 -19.78 16.96
N THR A 353 1.26 -20.61 16.51
CA THR A 353 2.22 -20.20 15.49
C THR A 353 1.49 -19.88 14.19
N PRO A 354 1.53 -18.61 13.77
CA PRO A 354 0.79 -18.14 12.60
C PRO A 354 1.17 -18.88 11.33
N VAL A 355 0.17 -19.45 10.65
CA VAL A 355 0.37 -20.06 9.35
C VAL A 355 -0.52 -19.34 8.34
N GLY A 356 -0.22 -19.50 7.06
CA GLY A 356 -0.94 -18.80 6.01
C GLY A 356 -0.74 -17.30 6.14
N ARG A 357 -1.73 -16.54 5.69
CA ARG A 357 -1.66 -15.08 5.80
C ARG A 357 -3.05 -14.47 5.76
N LEU A 358 -3.15 -13.21 6.22
CA LEU A 358 -4.37 -12.44 6.05
C LEU A 358 -4.37 -11.78 4.68
N ILE A 359 -5.56 -11.58 4.11
CA ILE A 359 -5.69 -10.77 2.91
C ILE A 359 -5.99 -9.34 3.37
N THR A 360 -6.99 -9.20 4.23
CA THR A 360 -7.24 -7.92 4.90
C THR A 360 -6.11 -7.67 5.89
N ALA A 361 -5.05 -7.02 5.42
CA ALA A 361 -3.87 -6.77 6.23
C ALA A 361 -4.18 -5.86 7.41
N ASN A 362 -3.68 -6.25 8.59
CA ASN A 362 -3.83 -5.49 9.84
C ASN A 362 -5.24 -4.98 10.09
N PRO A 363 -6.19 -5.90 10.33
CA PRO A 363 -7.59 -5.52 10.57
C PRO A 363 -7.75 -4.64 11.80
N VAL A 364 -8.65 -3.67 11.72
CA VAL A 364 -8.85 -2.68 12.77
C VAL A 364 -10.31 -2.31 12.95
N ILE A 365 -10.79 -2.37 14.20
CA ILE A 365 -12.10 -1.81 14.54
C ILE A 365 -11.97 -0.29 14.61
N THR A 366 -12.86 0.43 13.94
CA THR A 366 -12.77 1.88 13.91
C THR A 366 -13.75 2.55 14.88
N GLU A 367 -14.89 1.90 15.12
CA GLU A 367 -15.92 2.48 15.97
C GLU A 367 -15.81 2.00 17.41
N SER A 368 -16.10 2.91 18.34
CA SER A 368 -16.03 2.59 19.76
C SER A 368 -17.40 2.23 20.31
N THR A 369 -18.41 2.26 19.45
CA THR A 369 -19.75 1.83 19.80
C THR A 369 -19.80 0.31 19.84
N GLU A 370 -20.58 -0.25 20.76
CA GLU A 370 -20.61 -1.70 20.95
C GLU A 370 -21.28 -2.41 19.78
N ASN A 371 -20.96 -3.69 19.61
CA ASN A 371 -21.50 -4.53 18.54
C ASN A 371 -21.24 -3.99 17.14
N SER A 372 -19.97 -3.75 16.83
CA SER A 372 -19.59 -3.31 15.48
C SER A 372 -19.46 -4.53 14.57
N LYS A 373 -19.38 -4.32 13.27
CA LYS A 373 -19.22 -5.44 12.34
C LYS A 373 -17.99 -5.27 11.45
N MET A 374 -17.39 -6.38 11.04
CA MET A 374 -16.22 -6.34 10.17
C MET A 374 -16.03 -7.61 9.35
N MET A 375 -15.64 -7.46 8.10
CA MET A 375 -15.34 -8.60 7.23
C MET A 375 -13.83 -8.82 7.09
N LEU A 376 -13.37 -10.01 7.47
CA LEU A 376 -11.97 -10.38 7.31
C LEU A 376 -11.81 -11.37 6.17
N GLU A 377 -10.78 -11.20 5.36
CA GLU A 377 -10.45 -12.20 4.36
C GLU A 377 -9.09 -12.81 4.68
N LEU A 378 -9.06 -14.14 4.71
CA LEU A 378 -7.87 -14.87 5.10
C LEU A 378 -7.41 -15.79 3.97
N ASP A 379 -6.11 -16.00 3.87
CA ASP A 379 -5.54 -16.90 2.86
C ASP A 379 -4.93 -18.12 3.57
N PRO A 380 -5.77 -19.14 3.82
CA PRO A 380 -5.37 -20.31 4.62
C PRO A 380 -4.35 -21.19 3.91
N PRO A 381 -3.64 -22.01 4.68
CA PRO A 381 -2.81 -23.05 4.08
C PRO A 381 -3.71 -24.16 3.56
N PHE A 382 -3.15 -25.05 2.76
CA PHE A 382 -3.90 -26.20 2.27
C PHE A 382 -4.13 -27.18 3.41
N GLY A 383 -5.22 -27.94 3.33
CA GLY A 383 -5.55 -28.91 4.36
C GLY A 383 -6.24 -28.30 5.57
N ASP A 384 -6.10 -28.95 6.71
CA ASP A 384 -6.77 -28.51 7.93
C ASP A 384 -5.99 -27.43 8.65
N SER A 385 -6.72 -26.47 9.22
CA SER A 385 -6.13 -25.43 10.05
C SER A 385 -7.22 -24.84 10.94
N TYR A 386 -6.89 -23.79 11.68
CA TYR A 386 -7.84 -23.13 12.55
C TYR A 386 -7.84 -21.63 12.33
N ILE A 387 -9.01 -21.08 12.02
CA ILE A 387 -9.18 -19.63 12.00
C ILE A 387 -9.35 -19.14 13.44
N VAL A 388 -8.42 -18.30 13.88
CA VAL A 388 -8.40 -17.82 15.26
C VAL A 388 -8.58 -16.31 15.34
N ILE A 389 -9.65 -15.88 16.02
CA ILE A 389 -9.97 -14.46 16.14
C ILE A 389 -10.22 -14.06 17.59
N GLY A 390 -9.59 -12.98 18.04
CA GLY A 390 -9.73 -12.54 19.41
C GLY A 390 -8.63 -13.10 20.27
N VAL A 391 -8.76 -12.94 21.59
CA VAL A 391 -7.73 -13.38 22.52
C VAL A 391 -8.29 -14.00 23.79
N GLY A 392 -7.53 -14.91 24.37
CA GLY A 392 -7.87 -15.50 25.67
C GLY A 392 -9.00 -16.52 25.63
N GLU A 393 -9.89 -16.43 26.61
CA GLU A 393 -10.97 -17.38 26.75
C GLU A 393 -12.03 -17.22 25.66
N LYS A 394 -12.53 -15.99 25.52
CA LYS A 394 -13.63 -15.74 24.59
C LYS A 394 -13.17 -15.58 23.15
N LYS A 395 -12.08 -16.25 22.80
CA LYS A 395 -11.58 -16.21 21.43
C LYS A 395 -12.32 -17.26 20.59
N ILE A 396 -12.44 -16.96 19.30
CA ILE A 396 -13.06 -17.89 18.36
C ILE A 396 -12.01 -18.73 17.67
N THR A 397 -12.07 -20.03 17.89
CA THR A 397 -11.26 -20.98 17.15
C THR A 397 -12.20 -21.80 16.29
N HIS A 398 -12.02 -21.73 14.98
CA HIS A 398 -12.93 -22.39 14.05
C HIS A 398 -12.17 -23.24 13.03
N HIS A 399 -12.41 -24.54 13.05
CA HIS A 399 -11.71 -25.46 12.16
C HIS A 399 -12.04 -25.19 10.70
N TRP A 400 -11.01 -25.13 9.86
CA TRP A 400 -11.17 -24.90 8.44
C TRP A 400 -10.37 -25.91 7.62
N HIS A 401 -10.79 -26.11 6.37
CA HIS A 401 -10.06 -26.99 5.46
C HIS A 401 -10.01 -26.41 4.05
N ARG A 402 -8.84 -26.49 3.43
CA ARG A 402 -8.66 -25.97 2.07
C ARG A 402 -8.25 -27.10 1.11
N SER A 403 -8.86 -27.10 -0.08
CA SER A 403 -8.62 -28.16 -1.05
C SER A 403 -7.35 -27.92 -1.89
N GLY A 404 -7.34 -28.41 -3.12
CA GLY A 404 -6.10 -28.54 -3.87
C GLY A 404 -5.88 -27.71 -5.12
N SER A 405 -5.03 -28.23 -6.01
CA SER A 405 -4.51 -27.48 -7.16
C SER A 405 -5.08 -27.94 -8.50
N THR A 406 -4.36 -27.57 -9.57
CA THR A 406 -4.72 -27.83 -10.97
C THR A 406 -6.21 -27.65 -11.27
N ILE A 407 -6.75 -26.50 -10.82
CA ILE A 407 -8.13 -26.04 -11.08
C ILE A 407 -9.11 -27.09 -11.62
N GLU B 1 -31.76 20.00 -34.70
CA GLU B 1 -32.96 20.82 -34.76
C GLU B 1 -33.79 20.65 -33.49
N VAL B 2 -33.12 20.34 -32.39
CA VAL B 2 -33.77 20.00 -31.13
C VAL B 2 -34.69 21.10 -30.64
N GLN B 3 -35.91 20.71 -30.25
CA GLN B 3 -36.88 21.64 -29.71
C GLN B 3 -37.83 20.94 -28.74
N LEU B 4 -38.07 21.59 -27.60
CA LEU B 4 -39.02 21.11 -26.61
C LEU B 4 -40.09 22.16 -26.40
N VAL B 5 -41.36 21.75 -26.39
CA VAL B 5 -42.44 22.70 -26.21
C VAL B 5 -43.38 22.31 -25.08
N GLU B 6 -43.35 23.09 -24.01
CA GLU B 6 -44.25 22.86 -22.89
C GLU B 6 -45.65 23.36 -23.22
N SER B 7 -46.64 22.78 -22.57
CA SER B 7 -48.03 23.22 -22.69
C SER B 7 -48.88 22.55 -21.61
N GLY B 8 -50.09 23.07 -21.43
CA GLY B 8 -51.04 22.48 -20.49
C GLY B 8 -51.10 23.20 -19.15
N GLY B 9 -50.64 24.44 -19.13
CA GLY B 9 -50.65 25.21 -17.90
C GLY B 9 -51.59 26.40 -17.97
N GLY B 10 -52.17 26.75 -16.83
CA GLY B 10 -53.09 27.88 -16.78
C GLY B 10 -53.36 28.35 -15.37
N VAL B 11 -54.46 29.08 -15.20
CA VAL B 11 -54.84 29.62 -13.89
C VAL B 11 -55.68 28.60 -13.12
N VAL B 12 -55.01 27.69 -12.44
CA VAL B 12 -55.69 26.61 -11.72
C VAL B 12 -55.90 26.98 -10.25
N GLN B 13 -56.80 26.25 -9.59
CA GLN B 13 -57.10 26.45 -8.17
C GLN B 13 -56.45 25.35 -7.33
N PRO B 14 -56.18 25.63 -6.04
CA PRO B 14 -55.51 24.68 -5.13
C PRO B 14 -56.41 23.52 -4.74
N GLY B 15 -55.81 22.40 -4.33
CA GLY B 15 -56.56 21.20 -4.03
C GLY B 15 -56.75 20.38 -5.29
N ARG B 16 -56.92 21.06 -6.42
CA ARG B 16 -57.21 20.38 -7.68
C ARG B 16 -55.95 19.79 -8.30
N SER B 17 -55.94 19.66 -9.62
CA SER B 17 -54.83 19.03 -10.33
C SER B 17 -54.58 19.65 -11.70
N LEU B 18 -53.55 19.16 -12.36
CA LEU B 18 -53.20 19.58 -13.71
C LEU B 18 -52.21 18.59 -14.32
N ARG B 19 -52.13 18.57 -15.64
CA ARG B 19 -51.22 17.66 -16.33
C ARG B 19 -50.45 18.39 -17.41
N LEU B 20 -49.18 18.68 -17.13
CA LEU B 20 -48.31 19.35 -18.11
C LEU B 20 -47.81 18.37 -19.16
N SER B 21 -47.59 18.88 -20.36
CA SER B 21 -47.05 18.06 -21.44
C SER B 21 -45.92 18.80 -22.17
N CYS B 22 -45.00 18.03 -22.73
CA CYS B 22 -43.86 18.58 -23.44
C CYS B 22 -43.66 17.82 -24.74
N ALA B 23 -43.58 18.56 -25.84
CA ALA B 23 -43.40 17.98 -27.17
C ALA B 23 -41.95 18.07 -27.61
N ALA B 24 -41.33 16.94 -27.90
CA ALA B 24 -39.94 16.95 -28.32
C ALA B 24 -39.81 16.65 -29.81
N SER B 25 -38.87 17.32 -30.47
CA SER B 25 -38.69 17.16 -31.91
C SER B 25 -37.28 17.54 -32.35
N GLY B 26 -36.42 16.54 -32.49
CA GLY B 26 -35.06 16.76 -32.94
C GLY B 26 -34.10 15.68 -32.48
N PHE B 27 -34.64 14.71 -31.76
CA PHE B 27 -33.85 13.64 -31.16
C PHE B 27 -34.66 12.37 -31.03
N THR B 28 -34.01 11.30 -30.60
CA THR B 28 -34.70 10.06 -30.30
C THR B 28 -35.24 10.10 -28.88
N PHE B 29 -36.37 10.75 -28.75
CA PHE B 29 -36.93 11.06 -27.42
C PHE B 29 -36.86 9.86 -26.49
N SER B 30 -37.05 8.66 -27.03
CA SER B 30 -37.06 7.44 -26.23
C SER B 30 -35.65 6.93 -25.91
N SER B 31 -34.68 7.83 -25.96
CA SER B 31 -33.29 7.45 -25.76
C SER B 31 -32.64 8.33 -24.68
N TYR B 32 -33.27 9.47 -24.41
CA TYR B 32 -32.78 10.40 -23.40
C TYR B 32 -33.72 10.48 -22.20
N ALA B 33 -33.17 10.86 -21.05
CA ALA B 33 -33.97 11.06 -19.86
C ALA B 33 -34.56 12.47 -19.88
N MET B 34 -35.63 12.70 -19.12
CA MET B 34 -36.31 13.99 -19.15
C MET B 34 -36.51 14.59 -17.77
N HIS B 35 -36.38 15.90 -17.70
CA HIS B 35 -36.47 16.65 -16.44
C HIS B 35 -37.62 17.64 -16.40
N TRP B 36 -38.22 17.79 -15.23
CA TRP B 36 -39.13 18.89 -14.96
C TRP B 36 -38.50 19.80 -13.91
N VAL B 37 -38.38 21.07 -14.27
CA VAL B 37 -37.74 22.08 -13.44
C VAL B 37 -38.60 23.35 -13.41
N ARG B 38 -39.03 23.76 -12.22
CA ARG B 38 -39.92 24.91 -12.10
C ARG B 38 -39.22 26.12 -11.50
N GLN B 39 -39.76 27.30 -11.78
CA GLN B 39 -39.19 28.55 -11.29
C GLN B 39 -40.28 29.52 -10.85
N ALA B 40 -40.35 29.79 -9.55
CA ALA B 40 -41.29 30.76 -9.00
C ALA B 40 -40.99 32.14 -9.56
N PRO B 41 -41.99 33.04 -9.58
CA PRO B 41 -41.74 34.37 -10.15
C PRO B 41 -40.66 35.12 -9.39
N GLY B 42 -39.58 35.46 -10.08
CA GLY B 42 -38.47 36.17 -9.47
C GLY B 42 -37.76 35.37 -8.39
N LYS B 43 -37.73 34.06 -8.56
CA LYS B 43 -37.02 33.20 -7.62
C LYS B 43 -36.00 32.33 -8.37
N GLY B 44 -35.40 31.39 -7.65
CA GLY B 44 -34.40 30.52 -8.22
C GLY B 44 -34.99 29.27 -8.87
N LEU B 45 -34.17 28.54 -9.61
CA LEU B 45 -34.61 27.31 -10.24
C LEU B 45 -34.77 26.20 -9.20
N GLU B 46 -35.88 25.48 -9.29
CA GLU B 46 -36.12 24.34 -8.40
C GLU B 46 -36.39 23.09 -9.22
N TRP B 47 -35.44 22.16 -9.19
CA TRP B 47 -35.58 20.89 -9.89
C TRP B 47 -36.74 20.08 -9.32
N VAL B 48 -37.69 19.71 -10.18
CA VAL B 48 -38.90 19.01 -9.72
C VAL B 48 -38.77 17.50 -9.81
N ALA B 49 -38.52 16.99 -11.02
CA ALA B 49 -38.47 15.54 -11.18
C ALA B 49 -37.66 15.07 -12.40
N VAL B 50 -37.32 13.79 -12.42
CA VAL B 50 -36.63 13.20 -13.57
C VAL B 50 -37.12 11.79 -13.87
N ILE B 51 -37.23 11.46 -15.15
CA ILE B 51 -37.60 10.11 -15.57
C ILE B 51 -36.61 9.59 -16.62
N SER B 52 -36.32 8.29 -16.58
CA SER B 52 -35.25 7.70 -17.39
C SER B 52 -35.66 7.40 -18.83
N TYR B 53 -34.78 6.70 -19.55
CA TYR B 53 -34.94 6.47 -20.99
C TYR B 53 -36.11 5.56 -21.33
N ASP B 54 -36.44 4.63 -20.44
CA ASP B 54 -37.53 3.70 -20.70
C ASP B 54 -38.74 3.98 -19.78
N GLY B 55 -38.48 4.60 -18.63
CA GLY B 55 -39.54 4.94 -17.70
C GLY B 55 -39.56 4.06 -16.47
N SER B 56 -38.46 3.35 -16.24
CA SER B 56 -38.35 2.45 -15.11
C SER B 56 -37.80 3.17 -13.87
N ASN B 57 -37.27 4.37 -14.07
CA ASN B 57 -36.70 5.15 -12.98
C ASN B 57 -37.27 6.56 -12.89
N LYS B 58 -37.75 6.91 -11.70
CA LYS B 58 -38.31 8.24 -11.47
C LYS B 58 -37.77 8.81 -10.16
N TYR B 59 -37.41 10.09 -10.17
CA TYR B 59 -36.98 10.75 -8.95
C TYR B 59 -37.68 12.09 -8.76
N TYR B 60 -38.00 12.41 -7.51
CA TYR B 60 -38.78 13.60 -7.20
C TYR B 60 -38.12 14.45 -6.11
N ALA B 61 -38.38 15.75 -6.16
CA ALA B 61 -37.99 16.65 -5.09
C ALA B 61 -38.85 16.37 -3.86
N ASP B 62 -38.27 16.50 -2.68
CA ASP B 62 -38.97 16.18 -1.44
C ASP B 62 -40.21 17.05 -1.22
N SER B 63 -40.31 18.15 -1.96
CA SER B 63 -41.46 19.04 -1.87
C SER B 63 -42.65 18.50 -2.66
N VAL B 64 -42.37 17.77 -3.74
CA VAL B 64 -43.43 17.28 -4.63
C VAL B 64 -43.64 15.77 -4.54
N LYS B 65 -43.25 15.18 -3.41
CA LYS B 65 -43.41 13.74 -3.22
C LYS B 65 -44.81 13.38 -2.73
N GLY B 66 -45.39 12.35 -3.35
CA GLY B 66 -46.72 11.90 -3.00
C GLY B 66 -47.79 12.85 -3.47
N ARG B 67 -47.44 13.71 -4.42
CA ARG B 67 -48.38 14.70 -4.95
C ARG B 67 -48.21 14.84 -6.46
N PHE B 68 -46.97 14.65 -6.91
CA PHE B 68 -46.65 14.77 -8.33
C PHE B 68 -46.26 13.40 -8.87
N THR B 69 -46.46 13.19 -10.17
CA THR B 69 -46.17 11.91 -10.81
C THR B 69 -45.69 12.12 -12.24
N ILE B 70 -44.41 11.87 -12.47
CA ILE B 70 -43.83 12.08 -13.79
C ILE B 70 -43.97 10.82 -14.65
N SER B 71 -44.29 11.00 -15.92
CA SER B 71 -44.46 9.89 -16.86
C SER B 71 -44.14 10.35 -18.27
N ARG B 72 -44.17 9.43 -19.22
CA ARG B 72 -43.82 9.76 -20.59
C ARG B 72 -44.36 8.78 -21.62
N ASP B 73 -44.60 9.27 -22.82
CA ASP B 73 -45.05 8.43 -23.93
C ASP B 73 -43.99 8.46 -25.02
N ASN B 74 -43.23 7.37 -25.11
CA ASN B 74 -42.16 7.24 -26.10
C ASN B 74 -42.72 7.08 -27.50
N SER B 75 -43.95 6.56 -27.57
CA SER B 75 -44.58 6.24 -28.85
C SER B 75 -44.86 7.49 -29.68
N LYS B 76 -45.11 8.62 -29.01
CA LYS B 76 -45.38 9.87 -29.71
C LYS B 76 -44.45 10.99 -29.29
N SER B 77 -43.39 10.64 -28.57
CA SER B 77 -42.38 11.60 -28.12
C SER B 77 -42.96 12.73 -27.26
N THR B 78 -43.58 12.38 -26.13
CA THR B 78 -44.14 13.38 -25.24
C THR B 78 -43.79 13.14 -23.78
N LEU B 79 -43.67 14.23 -23.01
CA LEU B 79 -43.32 14.16 -21.60
C LEU B 79 -44.50 14.66 -20.76
N TYR B 80 -44.98 13.85 -19.82
CA TYR B 80 -46.11 14.26 -19.00
C TYR B 80 -45.72 14.44 -17.53
N LEU B 81 -46.25 15.49 -16.93
CA LEU B 81 -46.14 15.69 -15.48
C LEU B 81 -47.53 15.79 -14.89
N GLN B 82 -47.82 14.94 -13.92
CA GLN B 82 -49.16 14.86 -13.34
C GLN B 82 -49.17 15.40 -11.92
N MET B 83 -49.66 16.62 -11.74
CA MET B 83 -49.65 17.26 -10.43
C MET B 83 -51.05 17.29 -9.81
N ASN B 84 -51.24 16.53 -8.74
CA ASN B 84 -52.50 16.57 -8.00
C ASN B 84 -52.30 17.04 -6.58
N ASN B 85 -53.35 17.59 -5.98
CA ASN B 85 -53.28 18.26 -4.68
C ASN B 85 -52.25 19.39 -4.69
N LEU B 86 -52.53 20.41 -5.49
CA LEU B 86 -51.62 21.54 -5.67
C LEU B 86 -51.62 22.49 -4.47
N ARG B 87 -50.62 23.37 -4.42
CA ARG B 87 -50.52 24.38 -3.37
C ARG B 87 -50.14 25.74 -3.95
N ALA B 88 -50.13 26.76 -3.11
CA ALA B 88 -49.71 28.10 -3.52
C ALA B 88 -48.26 28.08 -3.99
N GLU B 89 -47.40 27.43 -3.21
CA GLU B 89 -45.97 27.40 -3.49
C GLU B 89 -45.60 26.45 -4.63
N ASP B 90 -46.61 25.99 -5.37
CA ASP B 90 -46.37 25.23 -6.58
C ASP B 90 -46.52 26.14 -7.78
N THR B 91 -46.90 27.39 -7.51
CA THR B 91 -47.03 28.41 -8.54
C THR B 91 -45.68 28.74 -9.14
N ALA B 92 -45.50 28.43 -10.43
CA ALA B 92 -44.21 28.64 -11.07
C ALA B 92 -44.27 28.50 -12.58
N VAL B 93 -43.24 28.99 -13.27
CA VAL B 93 -43.06 28.68 -14.66
C VAL B 93 -42.41 27.30 -14.74
N TYR B 94 -43.09 26.35 -15.38
CA TYR B 94 -42.59 24.99 -15.44
C TYR B 94 -41.89 24.72 -16.77
N TYR B 95 -40.61 24.35 -16.67
CA TYR B 95 -39.81 23.98 -17.82
C TYR B 95 -39.63 22.47 -17.89
N CYS B 96 -39.72 21.92 -19.08
CA CYS B 96 -39.24 20.56 -19.31
C CYS B 96 -37.86 20.70 -19.92
N ALA B 97 -37.01 19.70 -19.73
CA ALA B 97 -35.62 19.82 -20.16
C ALA B 97 -34.99 18.48 -20.52
N ARG B 98 -34.30 18.46 -21.64
CA ARG B 98 -33.60 17.27 -22.11
C ARG B 98 -32.34 17.04 -21.28
N ASP B 99 -32.13 15.81 -20.83
CA ASP B 99 -30.88 15.45 -20.19
C ASP B 99 -29.82 15.29 -21.27
N HIS B 100 -28.64 14.81 -20.90
CA HIS B 100 -27.63 14.47 -21.88
C HIS B 100 -27.56 12.97 -21.91
N LEU B 101 -27.93 12.36 -20.79
CA LEU B 101 -27.93 10.91 -20.66
C LEU B 101 -29.36 10.40 -20.68
N GLY B 102 -29.53 9.09 -20.83
CA GLY B 102 -30.84 8.48 -20.77
C GLY B 102 -31.09 7.89 -19.39
N TRP B 103 -30.04 7.87 -18.59
CA TRP B 103 -30.01 7.25 -17.27
C TRP B 103 -30.21 5.74 -17.39
N SER B 104 -29.30 5.13 -18.14
CA SER B 104 -29.31 3.69 -18.36
C SER B 104 -28.31 2.97 -17.47
N SER B 105 -27.88 3.63 -16.40
CA SER B 105 -26.78 3.12 -15.62
C SER B 105 -26.78 3.55 -14.15
N ILE B 106 -25.80 3.04 -13.42
CA ILE B 106 -25.52 3.47 -12.06
C ILE B 106 -24.76 4.80 -12.11
N TRP B 107 -23.91 4.94 -13.13
CA TRP B 107 -23.05 6.10 -13.27
C TRP B 107 -23.73 7.25 -14.00
N SER B 108 -24.97 7.03 -14.39
CA SER B 108 -25.74 8.01 -15.14
C SER B 108 -25.98 9.28 -14.34
N ALA B 109 -26.64 9.13 -13.20
CA ALA B 109 -27.01 10.28 -12.36
C ALA B 109 -25.83 11.20 -12.02
N PRO B 110 -24.68 10.65 -11.57
CA PRO B 110 -23.59 11.57 -11.22
C PRO B 110 -23.04 12.36 -12.40
N GLU B 111 -23.32 11.92 -13.63
CA GLU B 111 -22.80 12.61 -14.81
C GLU B 111 -23.86 13.48 -15.48
N SER B 112 -25.08 13.45 -14.94
CA SER B 112 -26.22 14.05 -15.62
C SER B 112 -26.20 15.58 -15.59
N PHE B 113 -26.54 16.18 -16.73
CA PHE B 113 -26.77 17.62 -16.80
C PHE B 113 -27.84 17.92 -17.83
N LEU B 114 -28.61 18.98 -17.57
CA LEU B 114 -29.74 19.32 -18.42
C LEU B 114 -29.27 19.98 -19.71
N ASP B 115 -29.34 19.22 -20.80
CA ASP B 115 -28.77 19.58 -22.11
C ASP B 115 -29.55 20.69 -22.80
N TYR B 116 -30.76 20.38 -23.23
CA TYR B 116 -31.62 21.36 -23.90
C TYR B 116 -32.83 21.69 -23.03
N TRP B 117 -33.25 22.96 -23.08
CA TRP B 117 -34.38 23.43 -22.28
C TRP B 117 -35.53 23.86 -23.18
N GLY B 118 -36.75 23.74 -22.66
CA GLY B 118 -37.92 24.18 -23.39
C GLY B 118 -38.04 25.69 -23.37
N GLN B 119 -39.26 26.19 -23.11
CA GLN B 119 -39.50 27.62 -23.01
C GLN B 119 -40.43 27.94 -21.86
N GLY B 120 -41.03 26.90 -21.27
CA GLY B 120 -41.77 27.04 -20.05
C GLY B 120 -43.27 27.16 -20.19
N THR B 121 -43.98 27.00 -19.08
CA THR B 121 -45.43 27.20 -19.05
C THR B 121 -45.86 27.68 -17.66
N LEU B 122 -46.51 28.84 -17.63
CA LEU B 122 -46.95 29.44 -16.38
C LEU B 122 -48.05 28.62 -15.71
N VAL B 123 -47.78 28.19 -14.49
CA VAL B 123 -48.77 27.48 -13.68
C VAL B 123 -49.05 28.29 -12.42
N THR B 124 -50.21 28.93 -12.40
CA THR B 124 -50.61 29.76 -11.27
C THR B 124 -51.65 29.05 -10.43
N VAL B 125 -51.37 28.92 -9.14
CA VAL B 125 -52.35 28.38 -8.20
C VAL B 125 -52.98 29.53 -7.41
N SER B 126 -54.04 30.10 -7.98
CA SER B 126 -54.72 31.26 -7.39
C SER B 126 -55.95 30.84 -6.61
N SER B 127 -56.11 31.39 -5.41
CA SER B 127 -57.19 30.96 -4.52
C SER B 127 -57.84 32.11 -3.74
N ALA B 128 -58.38 33.08 -4.46
CA ALA B 128 -59.04 34.20 -3.81
C ALA B 128 -59.96 34.94 -4.77
N SER B 129 -61.21 35.12 -4.34
CA SER B 129 -62.14 35.96 -5.08
C SER B 129 -61.63 37.39 -5.00
N THR B 130 -62.09 38.23 -5.93
CA THR B 130 -61.67 39.62 -5.99
C THR B 130 -61.90 40.31 -4.64
N LYS B 131 -61.01 41.23 -4.28
CA LYS B 131 -61.06 41.86 -2.97
C LYS B 131 -60.45 43.25 -2.98
N GLY B 132 -61.21 44.23 -2.48
CA GLY B 132 -60.72 45.57 -2.32
C GLY B 132 -59.68 45.61 -1.21
N PRO B 133 -58.82 46.63 -1.23
CA PRO B 133 -57.74 46.75 -0.24
C PRO B 133 -58.15 47.46 1.04
N SER B 134 -57.36 47.27 2.08
CA SER B 134 -57.49 48.02 3.32
C SER B 134 -56.34 49.02 3.40
N VAL B 135 -56.67 50.31 3.44
CA VAL B 135 -55.64 51.35 3.39
C VAL B 135 -55.31 51.91 4.78
N PHE B 136 -54.01 52.01 5.06
CA PHE B 136 -53.55 52.54 6.35
C PHE B 136 -52.55 53.68 6.14
N PRO B 137 -52.39 54.56 7.14
CA PRO B 137 -51.47 55.69 6.98
C PRO B 137 -50.10 55.48 7.60
N LEU B 138 -49.05 55.58 6.78
CA LEU B 138 -47.68 55.50 7.24
C LEU B 138 -47.17 56.90 7.55
N ALA B 139 -47.01 57.20 8.83
CA ALA B 139 -46.75 58.58 9.29
C ALA B 139 -45.31 58.83 9.72
N PRO B 140 -44.83 60.05 9.49
CA PRO B 140 -43.49 60.50 9.90
C PRO B 140 -43.52 61.28 11.22
N SER B 141 -42.38 61.38 11.90
CA SER B 141 -42.27 62.18 13.12
C SER B 141 -40.95 62.95 13.14
N SER B 142 -39.89 62.26 13.56
CA SER B 142 -38.55 62.86 13.56
C SER B 142 -37.49 61.77 13.60
N SER B 146 -34.72 63.01 7.37
CA SER B 146 -33.49 63.19 6.58
C SER B 146 -33.08 64.66 6.55
N GLY B 147 -32.95 65.26 7.73
CA GLY B 147 -32.54 66.65 7.85
C GLY B 147 -33.65 67.65 7.57
N GLY B 148 -33.97 67.82 6.28
CA GLY B 148 -35.00 68.75 5.86
C GLY B 148 -36.14 68.06 5.14
N THR B 149 -35.90 66.83 4.71
CA THR B 149 -36.94 66.05 4.05
C THR B 149 -37.52 64.98 4.98
N ALA B 150 -38.76 64.60 4.72
CA ALA B 150 -39.43 63.54 5.46
C ALA B 150 -40.36 62.78 4.52
N ALA B 151 -40.50 61.48 4.73
CA ALA B 151 -41.32 60.64 3.86
C ALA B 151 -42.56 60.14 4.57
N LEU B 152 -43.72 60.31 3.94
CA LEU B 152 -44.97 59.80 4.49
C LEU B 152 -45.72 59.05 3.41
N GLY B 153 -46.46 58.01 3.78
CA GLY B 153 -47.09 57.19 2.76
C GLY B 153 -48.40 56.50 3.12
N CYS B 154 -48.81 55.59 2.23
CA CYS B 154 -50.02 54.81 2.41
C CYS B 154 -49.76 53.32 2.20
N LEU B 155 -50.22 52.51 3.14
CA LEU B 155 -50.12 51.07 3.07
C LEU B 155 -51.39 50.45 2.50
N VAL B 156 -51.29 49.95 1.28
CA VAL B 156 -52.40 49.31 0.60
C VAL B 156 -52.38 47.80 0.85
N LYS B 157 -53.03 47.38 1.93
CA LYS B 157 -52.91 46.00 2.41
C LYS B 157 -54.01 45.05 1.92
N ASP B 158 -53.60 43.83 1.58
CA ASP B 158 -54.53 42.73 1.30
C ASP B 158 -55.56 43.07 0.22
N TYR B 159 -55.17 42.97 -1.04
CA TYR B 159 -56.10 43.13 -2.16
C TYR B 159 -55.90 42.05 -3.21
N PHE B 160 -56.81 42.02 -4.18
CA PHE B 160 -56.75 41.05 -5.28
C PHE B 160 -57.77 41.38 -6.35
N PRO B 161 -57.38 41.30 -7.63
CA PRO B 161 -56.02 41.05 -8.09
C PRO B 161 -55.30 42.33 -8.49
N GLU B 162 -54.26 42.20 -9.30
CA GLU B 162 -53.59 43.35 -9.91
C GLU B 162 -54.55 43.97 -10.93
N PRO B 163 -54.43 45.29 -11.17
CA PRO B 163 -53.53 46.22 -10.50
C PRO B 163 -54.23 47.12 -9.48
N VAL B 164 -53.48 48.07 -8.92
CA VAL B 164 -53.99 49.10 -8.03
C VAL B 164 -53.33 50.43 -8.39
N THR B 165 -54.10 51.51 -8.48
CA THR B 165 -53.48 52.81 -8.74
C THR B 165 -53.61 53.75 -7.55
N VAL B 166 -52.56 54.53 -7.30
CA VAL B 166 -52.52 55.45 -6.17
C VAL B 166 -52.06 56.83 -6.63
N SER B 167 -52.83 57.87 -6.28
CA SER B 167 -52.38 59.24 -6.52
C SER B 167 -52.23 59.97 -5.21
N TRP B 168 -51.76 61.21 -5.26
CA TRP B 168 -51.63 62.01 -4.03
C TRP B 168 -52.24 63.39 -4.26
N ASN B 169 -53.21 63.73 -3.40
CA ASN B 169 -53.99 64.96 -3.50
C ASN B 169 -54.66 65.09 -4.87
N SER B 170 -55.21 63.98 -5.35
CA SER B 170 -55.96 63.95 -6.61
C SER B 170 -55.14 64.43 -7.80
N GLY B 171 -53.90 63.95 -7.90
CA GLY B 171 -53.04 64.27 -9.02
C GLY B 171 -52.28 65.58 -8.87
N ALA B 172 -52.58 66.33 -7.82
CA ALA B 172 -51.94 67.61 -7.58
C ALA B 172 -50.50 67.42 -7.09
N LEU B 173 -50.22 66.24 -6.57
CA LEU B 173 -48.90 65.91 -6.07
C LEU B 173 -48.34 64.69 -6.80
N THR B 174 -47.22 64.87 -7.48
CA THR B 174 -46.60 63.78 -8.23
C THR B 174 -45.11 63.63 -7.92
N SER B 175 -44.37 64.74 -8.05
CA SER B 175 -42.92 64.69 -7.85
C SER B 175 -42.56 64.44 -6.39
N GLY B 176 -42.00 63.26 -6.13
CA GLY B 176 -41.68 62.86 -4.78
C GLY B 176 -42.41 61.57 -4.44
N VAL B 177 -43.32 61.17 -5.31
CA VAL B 177 -44.10 59.97 -5.10
C VAL B 177 -43.43 58.75 -5.73
N HIS B 178 -43.25 57.72 -4.92
CA HIS B 178 -42.74 56.44 -5.37
C HIS B 178 -43.68 55.34 -4.88
N THR B 179 -44.36 54.68 -5.82
CA THR B 179 -45.26 53.58 -5.47
C THR B 179 -44.57 52.25 -5.78
N PHE B 180 -44.25 51.51 -4.74
CA PHE B 180 -43.48 50.28 -4.86
C PHE B 180 -44.30 49.12 -5.44
N PRO B 181 -43.63 48.22 -6.19
CA PRO B 181 -44.27 47.00 -6.67
C PRO B 181 -44.75 46.14 -5.51
N ALA B 182 -45.88 45.46 -5.69
CA ALA B 182 -46.54 44.75 -4.58
C ALA B 182 -45.91 43.40 -4.29
N VAL B 183 -46.25 42.84 -3.13
CA VAL B 183 -45.75 41.55 -2.70
C VAL B 183 -46.90 40.54 -2.59
N LEU B 184 -46.63 39.29 -2.95
CA LEU B 184 -47.59 38.22 -2.76
C LEU B 184 -47.33 37.54 -1.42
N GLN B 185 -48.31 37.59 -0.53
CA GLN B 185 -48.11 37.11 0.84
C GLN B 185 -48.30 35.61 0.98
N SER B 186 -48.17 35.14 2.22
CA SER B 186 -48.33 33.72 2.55
C SER B 186 -49.80 33.36 2.69
N SER B 187 -50.62 33.88 1.79
CA SER B 187 -52.07 33.68 1.86
C SER B 187 -52.71 33.90 0.49
N GLY B 188 -52.02 34.62 -0.40
CA GLY B 188 -52.49 34.81 -1.75
C GLY B 188 -52.97 36.21 -2.07
N LEU B 189 -52.91 37.09 -1.07
CA LEU B 189 -53.34 38.47 -1.25
C LEU B 189 -52.16 39.42 -1.41
N TYR B 190 -52.39 40.50 -2.15
CA TYR B 190 -51.35 41.48 -2.43
C TYR B 190 -51.36 42.66 -1.46
N SER B 191 -50.17 43.12 -1.10
CA SER B 191 -49.99 44.33 -0.32
C SER B 191 -48.93 45.20 -0.99
N LEU B 192 -49.10 46.52 -0.94
CA LEU B 192 -48.05 47.42 -1.40
C LEU B 192 -47.98 48.68 -0.55
N SER B 193 -47.04 49.55 -0.88
CA SER B 193 -46.88 50.83 -0.19
C SER B 193 -46.59 51.93 -1.19
N SER B 194 -47.10 53.13 -0.92
CA SER B 194 -46.80 54.28 -1.76
C SER B 194 -46.30 55.43 -0.91
N VAL B 195 -45.10 55.91 -1.19
CA VAL B 195 -44.49 56.95 -0.36
C VAL B 195 -44.36 58.27 -1.11
N VAL B 196 -44.42 59.37 -0.37
CA VAL B 196 -44.10 60.67 -0.93
C VAL B 196 -43.12 61.38 0.00
N THR B 197 -42.11 61.99 -0.61
CA THR B 197 -41.07 62.71 0.13
C THR B 197 -41.32 64.20 0.02
N VAL B 198 -41.56 64.84 1.16
CA VAL B 198 -41.88 66.26 1.20
C VAL B 198 -40.98 66.97 2.21
N PRO B 199 -40.79 68.28 2.02
CA PRO B 199 -40.06 69.10 3.01
C PRO B 199 -40.64 68.97 4.42
N SER B 200 -39.78 68.77 5.41
CA SER B 200 -40.22 68.59 6.79
C SER B 200 -40.97 69.81 7.31
N SER B 201 -40.58 70.99 6.82
CA SER B 201 -41.17 72.24 7.28
C SER B 201 -42.66 72.32 6.94
N SER B 202 -43.04 71.71 5.83
CA SER B 202 -44.41 71.82 5.34
C SER B 202 -45.31 70.70 5.85
N LEU B 203 -44.84 69.97 6.85
CA LEU B 203 -45.60 68.83 7.38
C LEU B 203 -46.94 69.24 7.99
N GLY B 204 -46.92 70.08 9.00
CA GLY B 204 -48.13 70.50 9.67
C GLY B 204 -48.86 71.64 9.00
N THR B 205 -48.31 72.12 7.88
CA THR B 205 -48.88 73.27 7.20
C THR B 205 -49.42 72.93 5.81
N GLN B 206 -49.43 71.65 5.48
CA GLN B 206 -49.89 71.19 4.17
C GLN B 206 -50.54 69.82 4.28
N THR B 207 -51.75 69.68 3.73
CA THR B 207 -52.50 68.44 3.83
C THR B 207 -52.09 67.43 2.75
N TYR B 208 -51.83 66.20 3.17
CA TYR B 208 -51.44 65.13 2.25
C TYR B 208 -52.45 63.99 2.26
N ILE B 209 -53.11 63.78 1.14
CA ILE B 209 -54.12 62.72 1.03
C ILE B 209 -53.78 61.76 -0.09
N CYS B 210 -53.76 60.47 0.21
CA CYS B 210 -53.52 59.47 -0.82
C CYS B 210 -54.83 58.93 -1.35
N ASN B 211 -54.91 58.82 -2.66
CA ASN B 211 -56.09 58.32 -3.34
C ASN B 211 -55.84 56.91 -3.86
N VAL B 212 -56.41 55.94 -3.17
CA VAL B 212 -56.27 54.54 -3.53
C VAL B 212 -57.47 54.09 -4.36
N ASN B 213 -57.20 53.72 -5.60
CA ASN B 213 -58.21 53.24 -6.52
C ASN B 213 -57.93 51.80 -6.96
N HIS B 214 -58.84 50.91 -6.57
CA HIS B 214 -58.84 49.53 -7.01
C HIS B 214 -60.06 49.30 -7.90
N LYS B 215 -59.80 48.85 -9.14
CA LYS B 215 -60.84 48.72 -10.17
C LYS B 215 -61.46 47.33 -10.34
N PRO B 216 -60.71 46.24 -10.07
CA PRO B 216 -61.37 44.92 -10.05
C PRO B 216 -62.62 44.90 -9.18
N SER B 217 -62.47 45.13 -7.88
CA SER B 217 -63.61 45.49 -7.06
C SER B 217 -63.81 46.97 -7.29
N ASN B 218 -64.91 47.54 -6.83
CA ASN B 218 -65.10 48.98 -7.01
C ASN B 218 -64.69 49.75 -5.76
N THR B 219 -63.39 49.75 -5.47
CA THR B 219 -62.92 50.40 -4.25
C THR B 219 -62.23 51.73 -4.55
N LYS B 220 -62.77 52.79 -3.95
CA LYS B 220 -62.21 54.13 -4.10
C LYS B 220 -62.04 54.77 -2.73
N VAL B 221 -60.91 54.52 -2.09
CA VAL B 221 -60.71 55.00 -0.72
C VAL B 221 -59.59 56.02 -0.65
N ASP B 222 -59.86 57.14 0.02
CA ASP B 222 -58.89 58.22 0.18
C ASP B 222 -58.52 58.38 1.66
N LYS B 223 -57.25 58.63 1.94
CA LYS B 223 -56.77 58.70 3.32
C LYS B 223 -55.89 59.92 3.60
N ARG B 224 -56.16 60.57 4.73
CA ARG B 224 -55.28 61.63 5.22
C ARG B 224 -54.09 61.01 5.94
N VAL B 225 -52.90 61.58 5.70
CA VAL B 225 -51.71 61.15 6.41
C VAL B 225 -51.13 62.32 7.19
N GLU B 226 -51.42 62.35 8.49
CA GLU B 226 -50.97 63.45 9.34
C GLU B 226 -50.16 62.93 10.51
N PRO B 227 -49.04 63.60 10.83
CA PRO B 227 -48.12 63.19 11.88
C PRO B 227 -48.73 63.27 13.28
N GLN C 1 -29.39 27.27 4.20
CA GLN C 1 -30.49 27.89 3.49
C GLN C 1 -30.48 27.49 2.02
N SER C 2 -29.57 26.62 1.64
CA SER C 2 -29.58 26.09 0.30
C SER C 2 -28.71 24.88 0.28
N VAL C 3 -28.99 23.94 -0.60
CA VAL C 3 -28.16 22.74 -0.61
C VAL C 3 -26.82 23.03 -1.27
N LEU C 4 -26.87 23.67 -2.44
CA LEU C 4 -25.69 24.30 -3.02
C LEU C 4 -25.81 25.79 -2.77
N THR C 5 -24.78 26.39 -2.18
CA THR C 5 -24.82 27.81 -1.89
C THR C 5 -23.90 28.61 -2.81
N GLN C 6 -24.50 29.50 -3.60
CA GLN C 6 -23.73 30.48 -4.35
C GLN C 6 -24.14 31.88 -3.92
N PRO C 7 -23.19 32.84 -3.97
CA PRO C 7 -23.46 34.19 -3.52
C PRO C 7 -24.62 34.83 -4.28
N PRO C 8 -25.50 35.55 -3.57
CA PRO C 8 -26.70 36.15 -4.18
C PRO C 8 -26.39 37.02 -5.39
N SER C 9 -25.32 37.81 -5.32
CA SER C 9 -24.96 38.68 -6.43
C SER C 9 -23.47 38.92 -6.56
N VAL C 10 -23.07 39.36 -7.75
CA VAL C 10 -21.69 39.74 -8.00
C VAL C 10 -21.67 40.78 -9.12
N SER C 11 -20.67 41.66 -9.10
CA SER C 11 -20.61 42.77 -10.07
C SER C 11 -19.18 43.02 -10.54
N ALA C 12 -19.06 43.55 -11.75
CA ALA C 12 -17.77 43.86 -12.33
C ALA C 12 -17.92 44.82 -13.50
N ALA C 13 -16.88 45.61 -13.76
CA ALA C 13 -16.88 46.54 -14.88
C ALA C 13 -16.75 45.77 -16.19
N PRO C 14 -17.19 46.37 -17.32
CA PRO C 14 -17.01 45.74 -18.62
C PRO C 14 -15.54 45.58 -18.99
N GLY C 15 -15.17 44.40 -19.50
CA GLY C 15 -13.80 44.14 -19.90
C GLY C 15 -13.00 43.48 -18.79
N GLN C 16 -13.56 43.47 -17.59
CA GLN C 16 -12.92 42.85 -16.44
C GLN C 16 -13.19 41.34 -16.38
N LYS C 17 -12.89 40.76 -15.22
CA LYS C 17 -13.07 39.34 -15.01
C LYS C 17 -13.81 39.10 -13.70
N VAL C 18 -14.72 38.13 -13.68
CA VAL C 18 -15.50 37.81 -12.49
C VAL C 18 -15.61 36.29 -12.33
N THR C 19 -15.59 35.80 -11.10
CA THR C 19 -15.88 34.39 -10.87
C THR C 19 -17.01 34.21 -9.85
N ILE C 20 -17.83 33.20 -10.10
CA ILE C 20 -18.94 32.85 -9.21
C ILE C 20 -18.70 31.46 -8.64
N SER C 21 -18.80 31.32 -7.33
CA SER C 21 -18.57 30.03 -6.69
C SER C 21 -19.88 29.41 -6.26
N CYS C 22 -19.91 28.10 -6.12
CA CYS C 22 -20.96 27.46 -5.35
C CYS C 22 -20.36 26.27 -4.61
N SER C 23 -20.69 26.18 -3.32
CA SER C 23 -20.09 25.18 -2.45
C SER C 23 -21.12 24.17 -1.99
N GLY C 24 -20.73 22.90 -1.92
CA GLY C 24 -21.63 21.84 -1.52
C GLY C 24 -20.99 20.84 -0.59
N SER C 25 -21.16 19.56 -0.89
CA SER C 25 -20.58 18.50 -0.07
C SER C 25 -19.98 17.42 -0.95
N SER C 26 -19.36 16.41 -0.33
CA SER C 26 -18.76 15.31 -1.07
C SER C 26 -19.83 14.51 -1.78
N SER C 27 -21.05 14.59 -1.25
CA SER C 27 -22.18 13.83 -1.77
C SER C 27 -22.75 14.43 -3.04
N ASN C 28 -22.45 15.70 -3.31
CA ASN C 28 -22.85 16.30 -4.58
C ASN C 28 -21.66 16.82 -5.39
N ILE C 29 -21.25 18.06 -5.16
CA ILE C 29 -20.20 18.68 -5.96
C ILE C 29 -18.87 17.92 -5.87
N GLY C 30 -18.59 17.36 -4.70
CA GLY C 30 -17.34 16.66 -4.46
C GLY C 30 -17.03 15.53 -5.42
N ASN C 31 -18.02 14.70 -5.70
CA ASN C 31 -17.81 13.51 -6.54
C ASN C 31 -18.51 13.57 -7.90
N ASN C 32 -19.68 14.21 -7.94
CA ASN C 32 -20.47 14.23 -9.17
C ASN C 32 -20.04 15.35 -10.13
N TYR C 33 -20.74 15.45 -11.25
CA TYR C 33 -20.37 16.40 -12.30
C TYR C 33 -21.15 17.69 -12.18
N VAL C 34 -20.44 18.80 -12.13
CA VAL C 34 -21.05 20.10 -11.95
C VAL C 34 -21.35 20.75 -13.29
N SER C 35 -22.54 21.33 -13.41
CA SER C 35 -22.92 22.02 -14.65
C SER C 35 -23.42 23.42 -14.36
N TRP C 36 -23.17 24.33 -15.27
CA TRP C 36 -23.56 25.72 -15.10
C TRP C 36 -24.59 26.13 -16.14
N TYR C 37 -25.56 26.93 -15.70
CA TYR C 37 -26.67 27.35 -16.51
C TYR C 37 -26.88 28.86 -16.43
N GLN C 38 -26.92 29.50 -17.60
CA GLN C 38 -27.14 30.94 -17.70
C GLN C 38 -28.61 31.28 -17.95
N GLN C 39 -29.15 32.20 -17.16
CA GLN C 39 -30.52 32.65 -17.37
C GLN C 39 -30.57 34.17 -17.55
N LEU C 40 -30.67 34.59 -18.81
CA LEU C 40 -30.84 36.00 -19.14
C LEU C 40 -32.21 36.47 -18.67
N PRO C 41 -32.38 37.79 -18.45
CA PRO C 41 -33.65 38.36 -17.98
C PRO C 41 -34.85 37.93 -18.81
N GLY C 42 -35.84 37.32 -18.16
CA GLY C 42 -37.05 36.85 -18.82
C GLY C 42 -36.77 35.86 -19.94
N THR C 43 -36.05 34.79 -19.60
CA THR C 43 -35.62 33.79 -20.57
C THR C 43 -35.43 32.44 -19.89
N ALA C 44 -35.70 31.36 -20.63
CA ALA C 44 -35.44 30.02 -20.15
C ALA C 44 -33.94 29.82 -19.87
N PRO C 45 -33.62 28.98 -18.88
CA PRO C 45 -32.22 28.63 -18.61
C PRO C 45 -31.52 28.03 -19.82
N LYS C 46 -30.20 28.18 -19.87
CA LYS C 46 -29.39 27.72 -20.99
C LYS C 46 -28.10 27.10 -20.46
N LEU C 47 -27.76 25.91 -20.95
CA LEU C 47 -26.56 25.22 -20.48
C LEU C 47 -25.29 26.00 -20.81
N LEU C 48 -24.50 26.31 -19.78
CA LEU C 48 -23.29 27.09 -19.95
C LEU C 48 -22.05 26.22 -19.86
N ILE C 49 -22.02 25.35 -18.85
CA ILE C 49 -20.87 24.46 -18.65
C ILE C 49 -21.36 23.06 -18.31
N TYR C 50 -20.68 22.04 -18.81
CA TYR C 50 -20.97 20.67 -18.42
C TYR C 50 -19.69 19.95 -18.06
N ASP C 51 -19.83 18.84 -17.34
CA ASP C 51 -18.69 18.06 -16.86
C ASP C 51 -17.67 18.95 -16.15
N SER C 52 -18.18 19.90 -15.35
CA SER C 52 -17.38 20.76 -14.49
C SER C 52 -16.50 21.78 -15.22
N ASN C 53 -16.02 21.43 -16.41
CA ASN C 53 -15.12 22.34 -17.12
C ASN C 53 -15.19 22.24 -18.65
N LYS C 54 -16.31 21.74 -19.18
CA LYS C 54 -16.47 21.65 -20.62
C LYS C 54 -17.50 22.64 -21.14
N ARG C 55 -17.24 23.20 -22.32
CA ARG C 55 -18.15 24.14 -22.95
C ARG C 55 -18.95 23.50 -24.08
N PRO C 56 -20.27 23.69 -24.08
CA PRO C 56 -21.07 23.31 -25.24
C PRO C 56 -20.66 24.15 -26.44
N SER C 57 -20.91 23.66 -27.65
CA SER C 57 -20.60 24.44 -28.84
C SER C 57 -21.48 25.68 -28.87
N GLY C 58 -20.92 26.81 -29.28
CA GLY C 58 -21.66 28.06 -29.32
C GLY C 58 -21.35 28.96 -28.14
N ILE C 59 -20.93 28.36 -27.03
CA ILE C 59 -20.52 29.10 -25.85
C ILE C 59 -19.08 29.59 -26.03
N PRO C 60 -18.86 30.92 -25.92
CA PRO C 60 -17.54 31.50 -26.18
C PRO C 60 -16.48 31.08 -25.16
N ASP C 61 -15.21 31.20 -25.52
CA ASP C 61 -14.13 30.78 -24.63
C ASP C 61 -13.94 31.70 -23.42
N ARG C 62 -14.71 32.79 -23.37
CA ARG C 62 -14.68 33.70 -22.23
C ARG C 62 -15.16 32.99 -20.97
N PHE C 63 -15.99 31.97 -21.17
CA PHE C 63 -16.57 31.22 -20.07
C PHE C 63 -15.72 29.99 -19.74
N SER C 64 -15.48 29.78 -18.45
CA SER C 64 -14.62 28.70 -18.00
C SER C 64 -15.19 28.05 -16.75
N GLY C 65 -14.83 26.79 -16.53
CA GLY C 65 -15.35 26.07 -15.38
C GLY C 65 -14.24 25.38 -14.62
N SER C 66 -14.37 25.32 -13.30
CA SER C 66 -13.39 24.64 -12.49
C SER C 66 -14.04 24.00 -11.28
N LYS C 67 -13.38 22.99 -10.73
CA LYS C 67 -13.90 22.28 -9.58
C LYS C 67 -12.77 21.89 -8.64
N SER C 68 -12.96 22.15 -7.35
CA SER C 68 -11.99 21.78 -6.34
C SER C 68 -12.67 21.45 -5.01
N GLY C 69 -12.32 20.29 -4.46
CA GLY C 69 -12.95 19.83 -3.24
C GLY C 69 -14.46 19.76 -3.39
N THR C 70 -15.17 20.41 -2.48
CA THR C 70 -16.62 20.44 -2.55
C THR C 70 -17.15 21.79 -3.06
N SER C 71 -16.32 22.53 -3.77
CA SER C 71 -16.78 23.79 -4.35
C SER C 71 -16.40 23.90 -5.82
N ALA C 72 -17.26 24.53 -6.60
CA ALA C 72 -17.01 24.72 -8.02
C ALA C 72 -17.07 26.20 -8.36
N THR C 73 -16.35 26.58 -9.42
CA THR C 73 -16.31 27.97 -9.83
C THR C 73 -16.57 28.14 -11.33
N LEU C 74 -17.29 29.20 -11.66
CA LEU C 74 -17.52 29.62 -13.02
C LEU C 74 -16.77 30.93 -13.27
N GLY C 75 -16.04 31.02 -14.38
CA GLY C 75 -15.23 32.19 -14.64
C GLY C 75 -15.61 32.88 -15.94
N ILE C 76 -15.97 34.16 -15.83
CA ILE C 76 -16.31 34.95 -17.00
C ILE C 76 -15.31 36.08 -17.18
N THR C 77 -14.61 36.08 -18.31
CA THR C 77 -13.59 37.09 -18.58
C THR C 77 -13.94 37.88 -19.82
N GLY C 78 -13.28 39.02 -20.01
CA GLY C 78 -13.57 39.92 -21.11
C GLY C 78 -15.05 40.29 -21.07
N LEU C 79 -15.51 40.60 -19.86
CA LEU C 79 -16.92 40.78 -19.55
C LEU C 79 -17.63 41.77 -20.47
N GLN C 80 -18.87 41.43 -20.83
CA GLN C 80 -19.69 42.27 -21.70
C GLN C 80 -21.03 42.51 -21.03
N THR C 81 -21.69 43.61 -21.37
CA THR C 81 -23.00 43.91 -20.77
C THR C 81 -24.02 42.83 -21.09
N GLY C 82 -23.82 42.13 -22.21
CA GLY C 82 -24.68 41.04 -22.59
C GLY C 82 -24.61 39.88 -21.62
N ASP C 83 -23.59 39.88 -20.77
CA ASP C 83 -23.39 38.79 -19.81
C ASP C 83 -24.24 38.97 -18.56
N GLU C 84 -24.77 40.18 -18.37
CA GLU C 84 -25.68 40.47 -17.24
C GLU C 84 -26.79 39.43 -17.17
N ALA C 85 -26.78 38.61 -16.12
CA ALA C 85 -27.71 37.49 -16.07
C ALA C 85 -27.72 36.79 -14.72
N ASP C 86 -28.66 35.87 -14.52
CA ASP C 86 -28.63 35.05 -13.32
C ASP C 86 -27.97 33.70 -13.60
N TYR C 87 -26.91 33.39 -12.85
CA TYR C 87 -26.13 32.19 -13.10
C TYR C 87 -26.37 31.13 -12.04
N TYR C 88 -26.54 29.89 -12.49
CA TYR C 88 -26.86 28.77 -11.60
C TYR C 88 -25.86 27.62 -11.71
N CYS C 89 -25.47 27.07 -10.58
CA CYS C 89 -24.71 25.82 -10.57
C CYS C 89 -25.66 24.69 -10.20
N GLY C 90 -25.43 23.51 -10.78
CA GLY C 90 -26.30 22.38 -10.54
C GLY C 90 -25.57 21.06 -10.64
N THR C 91 -26.05 20.08 -9.86
CA THR C 91 -25.49 18.74 -9.91
C THR C 91 -26.39 17.75 -9.20
N TRP C 92 -26.18 16.47 -9.47
CA TRP C 92 -26.90 15.41 -8.78
C TRP C 92 -26.35 15.27 -7.35
N ASP C 93 -27.23 14.98 -6.41
CA ASP C 93 -26.81 14.72 -5.03
C ASP C 93 -27.12 13.28 -4.65
N SER C 94 -26.06 12.54 -4.31
CA SER C 94 -26.12 11.10 -4.10
C SER C 94 -26.68 10.69 -2.74
N SER C 95 -26.56 11.57 -1.76
CA SER C 95 -27.04 11.26 -0.42
C SER C 95 -28.54 11.45 -0.37
N LEU C 96 -29.00 12.52 -1.01
CA LEU C 96 -30.41 12.87 -0.96
C LEU C 96 -31.13 12.27 -2.16
N SER C 97 -30.37 11.64 -3.04
CA SER C 97 -30.88 11.09 -4.29
C SER C 97 -31.74 12.12 -5.01
N VAL C 98 -31.20 13.31 -5.20
CA VAL C 98 -31.96 14.42 -5.76
C VAL C 98 -31.09 15.36 -6.56
N TRP C 99 -31.55 15.79 -7.74
CA TRP C 99 -30.83 16.78 -8.53
C TRP C 99 -31.05 18.17 -7.95
N VAL C 100 -29.96 18.93 -7.77
CA VAL C 100 -30.04 20.21 -7.08
C VAL C 100 -29.41 21.37 -7.83
N PHE C 101 -30.07 22.52 -7.74
CA PHE C 101 -29.56 23.76 -8.30
C PHE C 101 -29.05 24.68 -7.19
N GLY C 102 -28.20 25.62 -7.56
CA GLY C 102 -27.70 26.60 -6.62
C GLY C 102 -28.70 27.73 -6.45
N GLY C 103 -28.53 28.51 -5.40
CA GLY C 103 -29.44 29.59 -5.09
C GLY C 103 -29.53 30.67 -6.17
N GLY C 104 -28.57 30.66 -7.09
CA GLY C 104 -28.53 31.67 -8.15
C GLY C 104 -27.61 32.82 -7.80
N THR C 105 -27.02 33.43 -8.82
CA THR C 105 -26.14 34.57 -8.62
C THR C 105 -26.38 35.62 -9.70
N LYS C 106 -26.86 36.80 -9.30
CA LYS C 106 -27.13 37.84 -10.28
C LYS C 106 -25.85 38.59 -10.64
N LEU C 107 -25.37 38.36 -11.86
CA LEU C 107 -24.23 39.09 -12.39
C LEU C 107 -24.69 40.38 -13.06
N THR C 108 -24.19 41.48 -12.51
CA THR C 108 -24.38 42.82 -13.06
C THR C 108 -23.08 43.34 -13.65
N VAL C 109 -23.13 43.84 -14.87
CA VAL C 109 -21.98 44.46 -15.50
C VAL C 109 -22.13 45.97 -15.42
N LEU C 110 -21.44 46.56 -14.45
CA LEU C 110 -21.58 47.97 -14.09
C LEU C 110 -21.46 48.92 -15.28
N GLY C 111 -22.47 49.76 -15.47
CA GLY C 111 -22.46 50.75 -16.53
C GLY C 111 -22.76 52.14 -15.99
N GLN C 112 -22.80 52.25 -14.67
CA GLN C 112 -23.04 53.52 -14.01
C GLN C 112 -22.54 53.46 -12.57
N PRO C 113 -22.28 54.63 -11.95
CA PRO C 113 -21.85 54.66 -10.54
C PRO C 113 -22.72 53.81 -9.63
N LYS C 114 -22.07 53.08 -8.73
CA LYS C 114 -22.78 52.33 -7.69
C LYS C 114 -23.62 53.29 -6.85
N ALA C 115 -24.77 52.83 -6.38
CA ALA C 115 -25.63 53.68 -5.56
C ALA C 115 -26.10 52.94 -4.31
N ALA C 116 -25.82 53.52 -3.15
CA ALA C 116 -26.29 52.97 -1.89
C ALA C 116 -27.80 53.05 -1.83
N PRO C 117 -28.43 52.04 -1.22
CA PRO C 117 -29.89 52.00 -1.08
C PRO C 117 -30.40 53.08 -0.13
N SER C 118 -31.49 53.72 -0.52
CA SER C 118 -32.21 54.64 0.35
C SER C 118 -33.26 53.85 1.12
N VAL C 119 -33.27 53.98 2.45
CA VAL C 119 -34.11 53.12 3.28
C VAL C 119 -35.06 53.90 4.18
N THR C 120 -36.35 53.56 4.10
CA THR C 120 -37.36 54.17 4.96
C THR C 120 -38.14 53.10 5.72
N LEU C 121 -38.20 53.22 7.04
CA LEU C 121 -38.88 52.22 7.86
C LEU C 121 -40.08 52.78 8.61
N PHE C 122 -41.25 52.24 8.33
CA PHE C 122 -42.48 52.66 9.00
C PHE C 122 -42.98 51.62 9.99
N PRO C 123 -43.37 52.07 11.19
CA PRO C 123 -43.97 51.23 12.23
C PRO C 123 -45.42 50.88 11.89
N PRO C 124 -46.04 49.94 12.62
CA PRO C 124 -47.45 49.66 12.38
C PRO C 124 -48.32 50.86 12.74
N SER C 125 -49.24 51.22 11.83
CA SER C 125 -50.14 52.35 12.07
C SER C 125 -51.10 52.06 13.21
N SER C 126 -51.61 53.13 13.84
CA SER C 126 -52.53 52.99 14.96
C SER C 126 -53.86 52.39 14.50
N GLU C 127 -54.28 52.76 13.30
CA GLU C 127 -55.50 52.22 12.68
C GLU C 127 -55.41 50.70 12.56
N GLU C 128 -54.25 50.23 12.14
CA GLU C 128 -53.96 48.81 12.03
C GLU C 128 -53.94 48.15 13.40
N LEU C 129 -53.37 48.84 14.40
CA LEU C 129 -53.38 48.35 15.77
C LEU C 129 -54.80 48.18 16.30
N GLN C 130 -55.71 49.04 15.87
CA GLN C 130 -57.11 48.91 16.23
C GLN C 130 -57.86 48.11 15.17
N ALA C 131 -57.10 47.49 14.26
CA ALA C 131 -57.63 46.42 13.42
C ALA C 131 -57.07 45.08 13.90
N ASN C 132 -56.43 45.13 15.06
CA ASN C 132 -55.84 43.99 15.76
C ASN C 132 -54.62 43.37 15.05
N LYS C 133 -54.22 43.93 13.92
CA LYS C 133 -53.05 43.45 13.20
C LYS C 133 -51.89 44.44 13.31
N ALA C 134 -50.68 44.02 12.93
CA ALA C 134 -49.55 44.94 12.90
C ALA C 134 -48.60 44.59 11.76
N THR C 135 -48.04 45.62 11.12
CA THR C 135 -47.14 45.41 9.99
C THR C 135 -46.09 46.50 9.94
N LEU C 136 -44.82 46.09 9.96
CA LEU C 136 -43.72 47.03 9.74
C LEU C 136 -43.35 47.04 8.26
N VAL C 137 -43.14 48.23 7.73
CA VAL C 137 -42.85 48.38 6.30
C VAL C 137 -41.43 48.93 6.07
N CYS C 138 -40.60 48.12 5.41
CA CYS C 138 -39.24 48.53 5.07
C CYS C 138 -39.13 48.78 3.57
N LEU C 139 -38.80 50.01 3.21
CA LEU C 139 -38.78 50.40 1.81
C LEU C 139 -37.38 50.79 1.35
N ILE C 140 -36.95 50.19 0.24
CA ILE C 140 -35.61 50.33 -0.26
C ILE C 140 -35.62 50.81 -1.70
N SER C 141 -35.02 51.96 -1.97
CA SER C 141 -35.08 52.52 -3.32
C SER C 141 -33.75 53.09 -3.82
N ASP C 142 -33.66 53.26 -5.14
CA ASP C 142 -32.54 53.91 -5.80
C ASP C 142 -31.19 53.29 -5.46
N PHE C 143 -31.03 51.99 -5.73
CA PHE C 143 -29.76 51.31 -5.48
C PHE C 143 -29.27 50.52 -6.68
N TYR C 144 -27.96 50.56 -6.90
CA TYR C 144 -27.32 49.88 -8.02
C TYR C 144 -25.98 49.29 -7.57
N PRO C 145 -25.72 48.01 -7.89
CA PRO C 145 -26.57 47.08 -8.67
C PRO C 145 -27.80 46.61 -7.90
N GLY C 146 -28.78 46.10 -8.63
CA GLY C 146 -30.04 45.70 -8.04
C GLY C 146 -29.98 44.39 -7.28
N ALA C 147 -29.43 44.46 -6.07
CA ALA C 147 -29.31 43.29 -5.22
C ALA C 147 -29.04 43.69 -3.78
N VAL C 148 -30.01 43.44 -2.91
CA VAL C 148 -29.83 43.71 -1.48
C VAL C 148 -30.33 42.51 -0.68
N THR C 149 -29.82 42.36 0.53
CA THR C 149 -30.33 41.32 1.42
C THR C 149 -30.90 41.97 2.68
N VAL C 150 -32.14 41.60 3.02
CA VAL C 150 -32.83 42.23 4.14
C VAL C 150 -32.80 41.37 5.39
N ALA C 151 -32.77 42.02 6.55
CA ALA C 151 -32.78 41.32 7.83
C ALA C 151 -33.66 42.07 8.83
N TRP C 152 -34.29 41.33 9.74
CA TRP C 152 -35.13 41.96 10.76
C TRP C 152 -34.69 41.63 12.17
N LYS C 153 -34.60 42.66 13.01
CA LYS C 153 -34.11 42.48 14.37
C LYS C 153 -35.31 42.77 15.29
N ALA C 154 -35.35 42.10 16.44
CA ALA C 154 -36.16 42.49 17.60
C ALA C 154 -35.19 43.31 18.45
N ASP C 155 -35.38 43.26 19.77
CA ASP C 155 -34.49 43.93 20.70
C ASP C 155 -33.39 42.91 20.92
N SER C 156 -32.33 43.02 20.12
CA SER C 156 -31.08 42.29 20.30
C SER C 156 -31.12 40.83 19.81
N SER C 157 -32.15 40.45 19.06
CA SER C 157 -32.15 39.14 18.42
C SER C 157 -32.71 39.16 17.00
N PRO C 158 -32.23 38.25 16.13
CA PRO C 158 -32.72 38.13 14.74
C PRO C 158 -34.19 37.71 14.64
N VAL C 159 -34.82 38.05 13.53
CA VAL C 159 -36.23 37.70 13.29
C VAL C 159 -36.39 37.10 11.90
N LYS C 160 -37.04 35.94 11.83
CA LYS C 160 -37.23 35.26 10.56
C LYS C 160 -38.71 35.02 10.26
N ALA C 161 -39.51 34.95 11.31
CA ALA C 161 -40.93 34.62 11.17
C ALA C 161 -41.78 35.81 10.70
N GLY C 162 -42.62 35.56 9.71
CA GLY C 162 -43.54 36.58 9.22
C GLY C 162 -42.87 37.70 8.45
N VAL C 163 -42.01 37.34 7.52
CA VAL C 163 -41.29 38.32 6.71
C VAL C 163 -41.49 38.07 5.23
N GLU C 164 -42.25 38.93 4.58
CA GLU C 164 -42.49 38.82 3.14
C GLU C 164 -41.73 39.91 2.39
N THR C 165 -40.77 39.52 1.57
CA THR C 165 -39.93 40.49 0.88
C THR C 165 -39.97 40.35 -0.64
N THR C 166 -40.16 41.47 -1.32
CA THR C 166 -40.19 41.49 -2.78
C THR C 166 -38.78 41.31 -3.34
N THR C 167 -38.70 41.11 -4.65
CA THR C 167 -37.40 41.04 -5.32
C THR C 167 -37.20 42.32 -6.13
N PRO C 168 -35.99 42.89 -6.05
CA PRO C 168 -35.56 44.12 -6.74
C PRO C 168 -36.10 44.26 -8.16
N SER C 169 -36.68 45.41 -8.47
CA SER C 169 -37.26 45.67 -9.77
C SER C 169 -36.79 47.02 -10.33
N LYS C 170 -36.59 47.06 -11.65
CA LYS C 170 -36.06 48.24 -12.33
C LYS C 170 -36.84 49.52 -12.03
N GLN C 171 -36.15 50.50 -11.45
CA GLN C 171 -36.74 51.82 -11.25
C GLN C 171 -36.93 52.49 -12.61
N SER C 172 -37.61 53.63 -12.63
CA SER C 172 -37.83 54.36 -13.86
C SER C 172 -36.52 54.93 -14.39
N ASN C 173 -35.54 55.10 -13.52
CA ASN C 173 -34.24 55.65 -13.89
C ASN C 173 -33.10 54.63 -13.79
N ASN C 174 -33.41 53.38 -14.11
CA ASN C 174 -32.44 52.29 -14.14
C ASN C 174 -31.78 51.98 -12.79
N LYS C 175 -32.31 52.54 -11.71
CA LYS C 175 -31.97 52.07 -10.38
C LYS C 175 -32.92 50.93 -10.05
N TYR C 176 -32.88 50.44 -8.81
CA TYR C 176 -33.73 49.33 -8.41
C TYR C 176 -34.46 49.64 -7.12
N ALA C 177 -35.58 48.98 -6.90
CA ALA C 177 -36.32 49.14 -5.66
C ALA C 177 -36.85 47.82 -5.16
N ALA C 178 -37.08 47.74 -3.86
CA ALA C 178 -37.60 46.55 -3.22
C ALA C 178 -38.27 46.92 -1.90
N SER C 179 -39.12 46.03 -1.39
CA SER C 179 -39.82 46.27 -0.14
C SER C 179 -39.93 44.99 0.69
N SER C 180 -39.93 45.16 2.01
CA SER C 180 -40.01 44.05 2.93
C SER C 180 -40.99 44.33 4.05
N TYR C 181 -42.00 43.47 4.21
CA TYR C 181 -43.01 43.64 5.25
C TYR C 181 -42.86 42.60 6.36
N LEU C 182 -42.83 43.07 7.59
CA LEU C 182 -42.79 42.19 8.76
C LEU C 182 -44.16 42.18 9.44
N SER C 183 -44.74 40.98 9.62
CA SER C 183 -46.03 40.87 10.28
C SER C 183 -45.89 40.63 11.78
N LEU C 184 -46.75 41.28 12.57
CA LEU C 184 -46.74 41.15 14.02
C LEU C 184 -48.13 41.25 14.64
N THR C 185 -48.26 40.70 15.83
CA THR C 185 -49.42 40.93 16.68
C THR C 185 -49.08 42.09 17.60
N PRO C 186 -50.06 42.96 17.90
CA PRO C 186 -49.87 44.16 18.73
C PRO C 186 -49.09 43.90 20.02
N GLU C 187 -49.23 42.72 20.60
CA GLU C 187 -48.50 42.37 21.83
C GLU C 187 -46.99 42.35 21.60
N GLN C 188 -46.57 41.79 20.47
CA GLN C 188 -45.16 41.76 20.10
C GLN C 188 -44.62 43.17 19.89
N TRP C 189 -45.42 43.99 19.22
CA TRP C 189 -45.02 45.37 18.91
C TRP C 189 -44.97 46.24 20.16
N LYS C 190 -45.78 45.88 21.17
CA LYS C 190 -45.78 46.62 22.43
C LYS C 190 -44.70 46.09 23.38
N SER C 191 -44.28 44.85 23.16
CA SER C 191 -43.31 44.19 24.04
C SER C 191 -41.91 44.77 23.91
N HIS C 192 -41.34 44.62 22.71
CA HIS C 192 -39.96 44.99 22.45
C HIS C 192 -39.73 46.50 22.56
N ARG C 193 -38.48 46.87 22.88
CA ARG C 193 -38.09 48.27 22.99
C ARG C 193 -38.03 48.91 21.60
N SER C 194 -37.64 48.11 20.61
CA SER C 194 -37.54 48.60 19.24
C SER C 194 -37.39 47.46 18.22
N TYR C 195 -37.89 47.69 17.00
CA TYR C 195 -37.69 46.79 15.89
C TYR C 195 -36.81 47.44 14.83
N SER C 196 -36.00 46.64 14.15
CA SER C 196 -35.02 47.17 13.22
C SER C 196 -35.02 46.46 11.86
N CYS C 197 -34.77 47.25 10.82
CA CYS C 197 -34.65 46.73 9.46
C CYS C 197 -33.23 46.97 8.95
N GLN C 198 -32.60 45.91 8.45
CA GLN C 198 -31.21 45.96 8.02
C GLN C 198 -31.03 45.56 6.56
N VAL C 199 -30.76 46.54 5.71
CA VAL C 199 -30.52 46.31 4.30
C VAL C 199 -29.02 46.17 4.04
N THR C 200 -28.63 45.17 3.27
CA THR C 200 -27.23 44.99 2.94
C THR C 200 -27.01 45.08 1.44
N HIS C 201 -26.15 46.01 1.05
CA HIS C 201 -25.88 46.31 -0.35
C HIS C 201 -24.37 46.51 -0.54
N GLU C 202 -23.80 45.74 -1.48
CA GLU C 202 -22.37 45.75 -1.79
C GLU C 202 -21.47 45.82 -0.55
N GLY C 203 -21.69 44.90 0.39
CA GLY C 203 -20.84 44.78 1.55
C GLY C 203 -21.16 45.75 2.67
N SER C 204 -21.96 46.76 2.38
CA SER C 204 -22.35 47.72 3.40
C SER C 204 -23.73 47.37 3.95
N THR C 205 -24.02 47.81 5.17
CA THR C 205 -25.31 47.52 5.79
C THR C 205 -25.91 48.77 6.43
N VAL C 206 -27.06 49.19 5.90
CA VAL C 206 -27.82 50.32 6.44
C VAL C 206 -28.93 49.80 7.35
N GLU C 207 -28.99 50.34 8.57
CA GLU C 207 -30.00 49.90 9.53
C GLU C 207 -30.90 51.03 10.00
N LYS C 208 -32.21 50.81 9.90
CA LYS C 208 -33.20 51.75 10.44
C LYS C 208 -33.96 51.11 11.59
N THR C 209 -34.54 51.94 12.46
CA THR C 209 -35.14 51.44 13.69
C THR C 209 -36.40 52.23 14.08
N VAL C 210 -37.42 51.52 14.56
CA VAL C 210 -38.63 52.16 15.07
C VAL C 210 -39.01 51.62 16.44
N ALA C 211 -39.41 52.52 17.33
CA ALA C 211 -39.83 52.15 18.68
C ALA C 211 -41.31 52.43 18.88
N PRO C 212 -42.00 51.55 19.64
CA PRO C 212 -43.44 51.70 19.88
C PRO C 212 -43.78 52.95 20.69
N THR C 213 -43.01 53.21 21.74
CA THR C 213 -43.27 54.34 22.61
C THR C 213 -42.55 55.60 22.11
N ILE D 1 24.67 -42.07 4.68
CA ILE D 1 23.93 -43.06 5.47
C ILE D 1 24.62 -43.28 6.82
N ARG D 2 24.03 -42.68 7.85
CA ARG D 2 24.60 -42.70 9.20
C ARG D 2 24.22 -43.97 9.96
N CYS D 3 24.38 -43.93 11.27
CA CYS D 3 23.86 -44.98 12.17
C CYS D 3 24.50 -46.36 12.04
N ILE D 4 25.30 -46.58 11.01
CA ILE D 4 25.88 -47.91 10.80
C ILE D 4 26.91 -48.23 11.88
N GLY D 5 27.58 -47.20 12.37
CA GLY D 5 28.60 -47.38 13.41
C GLY D 5 28.07 -47.27 14.81
N VAL D 6 26.86 -46.74 14.96
CA VAL D 6 26.25 -46.52 16.27
C VAL D 6 25.93 -47.83 16.98
N SER D 7 26.38 -47.93 18.23
CA SER D 7 26.08 -49.08 19.07
C SER D 7 24.62 -49.12 19.49
N ASN D 8 24.14 -48.01 20.03
CA ASN D 8 22.75 -47.93 20.50
C ASN D 8 21.80 -47.60 19.36
N ARG D 9 21.59 -48.56 18.48
CA ARG D 9 20.79 -48.36 17.28
C ARG D 9 19.52 -49.23 17.30
N ASP D 10 18.37 -48.60 17.13
CA ASP D 10 17.10 -49.32 17.10
C ASP D 10 16.54 -49.39 15.69
N PHE D 11 15.90 -50.50 15.36
CA PHE D 11 15.24 -50.67 14.07
C PHE D 11 13.72 -50.68 14.24
N VAL D 12 13.07 -49.62 13.81
CA VAL D 12 11.63 -49.49 13.99
C VAL D 12 10.88 -49.83 12.70
N GLU D 13 9.79 -50.58 12.83
CA GLU D 13 9.03 -50.99 11.66
C GLU D 13 7.61 -50.41 11.62
N GLY D 14 7.18 -50.00 10.43
CA GLY D 14 5.83 -49.51 10.22
C GLY D 14 4.96 -50.56 9.57
N MET D 15 3.71 -50.21 9.31
CA MET D 15 2.75 -51.17 8.75
C MET D 15 2.46 -50.93 7.27
N SER D 16 1.26 -51.34 6.84
CA SER D 16 0.84 -51.28 5.43
C SER D 16 1.08 -49.99 4.63
N GLY D 17 0.44 -48.91 5.08
CA GLY D 17 0.67 -47.56 4.57
C GLY D 17 0.28 -46.58 5.66
N GLY D 18 0.70 -46.90 6.87
CA GLY D 18 0.25 -46.19 8.05
C GLY D 18 0.69 -44.74 8.09
N THR D 19 0.41 -44.10 9.22
CA THR D 19 0.63 -42.67 9.35
C THR D 19 1.63 -42.31 10.44
N TRP D 20 1.62 -43.04 11.54
CA TRP D 20 2.47 -42.70 12.67
C TRP D 20 3.38 -43.85 13.09
N VAL D 21 4.62 -43.53 13.45
CA VAL D 21 5.46 -44.49 14.17
C VAL D 21 6.10 -43.81 15.38
N ASP D 22 6.25 -44.55 16.47
CA ASP D 22 6.84 -44.00 17.69
C ASP D 22 8.33 -44.29 17.77
N VAL D 23 9.12 -43.27 18.08
CA VAL D 23 10.55 -43.46 18.28
C VAL D 23 11.01 -42.87 19.62
N VAL D 24 12.16 -43.34 20.10
CA VAL D 24 12.79 -42.77 21.27
C VAL D 24 14.22 -42.40 20.91
N LEU D 25 14.48 -41.10 20.85
CA LEU D 25 15.79 -40.61 20.48
C LEU D 25 16.64 -40.34 21.71
N GLU D 26 17.79 -41.02 21.79
CA GLU D 26 18.74 -40.75 22.86
C GLU D 26 20.03 -40.20 22.27
N HIS D 27 20.73 -39.39 23.05
CA HIS D 27 21.97 -38.78 22.59
C HIS D 27 22.98 -39.85 22.24
N GLY D 28 23.71 -39.64 21.15
CA GLY D 28 24.74 -40.58 20.74
C GLY D 28 24.20 -41.75 19.95
N GLY D 29 23.00 -42.20 20.31
CA GLY D 29 22.35 -43.28 19.60
C GLY D 29 21.71 -42.85 18.30
N CYS D 30 20.91 -43.74 17.73
CA CYS D 30 20.25 -43.47 16.46
C CYS D 30 19.07 -44.42 16.23
N VAL D 31 18.17 -44.04 15.34
CA VAL D 31 17.01 -44.86 15.01
C VAL D 31 16.86 -45.02 13.51
N THR D 32 16.89 -46.27 13.04
CA THR D 32 16.60 -46.54 11.64
C THR D 32 15.15 -46.95 11.48
N VAL D 33 14.37 -46.07 10.86
CA VAL D 33 12.95 -46.29 10.65
C VAL D 33 12.68 -46.87 9.26
N MET D 34 12.12 -48.07 9.25
CA MET D 34 11.77 -48.77 8.03
C MET D 34 10.26 -48.99 7.96
N ALA D 35 9.58 -48.24 7.10
CA ALA D 35 8.15 -48.39 6.94
C ALA D 35 7.87 -49.06 5.60
N GLN D 36 6.97 -50.02 5.61
CA GLN D 36 6.63 -50.77 4.40
C GLN D 36 6.23 -49.81 3.28
N ASP D 37 6.86 -49.97 2.13
CA ASP D 37 6.65 -49.12 0.97
C ASP D 37 6.98 -47.66 1.26
N LYS D 38 8.00 -47.45 2.07
CA LYS D 38 8.51 -46.10 2.34
C LYS D 38 10.02 -46.09 2.26
N PRO D 39 10.63 -44.92 2.00
CA PRO D 39 12.09 -44.89 2.09
C PRO D 39 12.52 -45.06 3.53
N THR D 40 13.68 -45.68 3.73
CA THR D 40 14.21 -45.87 5.07
C THR D 40 14.82 -44.56 5.56
N VAL D 41 14.43 -44.12 6.74
CA VAL D 41 14.92 -42.84 7.26
C VAL D 41 15.60 -42.97 8.61
N ASP D 42 16.72 -42.28 8.77
CA ASP D 42 17.48 -42.33 10.01
C ASP D 42 17.26 -41.07 10.84
N ILE D 43 16.73 -41.26 12.04
CA ILE D 43 16.46 -40.16 12.95
C ILE D 43 17.45 -40.20 14.11
N GLU D 44 18.12 -39.08 14.40
CA GLU D 44 18.98 -39.04 15.58
C GLU D 44 19.08 -37.67 16.25
N LEU D 45 18.91 -37.65 17.56
CA LEU D 45 19.06 -36.44 18.36
C LEU D 45 20.53 -36.07 18.47
N VAL D 46 20.90 -34.91 17.94
CA VAL D 46 22.31 -34.55 17.84
C VAL D 46 22.74 -33.48 18.86
N THR D 47 21.84 -32.57 19.23
CA THR D 47 22.21 -31.53 20.17
C THR D 47 21.10 -31.03 21.08
N THR D 48 21.22 -31.36 22.37
CA THR D 48 20.44 -30.70 23.40
C THR D 48 21.26 -29.54 23.92
N THR D 49 20.72 -28.33 23.87
CA THR D 49 21.48 -27.16 24.31
C THR D 49 20.63 -26.18 25.14
N VAL D 50 21.24 -25.65 26.21
CA VAL D 50 20.58 -24.73 27.11
C VAL D 50 21.10 -23.31 26.96
N SER D 51 20.28 -22.32 27.32
CA SER D 51 20.65 -20.92 27.19
C SER D 51 19.78 -20.02 28.07
N ASN D 52 20.32 -18.85 28.42
CA ASN D 52 19.63 -17.87 29.26
C ASN D 52 18.98 -18.47 30.50
N MET D 53 19.73 -19.27 31.24
CA MET D 53 19.26 -19.84 32.48
C MET D 53 19.41 -18.83 33.61
N ALA D 54 18.36 -18.68 34.40
CA ALA D 54 18.39 -17.78 35.55
C ALA D 54 19.18 -18.41 36.68
N GLU D 55 20.11 -17.64 37.24
CA GLU D 55 20.87 -18.09 38.40
C GLU D 55 19.96 -18.24 39.60
N VAL D 56 20.25 -19.22 40.44
CA VAL D 56 19.46 -19.47 41.63
C VAL D 56 20.28 -19.22 42.89
N ARG D 57 21.49 -19.77 42.91
CA ARG D 57 22.36 -19.70 44.07
C ARG D 57 23.81 -20.01 43.70
N SER D 58 24.73 -19.22 44.22
CA SER D 58 26.15 -19.50 44.04
C SER D 58 26.77 -19.98 45.35
N TYR D 59 27.79 -20.82 45.25
CA TYR D 59 28.55 -21.27 46.42
C TYR D 59 30.00 -20.86 46.30
N CYS D 60 30.58 -20.37 47.40
CA CYS D 60 32.00 -20.04 47.40
C CYS D 60 32.80 -21.25 47.85
N TYR D 61 33.76 -21.65 47.02
CA TYR D 61 34.61 -22.79 47.33
C TYR D 61 36.04 -22.36 47.58
N GLU D 62 36.27 -21.05 47.54
CA GLU D 62 37.56 -20.48 47.93
C GLU D 62 37.39 -19.05 48.43
N ALA D 63 37.50 -18.88 49.74
CA ALA D 63 37.38 -17.57 50.35
C ALA D 63 38.71 -17.12 50.96
N SER D 64 38.89 -15.81 51.08
CA SER D 64 40.09 -15.27 51.69
C SER D 64 39.72 -14.21 52.72
N ILE D 65 40.32 -14.32 53.91
CA ILE D 65 40.10 -13.34 54.97
C ILE D 65 41.29 -12.40 55.11
N SER D 66 41.04 -11.23 55.65
CA SER D 66 42.10 -10.23 55.82
C SER D 66 41.79 -9.26 56.96
N ASP D 67 42.84 -8.89 57.69
CA ASP D 67 42.75 -7.90 58.76
C ASP D 67 41.68 -8.27 59.79
N MET D 68 41.96 -9.30 60.58
CA MET D 68 41.06 -9.72 61.65
C MET D 68 41.14 -8.77 62.84
N ALA D 69 40.19 -8.86 63.75
CA ALA D 69 40.17 -8.00 64.93
C ALA D 69 39.57 -8.72 66.13
N SER D 70 40.26 -8.67 67.26
CA SER D 70 39.79 -9.33 68.48
C SER D 70 39.51 -8.31 69.59
N ASP D 71 38.60 -8.67 70.49
CA ASP D 71 38.36 -7.85 71.68
C ASP D 71 38.03 -8.71 72.90
N SER D 72 38.74 -8.45 74.00
CA SER D 72 38.55 -9.22 75.22
C SER D 72 38.17 -8.34 76.39
N ARG D 73 37.30 -8.86 77.26
CA ARG D 73 36.89 -8.16 78.46
C ARG D 73 37.07 -9.04 79.68
N CYS D 74 37.62 -8.44 80.75
CA CYS D 74 37.78 -9.12 82.02
C CYS D 74 36.44 -9.62 82.56
N PRO D 75 36.47 -10.63 83.45
CA PRO D 75 35.22 -11.05 84.10
C PRO D 75 34.56 -9.88 84.81
N THR D 76 33.23 -9.83 84.75
CA THR D 76 32.42 -8.75 85.33
C THR D 76 32.63 -7.40 84.63
N GLN D 77 33.45 -7.37 83.59
CA GLN D 77 33.65 -6.15 82.83
C GLN D 77 32.77 -6.15 81.59
N GLY D 78 31.73 -6.97 81.62
CA GLY D 78 30.74 -7.00 80.57
C GLY D 78 31.18 -7.75 79.31
N GLU D 79 30.32 -7.70 78.30
CA GLU D 79 30.58 -8.37 77.03
C GLU D 79 31.65 -7.66 76.22
N ALA D 80 32.16 -8.34 75.20
CA ALA D 80 33.11 -7.73 74.28
C ALA D 80 32.35 -7.19 73.06
N TYR D 81 32.93 -6.21 72.38
CA TYR D 81 32.28 -5.60 71.24
C TYR D 81 33.28 -5.03 70.24
N LEU D 82 32.97 -5.19 68.96
CA LEU D 82 33.74 -4.58 67.90
C LEU D 82 32.81 -3.79 66.97
N ASP D 83 33.33 -2.72 66.39
CA ASP D 83 32.53 -1.91 65.47
C ASP D 83 32.25 -2.71 64.20
N LYS D 84 33.20 -3.57 63.85
CA LYS D 84 33.06 -4.42 62.68
C LYS D 84 32.44 -5.76 63.08
N GLN D 85 31.40 -5.70 63.90
CA GLN D 85 30.70 -6.89 64.38
C GLN D 85 29.33 -7.00 63.71
N SER D 86 29.01 -5.99 62.91
CA SER D 86 27.75 -5.96 62.19
C SER D 86 27.97 -5.94 60.68
N ASP D 87 29.07 -5.32 60.26
CA ASP D 87 29.48 -5.30 58.86
C ASP D 87 29.54 -6.74 58.34
N THR D 88 28.65 -7.08 57.42
CA THR D 88 28.50 -8.44 56.93
C THR D 88 29.74 -8.93 56.18
N GLN D 89 30.57 -7.97 55.76
CA GLN D 89 31.89 -8.29 55.22
C GLN D 89 32.70 -9.02 56.28
N TYR D 90 32.40 -8.72 57.54
CA TYR D 90 33.06 -9.33 58.68
C TYR D 90 32.21 -10.46 59.29
N VAL D 91 32.84 -11.60 59.53
CA VAL D 91 32.18 -12.70 60.25
C VAL D 91 32.83 -12.84 61.64
N CYS D 92 32.02 -13.12 62.65
CA CYS D 92 32.49 -13.06 64.03
C CYS D 92 32.24 -14.32 64.87
N LYS D 93 32.88 -14.38 66.03
CA LYS D 93 32.67 -15.44 67.00
C LYS D 93 32.94 -14.98 68.43
N ARG D 94 32.01 -15.33 69.32
CA ARG D 94 32.12 -15.07 70.76
C ARG D 94 32.57 -16.33 71.47
N THR D 95 33.22 -16.16 72.62
CA THR D 95 33.64 -17.29 73.44
C THR D 95 34.07 -16.81 74.82
N LEU D 96 34.20 -17.76 75.75
CA LEU D 96 34.70 -17.46 77.09
C LEU D 96 36.10 -18.00 77.25
N VAL D 97 37.00 -17.15 77.75
CA VAL D 97 38.39 -17.56 77.94
C VAL D 97 38.77 -17.42 79.41
N ASP D 98 39.91 -17.99 79.80
CA ASP D 98 40.35 -17.92 81.19
C ASP D 98 41.15 -16.66 81.47
N ARG D 99 40.71 -15.89 82.46
CA ARG D 99 41.38 -14.66 82.86
C ARG D 99 41.78 -14.71 84.32
N GLY D 100 42.66 -13.79 84.72
CA GLY D 100 43.13 -13.72 86.09
C GLY D 100 44.16 -12.62 86.27
N TRP D 101 44.94 -12.72 87.34
CA TRP D 101 45.97 -11.72 87.61
C TRP D 101 47.05 -11.72 86.54
N GLY D 102 47.28 -12.88 85.95
CA GLY D 102 48.31 -13.04 84.94
C GLY D 102 48.07 -12.18 83.71
N ASN D 103 46.81 -11.99 83.34
CA ASN D 103 46.48 -11.23 82.15
C ASN D 103 45.66 -9.97 82.44
N GLY D 104 46.00 -9.30 83.54
CA GLY D 104 45.45 -7.99 83.85
C GLY D 104 44.00 -7.97 84.27
N CYS D 105 43.57 -9.00 84.99
CA CYS D 105 42.19 -9.05 85.48
C CYS D 105 42.13 -9.09 86.99
N GLY D 106 41.10 -8.45 87.55
CA GLY D 106 40.94 -8.33 88.98
C GLY D 106 40.82 -9.65 89.71
N LEU D 107 40.15 -10.62 89.09
CA LEU D 107 39.95 -11.91 89.72
C LEU D 107 39.86 -13.04 88.70
N PHE D 108 40.32 -14.22 89.13
CA PHE D 108 40.45 -15.38 88.26
C PHE D 108 39.10 -15.95 87.87
N GLY D 109 38.82 -15.97 86.57
CA GLY D 109 37.56 -16.49 86.09
C GLY D 109 37.43 -16.53 84.58
N LYS D 110 36.24 -16.17 84.09
CA LYS D 110 35.93 -16.22 82.67
C LYS D 110 35.76 -14.84 82.07
N GLY D 111 36.60 -14.53 81.09
CA GLY D 111 36.49 -13.28 80.37
C GLY D 111 35.80 -13.47 79.03
N SER D 112 35.13 -12.41 78.58
CA SER D 112 34.46 -12.43 77.28
C SER D 112 35.48 -12.21 76.17
N LEU D 113 35.29 -12.89 75.04
CA LEU D 113 36.22 -12.74 73.92
C LEU D 113 35.47 -12.80 72.60
N VAL D 114 35.78 -11.87 71.71
CA VAL D 114 35.16 -11.87 70.38
C VAL D 114 36.24 -11.69 69.32
N THR D 115 36.01 -12.28 68.14
CA THR D 115 36.95 -12.11 67.04
C THR D 115 36.19 -12.00 65.72
N CYS D 116 36.68 -11.16 64.80
CA CYS D 116 36.03 -10.94 63.52
C CYS D 116 37.02 -10.92 62.36
N ALA D 117 36.53 -11.24 61.16
CA ALA D 117 37.40 -11.24 59.97
C ALA D 117 36.67 -10.83 58.70
N LYS D 118 37.36 -10.06 57.85
CA LYS D 118 36.84 -9.66 56.55
C LYS D 118 36.63 -10.85 55.62
N PHE D 119 35.41 -11.05 55.15
CA PHE D 119 35.11 -12.20 54.31
C PHE D 119 35.03 -11.84 52.82
N ALA D 120 35.98 -12.36 52.04
CA ALA D 120 35.96 -12.19 50.59
C ALA D 120 35.69 -13.52 49.92
N CYS D 121 35.59 -13.51 48.59
CA CYS D 121 35.40 -14.75 47.83
C CYS D 121 36.21 -14.74 46.55
N SER D 122 37.26 -15.57 46.52
CA SER D 122 38.13 -15.65 45.35
C SER D 122 37.38 -16.24 44.16
N LYS D 123 36.87 -17.45 44.33
CA LYS D 123 36.18 -18.16 43.25
C LYS D 123 34.87 -18.76 43.73
N LYS D 124 33.90 -18.87 42.83
CA LYS D 124 32.61 -19.45 43.18
C LYS D 124 32.05 -20.29 42.04
N MET D 125 31.09 -21.15 42.38
CA MET D 125 30.36 -21.93 41.41
C MET D 125 28.92 -21.48 41.43
N THR D 126 28.20 -21.66 40.33
CA THR D 126 26.82 -21.19 40.26
C THR D 126 25.86 -22.30 39.83
N GLY D 127 24.73 -22.39 40.52
CA GLY D 127 23.68 -23.31 40.12
C GLY D 127 22.57 -22.56 39.40
N LYS D 128 22.31 -22.93 38.14
CA LYS D 128 21.31 -22.23 37.35
C LYS D 128 20.03 -23.05 37.18
N SER D 129 18.93 -22.33 36.91
CA SER D 129 17.62 -22.96 36.75
C SER D 129 17.36 -23.38 35.32
N ILE D 130 16.91 -24.62 35.13
CA ILE D 130 16.64 -25.14 33.80
C ILE D 130 15.15 -25.14 33.48
N GLN D 131 14.71 -24.11 32.75
CA GLN D 131 13.32 -23.98 32.32
C GLN D 131 13.16 -24.38 30.86
N PRO D 132 11.95 -24.80 30.47
CA PRO D 132 11.64 -25.14 29.08
C PRO D 132 12.05 -24.07 28.07
N GLU D 133 12.08 -22.81 28.48
CA GLU D 133 12.45 -21.72 27.56
C GLU D 133 13.92 -21.76 27.20
N ASN D 134 14.70 -22.51 27.98
CA ASN D 134 16.13 -22.60 27.80
C ASN D 134 16.53 -23.76 26.89
N LEU D 135 15.63 -24.74 26.83
CA LEU D 135 15.89 -26.00 26.15
C LEU D 135 15.69 -25.90 24.65
N GLU D 136 16.63 -26.46 23.89
CA GLU D 136 16.46 -26.56 22.45
C GLU D 136 17.17 -27.79 21.89
N TYR D 137 16.37 -28.76 21.44
CA TYR D 137 16.86 -29.99 20.83
C TYR D 137 17.03 -29.83 19.33
N ARG D 138 17.98 -30.56 18.75
CA ARG D 138 18.17 -30.58 17.31
C ARG D 138 18.22 -32.00 16.79
N ILE D 139 17.29 -32.33 15.90
CA ILE D 139 17.19 -33.67 15.36
C ILE D 139 17.66 -33.71 13.91
N MET D 140 18.39 -34.77 13.57
CA MET D 140 18.85 -34.97 12.20
C MET D 140 18.12 -36.13 11.52
N LEU D 141 17.72 -35.91 10.28
CA LEU D 141 16.97 -36.89 9.50
C LEU D 141 17.72 -37.24 8.22
N SER D 142 17.86 -38.52 7.90
CA SER D 142 18.59 -38.89 6.69
C SER D 142 18.07 -40.14 5.97
N VAL D 143 17.59 -39.94 4.75
CA VAL D 143 17.19 -41.05 3.88
C VAL D 143 18.43 -41.88 3.52
N HIS D 144 18.26 -43.19 3.39
CA HIS D 144 19.37 -44.11 3.18
C HIS D 144 19.99 -44.22 1.77
N GLY D 145 19.55 -43.36 0.86
CA GLY D 145 20.06 -43.40 -0.50
C GLY D 145 20.61 -42.12 -1.11
N SER D 146 21.79 -41.68 -0.66
CA SER D 146 22.54 -40.66 -1.37
C SER D 146 23.81 -40.95 -2.17
N GLN D 147 24.94 -40.54 -1.59
CA GLN D 147 26.23 -40.45 -2.26
C GLN D 147 27.38 -40.76 -1.29
N ASN D 154 30.47 -38.39 6.46
CA ASN D 154 30.29 -39.08 7.74
C ASN D 154 29.97 -38.11 8.87
N ASP D 155 30.15 -36.81 8.60
CA ASP D 155 29.81 -35.74 9.56
C ASP D 155 28.55 -34.97 9.13
N THR D 156 28.71 -33.68 8.79
CA THR D 156 27.60 -32.87 8.31
C THR D 156 27.94 -31.99 7.10
N GLY D 157 27.08 -32.03 6.08
CA GLY D 157 27.19 -31.19 4.90
C GLY D 157 25.81 -31.16 4.23
N HIS D 158 24.81 -30.90 5.06
CA HIS D 158 23.42 -31.22 4.76
C HIS D 158 22.57 -30.05 4.27
N GLU D 159 23.20 -28.90 4.07
CA GLU D 159 22.46 -27.73 3.59
C GLU D 159 21.97 -28.02 2.17
N THR D 160 22.87 -28.52 1.33
CA THR D 160 22.47 -29.07 0.04
C THR D 160 21.98 -30.47 0.34
N ASP D 161 22.05 -31.37 -0.64
CA ASP D 161 21.54 -32.73 -0.50
C ASP D 161 20.03 -32.66 -0.24
N GLU D 162 19.36 -33.79 -0.30
CA GLU D 162 17.92 -33.78 -0.02
C GLU D 162 17.58 -34.91 0.92
N ASN D 163 18.43 -35.93 0.94
CA ASN D 163 18.23 -37.05 1.83
C ASN D 163 18.43 -36.64 3.27
N ARG D 164 19.24 -35.60 3.48
CA ARG D 164 19.53 -35.12 4.82
C ARG D 164 18.82 -33.80 5.13
N ALA D 165 18.28 -33.71 6.34
CA ALA D 165 17.61 -32.52 6.82
C ALA D 165 17.85 -32.34 8.32
N LYS D 166 17.75 -31.10 8.77
CA LYS D 166 17.90 -30.77 10.18
C LYS D 166 16.64 -30.08 10.69
N VAL D 167 16.21 -30.42 11.89
CA VAL D 167 15.08 -29.69 12.50
C VAL D 167 15.42 -29.29 13.92
N GLU D 168 14.83 -28.19 14.37
CA GLU D 168 14.98 -27.77 15.76
C GLU D 168 13.64 -27.85 16.48
N ILE D 169 13.69 -28.35 17.72
CA ILE D 169 12.51 -28.60 18.53
C ILE D 169 12.69 -27.99 19.92
N THR D 170 11.74 -27.19 20.38
CA THR D 170 11.77 -26.68 21.74
C THR D 170 10.61 -27.29 22.52
N PRO D 171 10.67 -27.25 23.86
CA PRO D 171 9.52 -27.71 24.64
C PRO D 171 8.25 -26.89 24.39
N ASN D 172 8.41 -25.64 24.01
CA ASN D 172 7.27 -24.80 23.69
C ASN D 172 7.04 -24.70 22.18
N SER D 173 7.59 -25.66 21.45
CA SER D 173 7.36 -25.81 20.01
C SER D 173 7.80 -27.20 19.57
N PRO D 174 7.15 -28.25 20.12
CA PRO D 174 7.62 -29.63 20.00
C PRO D 174 7.34 -30.27 18.66
N ARG D 175 6.81 -29.51 17.70
CA ARG D 175 6.48 -30.06 16.41
C ARG D 175 7.31 -29.42 15.29
N ALA D 176 7.70 -30.24 14.33
CA ALA D 176 8.46 -29.75 13.19
C ALA D 176 8.20 -30.61 11.97
N GLU D 177 8.56 -30.09 10.80
CA GLU D 177 8.41 -30.81 9.54
C GLU D 177 9.68 -30.63 8.72
N ALA D 178 10.14 -31.71 8.09
CA ALA D 178 11.38 -31.66 7.33
C ALA D 178 11.20 -32.15 5.89
N THR D 179 11.38 -31.25 4.93
CA THR D 179 11.31 -31.63 3.52
C THR D 179 12.52 -32.47 3.12
N LEU D 180 12.27 -33.46 2.27
CA LEU D 180 13.32 -34.38 1.86
C LEU D 180 13.36 -34.55 0.35
N GLY D 181 13.18 -33.45 -0.37
CA GLY D 181 13.25 -33.45 -1.82
C GLY D 181 12.28 -34.43 -2.44
N GLY D 182 12.80 -35.30 -3.29
CA GLY D 182 12.00 -36.29 -3.99
C GLY D 182 11.41 -37.34 -3.08
N PHE D 183 11.84 -37.37 -1.83
CA PHE D 183 11.37 -38.36 -0.86
C PHE D 183 10.23 -37.83 0.00
N GLY D 184 9.72 -36.66 -0.37
CA GLY D 184 8.59 -36.08 0.33
C GLY D 184 8.97 -35.27 1.54
N SER D 185 8.36 -35.56 2.69
CA SER D 185 8.64 -34.83 3.92
C SER D 185 8.25 -35.63 5.15
N LEU D 186 8.98 -35.40 6.24
CA LEU D 186 8.71 -36.09 7.51
C LEU D 186 8.09 -35.17 8.54
N GLY D 187 7.27 -35.75 9.41
CA GLY D 187 6.64 -35.01 10.48
C GLY D 187 7.18 -35.45 11.83
N LEU D 188 7.33 -34.51 12.74
CA LEU D 188 7.92 -34.79 14.05
C LEU D 188 7.11 -34.15 15.18
N ASP D 189 6.63 -34.99 16.08
CA ASP D 189 5.91 -34.52 17.27
C ASP D 189 6.58 -35.07 18.53
N CYS D 190 7.52 -34.31 19.09
CA CYS D 190 8.35 -34.78 20.20
C CYS D 190 7.88 -34.28 21.56
N GLU D 191 7.54 -35.20 22.45
CA GLU D 191 7.14 -34.83 23.81
C GLU D 191 8.37 -34.44 24.64
N PRO D 192 8.40 -33.20 25.15
CA PRO D 192 9.52 -32.66 25.92
C PRO D 192 9.40 -32.87 27.43
N ARG D 193 8.21 -33.25 27.89
CA ARG D 193 7.99 -33.58 29.29
C ARG D 193 8.74 -34.85 29.66
N THR D 194 8.55 -35.90 28.86
CA THR D 194 9.18 -37.19 29.08
C THR D 194 10.65 -37.17 28.63
N GLY D 195 11.12 -35.99 28.24
CA GLY D 195 12.52 -35.81 27.90
C GLY D 195 13.39 -36.15 29.09
N LEU D 196 13.41 -35.26 30.08
CA LEU D 196 14.10 -35.54 31.33
C LEU D 196 13.61 -34.57 32.40
N ASP D 197 13.57 -35.04 33.64
CA ASP D 197 13.07 -34.24 34.75
C ASP D 197 14.03 -33.09 35.06
N PHE D 198 14.02 -32.09 34.20
CA PHE D 198 14.85 -30.90 34.41
C PHE D 198 14.18 -29.96 35.39
N SER D 199 12.99 -30.35 35.84
CA SER D 199 12.31 -29.66 36.94
C SER D 199 12.82 -30.23 38.27
N ASP D 200 13.80 -31.13 38.16
CA ASP D 200 14.45 -31.73 39.33
C ASP D 200 15.96 -31.66 39.16
N LEU D 201 16.44 -30.72 38.37
CA LEU D 201 17.87 -30.57 38.10
C LEU D 201 18.31 -29.11 37.97
N TYR D 202 19.49 -28.83 38.49
CA TYR D 202 20.17 -27.54 38.32
C TYR D 202 21.37 -27.69 37.38
N TYR D 203 21.72 -26.59 36.74
CA TYR D 203 22.88 -26.55 35.84
C TYR D 203 24.07 -25.89 36.54
N LEU D 204 25.01 -26.70 36.99
CA LEU D 204 26.13 -26.22 37.80
C LEU D 204 27.33 -25.81 36.96
N THR D 205 27.86 -24.63 37.26
CA THR D 205 29.01 -24.08 36.54
C THR D 205 30.13 -23.78 37.53
N MET D 206 31.27 -24.44 37.36
CA MET D 206 32.40 -24.24 38.25
C MET D 206 33.72 -24.19 37.50
N ASN D 207 34.18 -22.97 37.21
CA ASN D 207 35.48 -22.74 36.57
C ASN D 207 35.60 -23.43 35.21
N ASN D 208 34.77 -22.99 34.27
CA ASN D 208 34.73 -23.55 32.91
C ASN D 208 34.47 -25.06 32.90
N LYS D 209 33.73 -25.53 33.89
CA LYS D 209 33.34 -26.93 34.01
C LYS D 209 31.87 -26.99 34.40
N HIS D 210 31.06 -27.77 33.68
CA HIS D 210 29.62 -27.75 33.91
C HIS D 210 29.01 -29.14 34.11
N TRP D 211 27.98 -29.19 34.94
CA TRP D 211 27.32 -30.44 35.29
C TRP D 211 25.80 -30.27 35.41
N LEU D 212 25.09 -31.39 35.45
CA LEU D 212 23.69 -31.41 35.84
C LEU D 212 23.56 -32.08 37.19
N VAL D 213 23.06 -31.35 38.20
CA VAL D 213 22.99 -31.92 39.53
C VAL D 213 21.56 -31.91 40.08
N HIS D 214 21.27 -32.76 41.04
CA HIS D 214 19.93 -32.82 41.62
C HIS D 214 19.61 -31.57 42.44
N LYS D 215 18.37 -31.12 42.36
CA LYS D 215 17.94 -29.90 43.04
C LYS D 215 18.13 -29.97 44.56
N GLU D 216 18.06 -31.18 45.11
CA GLU D 216 18.17 -31.36 46.55
C GLU D 216 19.63 -31.43 46.97
N TRP D 217 20.42 -32.19 46.21
CA TRP D 217 21.84 -32.32 46.50
C TRP D 217 22.55 -30.97 46.45
N PHE D 218 22.06 -30.08 45.59
CA PHE D 218 22.63 -28.76 45.44
C PHE D 218 22.32 -27.88 46.64
N HIS D 219 21.18 -28.11 47.27
CA HIS D 219 20.77 -27.33 48.43
C HIS D 219 21.44 -27.81 49.72
N ASP D 220 22.03 -29.00 49.67
CA ASP D 220 22.67 -29.59 50.84
C ASP D 220 24.18 -29.33 50.86
N ILE D 221 24.67 -28.53 49.91
CA ILE D 221 26.08 -28.21 49.84
C ILE D 221 26.52 -27.35 51.01
N PRO D 222 27.51 -27.83 51.78
CA PRO D 222 28.03 -27.13 52.96
C PRO D 222 29.07 -26.06 52.61
N LEU D 223 28.64 -25.00 51.96
CA LEU D 223 29.53 -23.90 51.58
C LEU D 223 28.77 -22.56 51.64
N PRO D 224 29.52 -21.45 51.77
CA PRO D 224 28.89 -20.12 51.79
C PRO D 224 28.11 -19.86 50.50
N TRP D 225 27.03 -19.10 50.58
CA TRP D 225 26.14 -18.96 49.43
C TRP D 225 25.27 -17.69 49.42
N HIS D 226 24.97 -17.20 48.22
CA HIS D 226 24.02 -16.10 48.05
C HIS D 226 22.92 -16.48 47.08
N ALA D 227 22.21 -15.49 46.55
CA ALA D 227 21.16 -15.72 45.56
C ALA D 227 21.35 -14.79 44.35
N GLY D 228 21.04 -15.29 43.15
CA GLY D 228 21.23 -14.52 41.94
C GLY D 228 22.70 -14.22 41.71
N ALA D 229 23.01 -12.99 41.30
CA ALA D 229 24.40 -12.54 41.19
C ALA D 229 24.46 -11.04 40.95
N ASP D 230 24.19 -10.26 41.98
CA ASP D 230 24.18 -8.80 41.85
C ASP D 230 25.59 -8.26 41.66
N THR D 231 25.68 -7.07 41.07
CA THR D 231 26.98 -6.46 40.75
C THR D 231 27.75 -6.11 42.01
N GLY D 232 29.04 -5.89 41.87
CA GLY D 232 29.89 -5.49 42.97
C GLY D 232 29.99 -6.54 44.06
N THR D 233 29.49 -6.21 45.24
CA THR D 233 29.58 -7.10 46.39
C THR D 233 28.21 -7.53 46.90
N PRO D 234 27.98 -8.86 46.96
CA PRO D 234 26.74 -9.42 47.50
C PRO D 234 26.84 -9.69 49.00
N HIS D 235 25.90 -10.45 49.54
CA HIS D 235 25.96 -10.86 50.92
C HIS D 235 25.99 -12.38 51.03
N TRP D 236 27.12 -12.88 51.51
CA TRP D 236 27.31 -14.32 51.66
C TRP D 236 26.69 -14.86 52.94
N ASN D 237 25.87 -15.90 52.79
CA ASN D 237 25.31 -16.62 53.93
C ASN D 237 26.22 -17.74 54.36
N ASN D 238 26.16 -18.10 55.66
CA ASN D 238 26.94 -19.20 56.21
C ASN D 238 28.42 -19.18 55.84
N LYS D 239 29.15 -18.20 56.35
CA LYS D 239 30.57 -18.05 56.06
C LYS D 239 31.40 -19.03 56.90
N GLU D 240 30.74 -19.66 57.87
CA GLU D 240 31.42 -20.56 58.80
C GLU D 240 31.96 -21.81 58.12
N ALA D 241 31.48 -22.09 56.92
CA ALA D 241 31.87 -23.30 56.20
C ALA D 241 33.31 -23.23 55.71
N LEU D 242 33.84 -22.02 55.62
CA LEU D 242 35.20 -21.83 55.11
C LEU D 242 36.12 -21.15 56.11
N VAL D 243 35.52 -20.43 57.05
CA VAL D 243 36.31 -19.70 58.04
C VAL D 243 36.17 -20.32 59.43
N GLU D 244 37.31 -20.75 59.99
CA GLU D 244 37.27 -21.36 61.32
C GLU D 244 38.20 -20.65 62.31
N PHE D 245 37.84 -20.75 63.58
CA PHE D 245 38.56 -20.08 64.66
C PHE D 245 39.30 -21.09 65.55
N LYS D 246 40.62 -20.94 65.61
CA LYS D 246 41.42 -21.84 66.45
C LYS D 246 41.58 -21.36 67.87
N ASP D 247 42.43 -22.08 68.62
CA ASP D 247 42.60 -21.93 70.06
C ASP D 247 42.72 -20.47 70.47
N ALA D 248 41.86 -20.09 71.41
CA ALA D 248 41.75 -18.71 71.85
C ALA D 248 42.62 -18.42 73.07
N HIS D 249 43.25 -17.25 73.04
CA HIS D 249 44.03 -16.78 74.18
C HIS D 249 43.24 -15.75 74.97
N ALA D 250 43.92 -15.08 75.89
CA ALA D 250 43.27 -14.09 76.74
C ALA D 250 42.75 -12.90 75.94
N LYS D 251 43.54 -12.43 74.99
CA LYS D 251 43.22 -11.20 74.27
C LYS D 251 42.91 -11.42 72.79
N ARG D 252 43.49 -12.46 72.19
CA ARG D 252 43.30 -12.69 70.76
C ARG D 252 42.84 -14.11 70.45
N GLN D 253 42.66 -14.38 69.16
CA GLN D 253 42.12 -15.65 68.69
C GLN D 253 42.39 -15.80 67.19
N THR D 254 43.33 -16.69 66.84
CA THR D 254 43.73 -16.88 65.45
C THR D 254 42.57 -17.37 64.59
N VAL D 255 42.42 -16.75 63.41
CA VAL D 255 41.37 -17.11 62.46
C VAL D 255 42.00 -17.61 61.16
N VAL D 256 41.45 -18.69 60.62
CA VAL D 256 42.03 -19.29 59.42
C VAL D 256 40.96 -19.70 58.41
N VAL D 257 41.25 -19.46 57.13
CA VAL D 257 40.39 -19.93 56.05
C VAL D 257 40.77 -21.34 55.62
N LEU D 258 39.78 -22.12 55.22
CA LEU D 258 40.02 -23.44 54.68
C LEU D 258 40.62 -23.33 53.28
N GLY D 259 41.23 -24.42 52.80
CA GLY D 259 41.77 -24.44 51.46
C GLY D 259 40.67 -24.44 50.42
N SER D 260 41.04 -24.31 49.16
CA SER D 260 40.07 -24.34 48.07
C SER D 260 39.34 -25.68 48.05
N GLN D 261 38.02 -25.62 47.96
CA GLN D 261 37.20 -26.82 47.99
C GLN D 261 36.86 -27.30 46.57
N GLU D 262 37.63 -26.83 45.60
CA GLU D 262 37.43 -27.20 44.20
C GLU D 262 37.49 -28.71 44.03
N GLY D 263 38.60 -29.30 44.45
CA GLY D 263 38.81 -30.74 44.31
C GLY D 263 37.77 -31.58 45.03
N ALA D 264 37.29 -31.07 46.17
CA ALA D 264 36.30 -31.78 46.95
C ALA D 264 34.98 -31.85 46.19
N VAL D 265 34.61 -30.74 45.56
CA VAL D 265 33.40 -30.68 44.77
C VAL D 265 33.55 -31.55 43.52
N HIS D 266 34.73 -31.48 42.88
CA HIS D 266 35.06 -32.37 41.77
C HIS D 266 34.85 -33.83 42.14
N THR D 267 35.21 -34.18 43.38
CA THR D 267 35.03 -35.54 43.88
C THR D 267 33.57 -35.88 44.12
N ALA D 268 32.84 -34.96 44.75
CA ALA D 268 31.42 -35.18 45.02
C ALA D 268 30.61 -35.31 43.74
N LEU D 269 31.15 -34.81 42.63
CA LEU D 269 30.49 -34.87 41.34
C LEU D 269 31.00 -36.06 40.51
N ALA D 270 30.99 -37.23 41.13
CA ALA D 270 31.50 -38.43 40.47
C ALA D 270 30.56 -38.90 39.35
N GLY D 271 29.35 -39.29 39.72
CA GLY D 271 28.39 -39.83 38.78
C GLY D 271 27.43 -38.80 38.22
N ALA D 272 27.84 -37.55 38.23
CA ALA D 272 27.00 -36.46 37.71
C ALA D 272 27.06 -36.41 36.20
N LEU D 273 25.96 -35.98 35.58
CA LEU D 273 25.92 -35.74 34.15
C LEU D 273 26.80 -34.52 33.84
N GLU D 274 27.59 -34.60 32.77
CA GLU D 274 28.48 -33.50 32.44
C GLU D 274 27.93 -32.68 31.26
N ALA D 275 28.26 -31.40 31.22
CA ALA D 275 27.81 -30.52 30.14
C ALA D 275 28.98 -29.81 29.47
N GLU D 276 28.89 -29.66 28.15
CA GLU D 276 29.88 -28.91 27.40
C GLU D 276 29.59 -27.42 27.45
N MET D 277 30.64 -26.62 27.42
CA MET D 277 30.50 -25.17 27.49
C MET D 277 30.78 -24.53 26.14
N ASP D 278 29.81 -23.77 25.65
CA ASP D 278 29.95 -23.05 24.38
C ASP D 278 29.56 -21.61 24.57
N GLY D 279 30.47 -20.82 25.12
CA GLY D 279 30.19 -19.43 25.42
C GLY D 279 29.07 -19.30 26.44
N ALA D 280 28.04 -18.55 26.07
CA ALA D 280 26.89 -18.36 26.95
C ALA D 280 25.92 -19.54 26.87
N LYS D 281 26.15 -20.44 25.91
CA LYS D 281 25.30 -21.61 25.75
C LYS D 281 25.90 -22.82 26.45
N GLY D 282 25.03 -23.63 27.06
CA GLY D 282 25.43 -24.93 27.58
C GLY D 282 25.00 -25.99 26.59
N ARG D 283 25.63 -27.16 26.64
CA ARG D 283 25.41 -28.17 25.62
C ARG D 283 25.48 -29.58 26.21
N LEU D 284 24.31 -30.17 26.46
CA LEU D 284 24.22 -31.47 27.11
C LEU D 284 24.50 -32.63 26.17
N SER D 285 24.58 -33.83 26.74
CA SER D 285 24.69 -35.06 25.98
C SER D 285 23.93 -36.17 26.71
N SER D 286 22.92 -35.77 27.46
CA SER D 286 22.02 -36.71 28.12
C SER D 286 20.66 -36.67 27.43
N GLY D 287 20.50 -37.50 26.41
CA GLY D 287 19.35 -37.43 25.55
C GLY D 287 18.22 -38.38 25.87
N HIS D 288 17.01 -37.93 25.57
CA HIS D 288 15.80 -38.73 25.68
C HIS D 288 14.65 -37.92 25.11
N LEU D 289 14.03 -38.41 24.03
CA LEU D 289 12.86 -37.77 23.45
C LEU D 289 11.93 -38.81 22.88
N LYS D 290 10.71 -38.86 23.40
CA LYS D 290 9.70 -39.72 22.79
C LYS D 290 8.99 -38.95 21.68
N CYS D 291 9.19 -39.39 20.44
CA CYS D 291 8.68 -38.69 19.28
C CYS D 291 7.67 -39.50 18.48
N ARG D 292 6.77 -38.77 17.84
CA ARG D 292 5.78 -39.34 16.95
C ARG D 292 6.12 -38.90 15.52
N LEU D 293 6.60 -39.84 14.72
CA LEU D 293 6.93 -39.59 13.32
C LEU D 293 5.71 -39.73 12.44
N LYS D 294 5.34 -38.63 11.77
CA LYS D 294 4.27 -38.62 10.77
C LYS D 294 4.86 -38.92 9.41
N MET D 295 4.33 -39.93 8.73
CA MET D 295 5.02 -40.49 7.57
C MET D 295 4.24 -40.49 6.26
N ASP D 296 2.98 -40.04 6.29
CA ASP D 296 2.15 -40.14 5.10
C ASP D 296 2.63 -39.25 3.95
N LYS D 297 3.35 -38.18 4.27
CA LYS D 297 3.87 -37.29 3.23
C LYS D 297 5.24 -37.74 2.74
N LEU D 298 5.72 -38.87 3.28
CA LEU D 298 6.99 -39.45 2.85
C LEU D 298 6.75 -40.43 1.72
N ARG D 299 7.54 -40.33 0.66
CA ARG D 299 7.30 -41.16 -0.53
C ARG D 299 8.58 -41.72 -1.15
N LEU D 300 8.43 -42.82 -1.87
CA LEU D 300 9.55 -43.45 -2.58
C LEU D 300 10.01 -42.61 -3.76
N LYS D 301 11.31 -42.66 -4.06
CA LYS D 301 11.86 -41.99 -5.23
C LYS D 301 11.98 -43.00 -6.35
N GLY D 302 11.35 -42.72 -7.48
CA GLY D 302 11.45 -43.58 -8.65
C GLY D 302 10.87 -44.97 -8.43
N VAL D 303 9.57 -45.02 -8.15
CA VAL D 303 8.85 -46.28 -8.04
C VAL D 303 8.64 -46.86 -9.44
N SER D 304 8.89 -46.04 -10.45
CA SER D 304 8.66 -46.42 -11.84
C SER D 304 9.93 -46.42 -12.69
N TYR D 305 11.09 -46.32 -12.05
CA TYR D 305 12.38 -46.49 -12.74
C TYR D 305 12.51 -47.89 -13.32
N SER D 306 13.22 -48.03 -14.43
CA SER D 306 13.59 -49.34 -14.91
C SER D 306 14.75 -49.86 -14.07
N LEU D 307 15.00 -51.16 -14.11
CA LEU D 307 16.16 -51.72 -13.42
C LEU D 307 17.43 -51.27 -14.13
N CYS D 308 18.53 -51.20 -13.38
CA CYS D 308 19.82 -50.85 -13.94
C CYS D 308 20.38 -52.03 -14.75
N THR D 309 20.64 -51.78 -16.03
CA THR D 309 21.08 -52.83 -16.94
C THR D 309 22.60 -53.05 -16.90
N ALA D 310 23.34 -52.00 -16.57
CA ALA D 310 24.80 -52.05 -16.63
C ALA D 310 25.40 -52.83 -15.48
N ALA D 311 26.72 -52.84 -15.41
CA ALA D 311 27.44 -53.62 -14.43
C ALA D 311 27.72 -52.84 -13.15
N PHE D 312 27.47 -53.50 -12.02
CA PHE D 312 27.85 -52.98 -10.72
C PHE D 312 29.20 -53.59 -10.34
N THR D 313 30.01 -52.85 -9.61
CA THR D 313 31.25 -53.42 -9.06
C THR D 313 31.47 -52.98 -7.61
N PHE D 314 32.09 -53.83 -6.81
CA PHE D 314 32.43 -53.45 -5.45
C PHE D 314 33.58 -52.45 -5.44
N THR D 315 33.51 -51.49 -4.52
CA THR D 315 34.63 -50.57 -4.29
C THR D 315 35.22 -50.83 -2.91
N LYS D 316 34.38 -51.33 -2.01
CA LYS D 316 34.82 -51.78 -0.70
C LYS D 316 34.41 -53.23 -0.51
N ILE D 317 35.28 -54.02 0.11
CA ILE D 317 34.92 -55.39 0.45
C ILE D 317 33.89 -55.35 1.58
N PRO D 318 32.72 -55.97 1.36
CA PRO D 318 31.57 -55.97 2.26
C PRO D 318 31.93 -56.32 3.70
N ALA D 319 31.35 -55.59 4.65
CA ALA D 319 31.67 -55.77 6.06
C ALA D 319 30.42 -55.87 6.93
N GLU D 320 30.54 -56.56 8.05
CA GLU D 320 29.41 -56.78 8.95
C GLU D 320 29.37 -55.71 10.05
N THR D 321 28.20 -55.12 10.24
CA THR D 321 28.02 -54.11 11.28
C THR D 321 27.85 -54.77 12.64
N LEU D 322 27.76 -53.95 13.68
CA LEU D 322 27.65 -54.43 15.04
C LEU D 322 26.30 -55.12 15.32
N HIS D 323 25.42 -55.13 14.34
CA HIS D 323 24.06 -55.63 14.54
C HIS D 323 23.71 -56.84 13.67
N GLY D 324 24.61 -57.20 12.76
CA GLY D 324 24.40 -58.37 11.94
C GLY D 324 24.11 -58.03 10.49
N THR D 325 23.97 -56.75 10.21
CA THR D 325 23.70 -56.29 8.85
C THR D 325 25.00 -56.14 8.05
N VAL D 326 24.90 -56.24 6.74
CA VAL D 326 26.03 -56.04 5.85
C VAL D 326 25.95 -54.65 5.24
N THR D 327 27.11 -54.07 4.97
CA THR D 327 27.15 -52.83 4.19
C THR D 327 28.02 -53.04 2.97
N VAL D 328 27.52 -52.62 1.81
CA VAL D 328 28.31 -52.67 0.60
C VAL D 328 28.36 -51.31 -0.06
N GLU D 329 29.48 -51.00 -0.68
CA GLU D 329 29.56 -49.80 -1.52
C GLU D 329 29.78 -50.24 -2.96
N VAL D 330 28.81 -49.92 -3.80
CA VAL D 330 28.88 -50.33 -5.19
C VAL D 330 29.05 -49.13 -6.11
N GLN D 331 29.72 -49.38 -7.24
CA GLN D 331 29.93 -48.39 -8.27
C GLN D 331 29.18 -48.83 -9.53
N TYR D 332 28.41 -47.93 -10.10
CA TYR D 332 27.58 -48.25 -11.25
C TYR D 332 28.17 -47.69 -12.54
N ALA D 333 28.43 -48.58 -13.50
CA ALA D 333 29.14 -48.21 -14.73
C ALA D 333 28.24 -47.50 -15.76
N GLY D 334 26.94 -47.73 -15.68
CA GLY D 334 26.03 -47.23 -16.69
C GLY D 334 25.65 -45.76 -16.61
N THR D 335 25.11 -45.25 -17.71
CA THR D 335 24.67 -43.87 -17.77
C THR D 335 23.15 -43.80 -17.97
N ASP D 336 22.48 -44.93 -17.76
CA ASP D 336 21.04 -45.01 -17.95
C ASP D 336 20.28 -44.61 -16.69
N GLY D 337 20.93 -43.86 -15.82
CA GLY D 337 20.29 -43.36 -14.61
C GLY D 337 19.37 -42.20 -14.90
N PRO D 338 18.44 -41.90 -13.97
CA PRO D 338 18.20 -42.66 -12.73
C PRO D 338 17.49 -43.99 -12.97
N CYS D 339 17.83 -45.00 -12.18
CA CYS D 339 17.26 -46.33 -12.33
C CYS D 339 17.22 -47.08 -10.99
N LYS D 340 16.57 -48.24 -10.97
CA LYS D 340 16.45 -49.05 -9.76
C LYS D 340 17.60 -50.04 -9.62
N VAL D 341 18.11 -50.18 -8.39
CA VAL D 341 19.21 -51.09 -8.13
C VAL D 341 18.71 -52.51 -7.85
N PRO D 342 19.16 -53.48 -8.65
CA PRO D 342 18.80 -54.88 -8.43
C PRO D 342 19.57 -55.46 -7.25
N ALA D 343 19.07 -55.24 -6.04
CA ALA D 343 19.77 -55.69 -4.84
C ALA D 343 18.89 -56.61 -4.00
N GLN D 344 19.31 -57.87 -3.86
CA GLN D 344 18.56 -58.81 -3.05
C GLN D 344 19.48 -59.91 -2.55
N MET D 345 19.01 -60.70 -1.60
CA MET D 345 19.80 -61.83 -1.11
C MET D 345 19.08 -63.14 -1.34
N ALA D 346 19.82 -64.12 -1.85
CA ALA D 346 19.22 -65.41 -2.18
C ALA D 346 20.00 -66.55 -1.57
N VAL D 347 19.28 -67.52 -0.99
CA VAL D 347 19.91 -68.72 -0.47
C VAL D 347 20.18 -69.69 -1.63
N ASP D 348 19.37 -69.58 -2.68
CA ASP D 348 19.51 -70.44 -3.85
C ASP D 348 19.66 -69.62 -5.12
N MET D 349 20.84 -69.72 -5.74
CA MET D 349 21.16 -68.91 -6.92
C MET D 349 20.50 -69.44 -8.19
N GLN D 350 19.74 -70.53 -8.07
CA GLN D 350 19.02 -71.07 -9.20
C GLN D 350 17.68 -70.37 -9.37
N THR D 351 16.94 -70.26 -8.27
CA THR D 351 15.63 -69.64 -8.27
C THR D 351 15.68 -68.14 -7.97
N LEU D 352 16.79 -67.70 -7.37
CA LEU D 352 16.97 -66.30 -6.96
C LEU D 352 15.87 -65.85 -5.99
N THR D 353 15.27 -66.82 -5.28
CA THR D 353 14.20 -66.52 -4.34
C THR D 353 14.73 -65.67 -3.20
N PRO D 354 14.22 -64.43 -3.09
CA PRO D 354 14.68 -63.46 -2.10
C PRO D 354 14.54 -63.95 -0.68
N VAL D 355 15.58 -63.76 0.12
CA VAL D 355 15.54 -64.06 1.55
C VAL D 355 15.99 -62.83 2.33
N GLY D 356 15.77 -62.84 3.63
CA GLY D 356 16.12 -61.70 4.46
C GLY D 356 15.45 -60.42 3.97
N ARG D 357 16.15 -59.31 4.03
CA ARG D 357 15.62 -58.04 3.56
C ARG D 357 16.71 -56.99 3.37
N LEU D 358 16.39 -55.94 2.63
CA LEU D 358 17.23 -54.76 2.54
C LEU D 358 16.93 -53.83 3.70
N ILE D 359 17.96 -53.20 4.24
CA ILE D 359 17.73 -52.15 5.22
C ILE D 359 17.54 -50.84 4.46
N THR D 360 18.38 -50.62 3.46
CA THR D 360 18.16 -49.54 2.50
C THR D 360 17.09 -49.99 1.51
N ALA D 361 15.83 -49.88 1.93
CA ALA D 361 14.70 -50.32 1.12
C ALA D 361 14.58 -49.52 -0.18
N ASN D 362 14.38 -50.23 -1.28
CA ASN D 362 14.31 -49.65 -2.63
C ASN D 362 15.48 -48.75 -2.99
N PRO D 363 16.67 -49.36 -3.18
CA PRO D 363 17.85 -48.58 -3.60
C PRO D 363 17.69 -48.01 -4.99
N VAL D 364 18.26 -46.82 -5.22
CA VAL D 364 18.13 -46.13 -6.49
C VAL D 364 19.39 -45.32 -6.84
N ILE D 365 19.91 -45.53 -8.05
CA ILE D 365 20.96 -44.66 -8.60
C ILE D 365 20.33 -43.38 -9.10
N THR D 366 20.79 -42.23 -8.62
CA THR D 366 20.16 -40.96 -8.97
C THR D 366 20.86 -40.23 -10.11
N GLU D 367 22.16 -40.47 -10.26
CA GLU D 367 22.94 -39.74 -11.24
C GLU D 367 23.07 -40.51 -12.56
N SER D 368 23.01 -39.77 -13.67
CA SER D 368 23.10 -40.37 -15.00
C SER D 368 24.54 -40.33 -15.50
N THR D 369 25.46 -39.87 -14.66
CA THR D 369 26.87 -39.90 -14.99
C THR D 369 27.43 -41.28 -14.66
N GLU D 370 28.46 -41.68 -15.39
CA GLU D 370 29.04 -43.00 -15.17
C GLU D 370 29.80 -43.07 -13.86
N ASN D 371 29.94 -44.29 -13.35
CA ASN D 371 30.76 -44.58 -12.18
C ASN D 371 30.38 -43.82 -10.92
N SER D 372 29.08 -43.67 -10.67
CA SER D 372 28.62 -43.13 -9.39
C SER D 372 28.69 -44.23 -8.32
N LYS D 373 28.61 -43.83 -7.06
CA LYS D 373 28.75 -44.77 -5.95
C LYS D 373 27.54 -44.74 -5.01
N MET D 374 27.29 -45.86 -4.32
CA MET D 374 26.17 -45.95 -3.41
C MET D 374 26.39 -46.99 -2.31
N MET D 375 25.88 -46.71 -1.11
CA MET D 375 25.95 -47.68 -0.02
C MET D 375 24.62 -48.37 0.24
N LEU D 376 24.64 -49.70 0.20
CA LEU D 376 23.47 -50.49 0.53
C LEU D 376 23.66 -51.20 1.85
N GLU D 377 22.62 -51.26 2.65
CA GLU D 377 22.66 -52.07 3.87
C GLU D 377 21.68 -53.22 3.74
N LEU D 378 22.18 -54.43 4.02
CA LEU D 378 21.38 -55.63 3.85
C LEU D 378 21.20 -56.35 5.18
N ASP D 379 20.03 -56.96 5.36
CA ASP D 379 19.73 -57.74 6.56
C ASP D 379 19.57 -59.21 6.16
N PRO D 380 20.67 -59.96 6.22
CA PRO D 380 20.70 -61.35 5.75
C PRO D 380 20.05 -62.32 6.73
N PRO D 381 19.64 -63.49 6.23
CA PRO D 381 19.22 -64.59 7.11
C PRO D 381 20.43 -65.17 7.82
N PHE D 382 20.18 -65.94 8.87
CA PHE D 382 21.27 -66.56 9.62
C PHE D 382 21.87 -67.71 8.81
N GLY D 383 23.19 -67.84 8.88
CA GLY D 383 23.88 -68.86 8.13
C GLY D 383 24.40 -68.33 6.81
N ASP D 384 24.54 -69.21 5.84
CA ASP D 384 25.08 -68.85 4.52
C ASP D 384 23.98 -68.34 3.60
N SER D 385 24.36 -67.41 2.72
CA SER D 385 23.45 -66.83 1.74
C SER D 385 24.27 -66.04 0.73
N TYR D 386 23.61 -65.55 -0.32
CA TYR D 386 24.32 -64.81 -1.36
C TYR D 386 23.79 -63.39 -1.50
N ILE D 387 24.70 -62.43 -1.42
CA ILE D 387 24.40 -61.06 -1.78
C ILE D 387 24.42 -60.91 -3.29
N VAL D 388 23.26 -60.67 -3.88
CA VAL D 388 23.13 -60.57 -5.33
C VAL D 388 22.79 -59.14 -5.75
N ILE D 389 23.69 -58.54 -6.53
CA ILE D 389 23.51 -57.16 -6.96
C ILE D 389 23.68 -57.00 -8.47
N GLY D 390 22.62 -56.53 -9.12
CA GLY D 390 22.62 -56.40 -10.57
C GLY D 390 21.77 -57.48 -11.21
N VAL D 391 21.80 -57.55 -12.53
CA VAL D 391 21.03 -58.54 -13.26
C VAL D 391 21.79 -59.10 -14.46
N GLY D 392 21.55 -60.37 -14.76
CA GLY D 392 22.15 -61.01 -15.92
C GLY D 392 23.53 -61.58 -15.66
N GLU D 393 24.38 -61.53 -16.67
CA GLU D 393 25.70 -62.13 -16.58
C GLU D 393 26.62 -61.32 -15.67
N LYS D 394 26.63 -60.01 -15.87
CA LYS D 394 27.56 -59.13 -15.17
C LYS D 394 27.21 -58.90 -13.69
N LYS D 395 26.18 -59.58 -13.21
CA LYS D 395 25.72 -59.40 -11.83
C LYS D 395 26.79 -59.82 -10.83
N ILE D 396 26.64 -59.35 -9.60
CA ILE D 396 27.55 -59.71 -8.52
C ILE D 396 26.90 -60.71 -7.59
N THR D 397 27.53 -61.87 -7.44
CA THR D 397 27.08 -62.88 -6.50
C THR D 397 28.14 -63.07 -5.44
N HIS D 398 27.85 -62.68 -4.21
CA HIS D 398 28.87 -62.72 -3.15
C HIS D 398 28.43 -63.51 -1.93
N HIS D 399 29.16 -64.57 -1.63
CA HIS D 399 28.86 -65.43 -0.48
C HIS D 399 28.96 -64.68 0.83
N TRP D 400 28.08 -65.00 1.77
CA TRP D 400 28.03 -64.33 3.07
C TRP D 400 27.50 -65.25 4.17
N HIS D 401 28.04 -65.11 5.38
CA HIS D 401 27.59 -65.92 6.53
C HIS D 401 27.29 -65.07 7.75
N ARG D 402 26.23 -65.43 8.48
CA ARG D 402 25.82 -64.68 9.68
C ARG D 402 25.62 -65.57 10.91
N SER D 403 26.22 -65.18 12.04
CA SER D 403 26.22 -65.99 13.25
C SER D 403 24.98 -65.82 14.13
N GLY D 404 25.01 -66.44 15.31
CA GLY D 404 23.82 -66.57 16.15
C GLY D 404 23.43 -65.39 17.02
N SER D 405 22.65 -65.68 18.08
CA SER D 405 21.97 -64.64 18.85
C SER D 405 21.66 -64.94 20.32
N THR D 406 22.67 -64.82 21.19
CA THR D 406 22.43 -64.49 22.60
C THR D 406 23.47 -63.47 23.06
N ILE D 407 23.85 -62.57 22.17
CA ILE D 407 24.85 -61.53 22.43
C ILE D 407 26.17 -62.12 22.95
N GLU E 1 29.00 -5.63 32.52
CA GLU E 1 30.03 -4.60 32.44
C GLU E 1 31.06 -4.92 31.36
N VAL E 2 30.58 -5.52 30.27
CA VAL E 2 31.45 -5.91 29.17
C VAL E 2 32.01 -4.71 28.42
N GLN E 3 33.32 -4.72 28.17
CA GLN E 3 33.94 -3.66 27.39
C GLN E 3 35.05 -4.22 26.50
N LEU E 4 35.06 -3.81 25.24
CA LEU E 4 36.10 -4.20 24.29
C LEU E 4 36.77 -2.97 23.71
N VAL E 5 38.09 -2.88 23.85
CA VAL E 5 38.79 -1.71 23.35
C VAL E 5 39.83 -2.04 22.30
N GLU E 6 39.55 -1.62 21.07
CA GLU E 6 40.50 -1.77 19.98
C GLU E 6 41.63 -0.76 20.14
N SER E 7 42.73 -0.99 19.43
CA SER E 7 43.91 -0.12 19.47
C SER E 7 44.97 -0.64 18.50
N GLY E 8 46.00 0.16 18.28
CA GLY E 8 47.11 -0.25 17.45
C GLY E 8 46.89 0.07 15.98
N GLY E 9 45.89 0.89 15.69
CA GLY E 9 45.64 1.31 14.33
C GLY E 9 46.39 2.59 14.02
N GLY E 10 46.87 2.71 12.78
CA GLY E 10 47.63 3.88 12.39
C GLY E 10 47.68 4.11 10.90
N VAL E 11 48.31 5.22 10.52
CA VAL E 11 48.44 5.60 9.12
C VAL E 11 49.54 4.80 8.44
N VAL E 12 49.29 3.51 8.24
CA VAL E 12 50.31 2.61 7.71
C VAL E 12 50.47 2.75 6.20
N GLN E 13 51.54 2.18 5.66
CA GLN E 13 51.81 2.17 4.23
C GLN E 13 51.56 0.77 3.65
N PRO E 14 51.33 0.68 2.32
CA PRO E 14 51.02 -0.58 1.63
C PRO E 14 52.25 -1.45 1.36
N GLY E 15 52.17 -2.73 1.73
CA GLY E 15 53.32 -3.61 1.66
C GLY E 15 53.84 -3.85 3.06
N ARG E 16 53.62 -2.87 3.94
CA ARG E 16 54.07 -2.99 5.32
C ARG E 16 53.12 -3.86 6.14
N SER E 17 53.07 -3.60 7.45
CA SER E 17 52.27 -4.43 8.34
C SER E 17 51.72 -3.62 9.51
N LEU E 18 50.87 -4.27 10.30
CA LEU E 18 50.32 -3.67 11.52
C LEU E 18 49.68 -4.78 12.36
N ARG E 19 49.56 -4.55 13.67
CA ARG E 19 48.98 -5.56 14.54
C ARG E 19 47.96 -4.93 15.48
N LEU E 20 46.68 -5.12 15.18
CA LEU E 20 45.62 -4.57 16.01
C LEU E 20 45.47 -5.33 17.31
N SER E 21 45.01 -4.63 18.34
CA SER E 21 44.84 -5.24 19.66
C SER E 21 43.47 -4.89 20.25
N CYS E 22 42.87 -5.86 20.92
CA CYS E 22 41.57 -5.67 21.55
C CYS E 22 41.64 -6.10 23.01
N ALA E 23 41.24 -5.19 23.90
CA ALA E 23 41.26 -5.45 25.34
C ALA E 23 39.87 -5.76 25.86
N ALA E 24 39.71 -6.93 26.46
CA ALA E 24 38.41 -7.34 26.96
C ALA E 24 38.23 -7.02 28.43
N SER E 25 36.99 -7.01 28.91
CA SER E 25 36.72 -6.63 30.29
C SER E 25 35.79 -7.39 31.22
N GLY E 26 34.49 -7.23 31.00
CA GLY E 26 33.49 -7.97 31.75
C GLY E 26 33.07 -9.38 31.43
N PHE E 27 34.05 -10.27 31.24
CA PHE E 27 33.72 -11.66 30.91
C PHE E 27 34.96 -12.55 30.81
N THR E 28 34.76 -13.85 30.97
CA THR E 28 35.83 -14.83 30.78
C THR E 28 36.26 -14.88 29.32
N PHE E 29 37.13 -13.94 28.94
CA PHE E 29 37.62 -13.83 27.57
C PHE E 29 38.11 -15.16 27.01
N SER E 30 38.64 -16.03 27.87
CA SER E 30 39.14 -17.34 27.46
C SER E 30 38.01 -18.37 27.37
N SER E 31 36.80 -17.90 27.12
CA SER E 31 35.64 -18.79 27.08
C SER E 31 34.67 -18.38 25.97
N TYR E 32 35.09 -17.43 25.14
CA TYR E 32 34.26 -16.96 24.04
C TYR E 32 35.11 -16.79 22.78
N ALA E 33 34.51 -17.01 21.62
CA ALA E 33 35.20 -16.78 20.37
C ALA E 33 35.32 -15.28 20.12
N MET E 34 36.19 -14.89 19.19
CA MET E 34 36.41 -13.47 18.92
C MET E 34 36.42 -13.19 17.43
N HIS E 35 35.82 -12.07 17.04
CA HIS E 35 35.70 -11.71 15.64
C HIS E 35 36.42 -10.42 15.31
N TRP E 36 37.01 -10.36 14.12
CA TRP E 36 37.49 -9.12 13.55
C TRP E 36 36.61 -8.74 12.36
N VAL E 37 36.06 -7.53 12.41
CA VAL E 37 35.12 -7.02 11.40
C VAL E 37 35.46 -5.60 11.00
N ARG E 38 35.92 -5.41 9.76
CA ARG E 38 36.30 -4.09 9.29
C ARG E 38 35.17 -3.43 8.49
N GLN E 39 35.26 -2.10 8.34
CA GLN E 39 34.28 -1.34 7.58
C GLN E 39 34.91 -0.16 6.86
N ALA E 40 34.88 -0.21 5.53
CA ALA E 40 35.40 0.87 4.70
C ALA E 40 34.65 2.17 4.98
N PRO E 41 35.26 3.32 4.65
CA PRO E 41 34.58 4.60 4.91
C PRO E 41 33.29 4.75 4.08
N GLY E 42 32.15 4.86 4.76
CA GLY E 42 30.88 4.95 4.09
C GLY E 42 30.59 3.73 3.23
N LYS E 43 30.69 2.56 3.83
CA LYS E 43 30.50 1.29 3.13
C LYS E 43 29.94 0.24 4.08
N GLY E 44 29.73 -0.97 3.56
CA GLY E 44 29.16 -2.03 4.36
C GLY E 44 30.14 -2.66 5.34
N LEU E 45 29.61 -3.40 6.30
CA LEU E 45 30.43 -4.19 7.21
C LEU E 45 31.03 -5.40 6.48
N GLU E 46 32.35 -5.53 6.56
CA GLU E 46 33.02 -6.71 6.00
C GLU E 46 33.61 -7.55 7.13
N TRP E 47 33.18 -8.80 7.22
CA TRP E 47 33.68 -9.72 8.22
C TRP E 47 35.08 -10.18 7.83
N VAL E 48 36.03 -9.99 8.74
CA VAL E 48 37.42 -10.32 8.45
C VAL E 48 37.81 -11.71 8.93
N ALA E 49 37.70 -11.95 10.24
CA ALA E 49 38.14 -13.25 10.75
C ALA E 49 37.47 -13.65 12.07
N VAL E 50 37.74 -14.89 12.48
CA VAL E 50 37.24 -15.40 13.75
C VAL E 50 38.22 -16.40 14.36
N ILE E 51 38.35 -16.36 15.69
CA ILE E 51 39.15 -17.35 16.42
C ILE E 51 38.31 -17.96 17.55
N SER E 52 38.45 -19.27 17.74
CA SER E 52 37.66 -19.99 18.74
C SER E 52 38.12 -19.67 20.17
N TYR E 53 37.53 -20.33 21.16
CA TYR E 53 37.74 -19.94 22.56
C TYR E 53 39.09 -20.35 23.15
N ASP E 54 39.72 -21.35 22.56
CA ASP E 54 41.02 -21.83 23.03
C ASP E 54 42.08 -21.60 21.96
N GLY E 55 41.65 -21.19 20.78
CA GLY E 55 42.57 -20.90 19.69
C GLY E 55 42.68 -22.02 18.68
N SER E 56 41.97 -23.11 18.93
CA SER E 56 42.02 -24.31 18.10
C SER E 56 41.64 -24.05 16.65
N ASN E 57 40.68 -23.14 16.44
CA ASN E 57 40.16 -22.90 15.10
C ASN E 57 40.13 -21.43 14.70
N LYS E 58 40.53 -21.17 13.46
CA LYS E 58 40.55 -19.82 12.91
C LYS E 58 39.92 -19.83 11.52
N TYR E 59 39.07 -18.85 11.23
CA TYR E 59 38.51 -18.72 9.88
C TYR E 59 38.69 -17.31 9.35
N TYR E 60 38.92 -17.22 8.04
CA TYR E 60 39.29 -15.95 7.42
C TYR E 60 38.44 -15.61 6.21
N ALA E 61 38.24 -14.32 5.97
CA ALA E 61 37.59 -13.85 4.75
C ALA E 61 38.51 -14.11 3.58
N ASP E 62 37.95 -14.47 2.44
CA ASP E 62 38.74 -14.79 1.25
C ASP E 62 39.57 -13.59 0.77
N SER E 63 39.19 -12.40 1.21
CA SER E 63 39.90 -11.18 0.85
C SER E 63 41.20 -11.05 1.66
N VAL E 64 41.24 -11.71 2.81
CA VAL E 64 42.41 -11.61 3.69
C VAL E 64 43.04 -12.96 4.01
N LYS E 65 43.07 -13.85 3.02
CA LYS E 65 43.66 -15.17 3.22
C LYS E 65 45.12 -15.20 2.79
N GLY E 66 45.96 -15.80 3.64
CA GLY E 66 47.38 -15.85 3.39
C GLY E 66 48.03 -14.51 3.61
N ARG E 67 47.33 -13.61 4.30
CA ARG E 67 47.83 -12.26 4.56
C ARG E 67 47.56 -11.83 5.99
N PHE E 68 46.41 -12.23 6.52
CA PHE E 68 46.01 -11.84 7.86
C PHE E 68 46.06 -13.05 8.79
N THR E 69 46.43 -12.81 10.05
CA THR E 69 46.53 -13.89 11.03
C THR E 69 45.93 -13.46 12.36
N ILE E 70 44.85 -14.12 12.76
CA ILE E 70 44.18 -13.79 14.01
C ILE E 70 44.75 -14.64 15.15
N SER E 71 44.95 -14.02 16.30
CA SER E 71 45.53 -14.71 17.45
C SER E 71 44.98 -14.17 18.77
N ARG E 72 45.32 -14.81 19.88
CA ARG E 72 44.83 -14.37 21.17
C ARG E 72 45.70 -14.80 22.34
N ASP E 73 45.79 -13.94 23.36
CA ASP E 73 46.47 -14.27 24.61
C ASP E 73 45.42 -14.35 25.72
N ASN E 74 45.08 -15.57 26.12
CA ASN E 74 44.07 -15.80 27.13
C ASN E 74 44.52 -15.38 28.52
N SER E 75 45.83 -15.48 28.78
CA SER E 75 46.37 -15.18 30.09
C SER E 75 46.15 -13.72 30.50
N LYS E 76 46.15 -12.82 29.51
CA LYS E 76 45.94 -11.41 29.77
C LYS E 76 44.66 -10.89 29.13
N SER E 77 43.92 -11.79 28.46
CA SER E 77 42.66 -11.46 27.81
C SER E 77 42.80 -10.41 26.72
N THR E 78 43.57 -10.73 25.67
CA THR E 78 43.74 -9.79 24.55
C THR E 78 43.62 -10.48 23.18
N LEU E 79 43.04 -9.75 22.22
CA LEU E 79 42.82 -10.24 20.85
C LEU E 79 43.78 -9.55 19.88
N TYR E 80 44.55 -10.31 19.13
CA TYR E 80 45.48 -9.71 18.17
C TYR E 80 45.10 -10.01 16.71
N LEU E 81 45.27 -9.01 15.86
CA LEU E 81 45.11 -9.20 14.43
C LEU E 81 46.38 -8.76 13.69
N GLN E 82 47.10 -9.74 13.15
CA GLN E 82 48.34 -9.48 12.45
C GLN E 82 48.11 -9.33 10.96
N MET E 83 48.23 -8.11 10.46
CA MET E 83 48.05 -7.83 9.05
C MET E 83 49.38 -7.52 8.39
N ASN E 84 49.66 -8.16 7.27
CA ASN E 84 50.85 -7.83 6.48
C ASN E 84 50.56 -7.87 4.98
N ASN E 85 51.44 -7.24 4.20
CA ASN E 85 51.24 -7.06 2.76
C ASN E 85 49.92 -6.36 2.47
N LEU E 86 49.69 -5.25 3.17
CA LEU E 86 48.43 -4.52 3.08
C LEU E 86 48.20 -3.87 1.72
N ARG E 87 46.96 -3.51 1.45
CA ARG E 87 46.59 -2.80 0.22
C ARG E 87 45.68 -1.62 0.57
N ALA E 88 45.33 -0.83 -0.45
CA ALA E 88 44.42 0.28 -0.26
C ALA E 88 43.07 -0.17 0.27
N GLU E 89 42.58 -1.29 -0.27
CA GLU E 89 41.26 -1.82 0.08
C GLU E 89 41.17 -2.25 1.54
N ASP E 90 42.32 -2.38 2.19
CA ASP E 90 42.36 -2.75 3.60
C ASP E 90 42.05 -1.55 4.49
N THR E 91 41.93 -0.38 3.87
CA THR E 91 41.62 0.84 4.60
C THR E 91 40.21 0.78 5.15
N ALA E 92 40.10 0.76 6.48
CA ALA E 92 38.80 0.60 7.13
C ALA E 92 38.89 0.80 8.63
N VAL E 93 37.73 0.97 9.27
CA VAL E 93 37.68 0.93 10.72
C VAL E 93 37.56 -0.52 11.15
N TYR E 94 38.51 -0.98 11.97
CA TYR E 94 38.54 -2.38 12.38
C TYR E 94 37.94 -2.58 13.77
N TYR E 95 36.84 -3.33 13.82
CA TYR E 95 36.17 -3.64 15.07
C TYR E 95 36.53 -5.05 15.52
N CYS E 96 36.54 -5.27 16.83
CA CYS E 96 36.62 -6.62 17.37
C CYS E 96 35.30 -6.88 18.11
N ALA E 97 34.85 -8.13 18.09
CA ALA E 97 33.55 -8.42 18.71
C ALA E 97 33.46 -9.79 19.38
N ARG E 98 32.77 -9.81 20.52
CA ARG E 98 32.49 -11.03 21.27
C ARG E 98 31.43 -11.85 20.52
N ASP E 99 31.49 -13.18 20.64
CA ASP E 99 30.67 -14.04 19.78
C ASP E 99 29.52 -14.75 20.51
N HIS E 100 29.37 -14.52 21.80
CA HIS E 100 28.33 -15.18 22.60
C HIS E 100 28.54 -16.71 22.68
N LEU E 101 29.04 -17.30 21.59
CA LEU E 101 29.46 -18.70 21.60
C LEU E 101 30.98 -18.79 21.62
N GLY E 102 31.51 -19.92 22.07
CA GLY E 102 32.95 -20.10 22.14
C GLY E 102 33.49 -20.92 20.99
N TRP E 103 32.58 -21.54 20.24
CA TRP E 103 32.91 -22.44 19.14
C TRP E 103 33.66 -23.67 19.67
N SER E 104 33.10 -24.23 20.75
CA SER E 104 33.58 -25.48 21.31
C SER E 104 32.92 -26.67 20.64
N SER E 105 32.10 -26.38 19.63
CA SER E 105 31.30 -27.41 18.98
C SER E 105 31.31 -27.27 17.46
N ILE E 106 30.71 -28.25 16.79
CA ILE E 106 30.61 -28.23 15.34
C ILE E 106 29.31 -27.54 14.97
N TRP E 107 28.48 -27.29 15.99
CA TRP E 107 27.17 -26.67 15.81
C TRP E 107 27.19 -25.19 16.17
N SER E 108 28.29 -24.76 16.76
CA SER E 108 28.43 -23.39 17.21
C SER E 108 28.43 -22.39 16.06
N ALA E 109 29.23 -22.66 15.03
CA ALA E 109 29.37 -21.74 13.90
C ALA E 109 28.00 -21.38 13.29
N PRO E 110 27.12 -22.37 13.06
CA PRO E 110 25.79 -21.96 12.59
C PRO E 110 24.99 -21.13 13.59
N GLU E 111 25.22 -21.30 14.89
CA GLU E 111 24.46 -20.57 15.91
C GLU E 111 25.16 -19.29 16.35
N SER E 112 26.23 -18.93 15.66
CA SER E 112 27.11 -17.84 16.08
C SER E 112 26.60 -16.46 15.69
N PHE E 113 26.64 -15.53 16.64
CA PHE E 113 26.31 -14.13 16.36
C PHE E 113 27.16 -13.19 17.20
N LEU E 114 27.55 -12.06 16.62
CA LEU E 114 28.46 -11.13 17.29
C LEU E 114 27.79 -10.39 18.44
N ASP E 115 28.04 -10.87 19.65
CA ASP E 115 27.36 -10.41 20.85
C ASP E 115 27.63 -8.95 21.19
N TYR E 116 28.82 -8.69 21.72
CA TYR E 116 29.23 -7.33 22.06
C TYR E 116 30.27 -6.79 21.10
N TRP E 117 30.17 -5.51 20.78
CA TRP E 117 31.08 -4.88 19.82
C TRP E 117 31.99 -3.86 20.50
N GLY E 118 33.16 -3.65 19.91
CA GLY E 118 34.09 -2.65 20.41
C GLY E 118 33.69 -1.26 19.95
N GLN E 119 34.69 -0.43 19.65
CA GLN E 119 34.42 0.92 19.15
C GLN E 119 35.28 1.22 17.92
N GLY E 120 36.07 0.23 17.51
CA GLY E 120 36.79 0.29 16.25
C GLY E 120 38.04 1.15 16.25
N THR E 121 39.04 0.72 15.50
CA THR E 121 40.26 1.51 15.31
C THR E 121 40.51 1.75 13.82
N LEU E 122 40.68 3.01 13.44
CA LEU E 122 40.87 3.35 12.04
C LEU E 122 42.25 2.90 11.52
N VAL E 123 42.22 2.14 10.43
CA VAL E 123 43.46 1.74 9.76
C VAL E 123 43.47 2.25 8.33
N THR E 124 44.41 3.15 8.04
CA THR E 124 44.55 3.74 6.71
C THR E 124 45.77 3.18 6.01
N VAL E 125 45.61 2.88 4.72
CA VAL E 125 46.73 2.38 3.91
C VAL E 125 47.01 3.34 2.75
N SER E 126 47.68 4.44 3.06
CA SER E 126 47.95 5.50 2.08
C SER E 126 49.38 5.44 1.54
N SER E 127 49.55 5.86 0.30
CA SER E 127 50.86 5.90 -0.33
C SER E 127 50.91 6.83 -1.53
N ALA E 128 50.95 8.13 -1.26
CA ALA E 128 51.07 9.12 -2.31
C ALA E 128 51.55 10.43 -1.71
N SER E 129 52.74 10.86 -2.10
CA SER E 129 53.27 12.13 -1.62
C SER E 129 52.32 13.23 -2.03
N THR E 130 52.36 14.34 -1.31
CA THR E 130 51.46 15.46 -1.56
C THR E 130 51.54 15.88 -3.03
N LYS E 131 50.41 16.22 -3.62
CA LYS E 131 50.34 16.45 -5.06
C LYS E 131 49.32 17.53 -5.44
N GLY E 132 49.76 18.46 -6.29
CA GLY E 132 48.89 19.49 -6.81
C GLY E 132 47.90 18.93 -7.82
N PRO E 133 46.67 19.45 -7.80
CA PRO E 133 45.57 19.00 -8.66
C PRO E 133 45.65 19.49 -10.11
N SER E 134 45.01 18.75 -11.01
CA SER E 134 44.91 19.13 -12.41
C SER E 134 43.48 19.58 -12.73
N VAL E 135 43.33 20.85 -13.12
CA VAL E 135 42.00 21.44 -13.25
C VAL E 135 41.53 21.51 -14.70
N PHE E 136 40.30 21.05 -14.94
CA PHE E 136 39.72 21.05 -16.28
C PHE E 136 38.35 21.73 -16.32
N PRO E 137 37.99 22.35 -17.45
CA PRO E 137 36.74 23.12 -17.51
C PRO E 137 35.52 22.30 -17.94
N LEU E 138 34.57 22.14 -17.02
CA LEU E 138 33.29 21.51 -17.32
C LEU E 138 32.32 22.54 -17.90
N ALA E 139 32.07 22.46 -19.20
CA ALA E 139 31.33 23.50 -19.91
C ALA E 139 29.95 23.05 -20.38
N PRO E 140 28.99 23.98 -20.42
CA PRO E 140 27.65 23.71 -20.93
C PRO E 140 27.50 24.14 -22.39
N SER E 141 26.33 23.87 -22.97
CA SER E 141 26.06 24.27 -24.36
C SER E 141 24.57 24.29 -24.65
N SER E 146 18.55 23.57 -18.55
CA SER E 146 17.27 23.45 -17.84
C SER E 146 16.40 24.67 -18.07
N GLY E 147 16.12 24.96 -19.35
CA GLY E 147 15.27 26.08 -19.72
C GLY E 147 16.00 27.40 -19.81
N GLY E 148 16.14 28.08 -18.67
CA GLY E 148 16.81 29.35 -18.61
C GLY E 148 18.06 29.32 -17.77
N THR E 149 18.30 28.19 -17.10
CA THR E 149 19.52 28.02 -16.30
C THR E 149 20.52 27.09 -16.98
N ALA E 150 21.79 27.25 -16.60
CA ALA E 150 22.87 26.45 -17.16
C ALA E 150 23.91 26.15 -16.08
N ALA E 151 24.40 24.91 -16.07
CA ALA E 151 25.39 24.50 -15.09
C ALA E 151 26.77 24.44 -15.70
N LEU E 152 27.73 25.10 -15.06
CA LEU E 152 29.12 25.04 -15.50
C LEU E 152 30.02 24.90 -14.30
N GLY E 153 31.16 24.21 -14.45
CA GLY E 153 32.01 23.97 -13.31
C GLY E 153 33.46 23.67 -13.58
N CYS E 154 34.17 23.31 -12.52
CA CYS E 154 35.57 22.94 -12.60
C CYS E 154 35.79 21.53 -12.06
N LEU E 155 36.57 20.75 -12.81
CA LEU E 155 36.97 19.42 -12.38
C LEU E 155 38.38 19.45 -11.80
N VAL E 156 38.46 19.24 -10.48
CA VAL E 156 39.73 19.14 -9.78
C VAL E 156 40.16 17.68 -9.72
N LYS E 157 41.08 17.31 -10.60
CA LYS E 157 41.42 15.90 -10.82
C LYS E 157 42.78 15.48 -10.27
N ASP E 158 42.80 14.34 -9.58
CA ASP E 158 44.03 13.74 -9.07
C ASP E 158 44.84 14.68 -8.18
N TYR E 159 44.47 14.76 -6.91
CA TYR E 159 45.23 15.53 -5.93
C TYR E 159 45.37 14.76 -4.62
N PHE E 160 46.14 15.31 -3.69
CA PHE E 160 46.32 14.69 -2.39
C PHE E 160 47.26 15.40 -1.39
N PRO E 161 46.77 15.67 -0.19
CA PRO E 161 45.43 15.21 0.20
C PRO E 161 44.54 16.33 0.73
N GLU E 162 43.38 15.95 1.24
CA GLU E 162 42.40 16.91 1.78
C GLU E 162 43.07 17.91 2.71
N PRO E 163 42.54 19.13 2.71
CA PRO E 163 41.40 19.47 1.86
C PRO E 163 41.78 20.20 0.57
N VAL E 164 40.77 20.72 -0.12
CA VAL E 164 40.96 21.57 -1.30
C VAL E 164 39.83 22.59 -1.35
N THR E 165 40.16 23.87 -1.51
CA THR E 165 39.10 24.88 -1.55
C THR E 165 38.94 25.46 -2.94
N VAL E 166 37.69 25.71 -3.31
CA VAL E 166 37.39 26.29 -4.63
C VAL E 166 36.46 27.49 -4.50
N SER E 167 36.89 28.62 -5.06
CA SER E 167 36.03 29.79 -5.12
C SER E 167 35.68 30.08 -6.56
N TRP E 168 34.77 31.02 -6.77
CA TRP E 168 34.41 31.42 -8.13
C TRP E 168 34.49 32.94 -8.26
N ASN E 169 35.31 33.39 -9.19
CA ASN E 169 35.59 34.81 -9.39
C ASN E 169 36.04 35.49 -8.10
N SER E 170 37.05 34.89 -7.48
CA SER E 170 37.72 35.44 -6.31
C SER E 170 36.78 35.74 -5.13
N GLY E 171 35.67 35.01 -5.07
CA GLY E 171 34.73 35.16 -3.97
C GLY E 171 33.56 36.06 -4.29
N ALA E 172 33.50 36.54 -5.52
CA ALA E 172 32.40 37.39 -5.96
C ALA E 172 31.16 36.56 -6.26
N LEU E 173 31.39 35.36 -6.78
CA LEU E 173 30.31 34.42 -7.11
C LEU E 173 30.18 33.38 -6.00
N THR E 174 29.06 33.42 -5.29
CA THR E 174 28.84 32.47 -4.20
C THR E 174 27.51 31.74 -4.36
N SER E 175 26.44 32.47 -4.64
CA SER E 175 25.14 31.86 -4.84
C SER E 175 25.11 31.02 -6.11
N GLY E 176 24.62 29.80 -5.99
CA GLY E 176 24.56 28.89 -7.13
C GLY E 176 25.75 27.95 -7.16
N VAL E 177 26.72 28.20 -6.29
CA VAL E 177 27.92 27.37 -6.22
C VAL E 177 27.74 26.19 -5.29
N HIS E 178 27.94 25.00 -5.83
CA HIS E 178 27.92 23.77 -5.06
C HIS E 178 29.22 23.01 -5.30
N THR E 179 29.98 22.79 -4.24
CA THR E 179 31.22 22.05 -4.33
C THR E 179 31.04 20.65 -3.72
N PHE E 180 30.97 19.64 -4.59
CA PHE E 180 30.74 18.27 -4.16
C PHE E 180 31.93 17.70 -3.41
N PRO E 181 31.66 16.88 -2.38
CA PRO E 181 32.71 16.15 -1.65
C PRO E 181 33.57 15.30 -2.59
N ALA E 182 34.80 15.02 -2.18
CA ALA E 182 35.77 14.37 -3.06
C ALA E 182 35.67 12.84 -3.06
N VAL E 183 36.08 12.24 -4.17
CA VAL E 183 36.05 10.80 -4.35
C VAL E 183 37.45 10.20 -4.22
N LEU E 184 37.56 9.06 -3.55
CA LEU E 184 38.83 8.35 -3.47
C LEU E 184 38.92 7.30 -4.58
N GLN E 185 39.65 7.63 -5.64
CA GLN E 185 39.76 6.77 -6.81
C GLN E 185 40.50 5.47 -6.50
N SER E 186 40.54 4.57 -7.48
CA SER E 186 41.30 3.33 -7.34
C SER E 186 42.76 3.57 -7.66
N SER E 187 43.32 4.64 -7.10
CA SER E 187 44.70 5.01 -7.33
C SER E 187 45.23 5.89 -6.18
N GLY E 188 44.53 5.84 -5.05
CA GLY E 188 44.96 6.56 -3.86
C GLY E 188 44.84 8.07 -3.93
N LEU E 189 44.44 8.58 -5.09
CA LEU E 189 44.33 10.01 -5.31
C LEU E 189 42.89 10.51 -5.18
N TYR E 190 42.74 11.77 -4.76
CA TYR E 190 41.43 12.38 -4.62
C TYR E 190 41.04 13.17 -5.87
N SER E 191 39.77 13.53 -5.95
CA SER E 191 39.23 14.33 -7.05
C SER E 191 37.84 14.84 -6.69
N LEU E 192 37.54 16.08 -7.05
CA LEU E 192 36.21 16.62 -6.83
C LEU E 192 35.76 17.51 -7.98
N SER E 193 34.52 17.99 -7.90
CA SER E 193 33.99 18.92 -8.88
C SER E 193 33.26 20.07 -8.18
N SER E 194 33.40 21.27 -8.73
CA SER E 194 32.69 22.42 -8.19
C SER E 194 31.87 23.08 -9.28
N VAL E 195 30.55 23.07 -9.11
CA VAL E 195 29.66 23.55 -10.17
C VAL E 195 28.77 24.70 -9.73
N VAL E 196 28.76 25.76 -10.53
CA VAL E 196 27.86 26.87 -10.31
C VAL E 196 26.78 26.89 -11.40
N THR E 197 25.55 27.20 -10.97
CA THR E 197 24.41 27.34 -11.87
C THR E 197 24.14 28.82 -12.10
N VAL E 198 24.02 29.20 -13.37
CA VAL E 198 23.86 30.60 -13.73
C VAL E 198 22.76 30.75 -14.77
N PRO E 199 22.23 31.97 -14.94
CA PRO E 199 21.30 32.22 -16.06
C PRO E 199 21.95 31.92 -17.41
N SER E 200 21.22 31.24 -18.29
CA SER E 200 21.75 30.87 -19.60
C SER E 200 22.04 32.10 -20.44
N SER E 201 21.27 33.16 -20.21
CA SER E 201 21.45 34.41 -20.95
C SER E 201 22.82 35.03 -20.73
N SER E 202 23.41 34.75 -19.57
CA SER E 202 24.68 35.36 -19.19
C SER E 202 25.88 34.65 -19.81
N LEU E 203 25.70 33.39 -20.21
CA LEU E 203 26.79 32.51 -20.64
C LEU E 203 27.81 33.16 -21.59
N GLY E 204 27.33 33.99 -22.50
CA GLY E 204 28.20 34.64 -23.46
C GLY E 204 28.46 36.10 -23.16
N THR E 205 27.87 36.60 -22.08
CA THR E 205 28.02 37.99 -21.70
C THR E 205 28.64 38.13 -20.31
N GLN E 206 29.05 37.00 -19.73
CA GLN E 206 29.64 37.01 -18.39
C GLN E 206 30.85 36.08 -18.32
N THR E 207 31.83 36.47 -17.51
CA THR E 207 33.07 35.70 -17.37
C THR E 207 33.05 34.86 -16.09
N TYR E 208 33.28 33.56 -16.24
CA TYR E 208 33.30 32.65 -15.09
C TYR E 208 34.65 31.98 -14.94
N ILE E 209 35.30 32.23 -13.80
CA ILE E 209 36.60 31.66 -13.52
C ILE E 209 36.59 30.94 -12.18
N CYS E 210 37.10 29.72 -12.15
CA CYS E 210 37.20 28.99 -10.89
C CYS E 210 38.61 29.12 -10.31
N ASN E 211 38.66 29.37 -9.01
CA ASN E 211 39.93 29.50 -8.30
C ASN E 211 40.16 28.30 -7.41
N VAL E 212 41.07 27.41 -7.85
CA VAL E 212 41.38 26.20 -7.10
C VAL E 212 42.61 26.41 -6.23
N ASN E 213 42.39 26.49 -4.92
CA ASN E 213 43.47 26.62 -3.96
C ASN E 213 43.67 25.30 -3.20
N HIS E 214 44.83 24.70 -3.43
CA HIS E 214 45.24 23.51 -2.72
C HIS E 214 46.35 23.88 -1.74
N LYS E 215 46.05 23.78 -0.44
CA LYS E 215 46.96 24.25 0.60
C LYS E 215 48.13 23.31 0.94
N PRO E 216 47.89 21.98 1.04
CA PRO E 216 49.01 21.08 1.32
C PRO E 216 50.27 21.11 0.44
N SER E 217 50.10 20.98 -0.87
CA SER E 217 51.11 21.39 -1.83
C SER E 217 50.89 22.87 -2.09
N ASN E 218 51.81 23.52 -2.78
CA ASN E 218 51.61 24.92 -3.11
C ASN E 218 51.11 25.10 -4.53
N THR E 219 49.81 24.88 -4.71
CA THR E 219 49.19 25.02 -6.02
C THR E 219 47.91 25.85 -5.94
N LYS E 220 47.96 27.03 -6.54
CA LYS E 220 46.76 27.85 -6.74
C LYS E 220 46.57 28.11 -8.23
N VAL E 221 45.55 27.48 -8.81
CA VAL E 221 45.33 27.58 -10.26
C VAL E 221 43.93 28.10 -10.59
N ASP E 222 43.88 29.11 -11.46
CA ASP E 222 42.61 29.70 -11.89
C ASP E 222 42.30 29.33 -13.33
N LYS E 223 41.07 28.88 -13.58
CA LYS E 223 40.68 28.43 -14.92
C LYS E 223 39.40 29.10 -15.42
N ARG E 224 39.41 29.55 -16.67
CA ARG E 224 38.20 30.07 -17.31
C ARG E 224 37.30 28.93 -17.75
N VAL E 225 36.02 29.06 -17.48
CA VAL E 225 35.03 28.10 -17.96
C VAL E 225 34.12 28.79 -18.96
N GLU E 226 34.13 28.32 -20.21
CA GLU E 226 33.33 28.93 -21.26
C GLU E 226 32.95 27.91 -22.34
N PRO E 227 31.78 28.11 -22.97
CA PRO E 227 31.32 27.20 -24.02
C PRO E 227 32.19 27.29 -25.28
N GLN F 1 24.92 -9.12 -5.91
CA GLN F 1 26.37 -8.91 -5.84
C GLN F 1 26.87 -9.05 -4.40
N SER F 2 26.16 -9.85 -3.62
CA SER F 2 26.59 -10.23 -2.27
C SER F 2 26.06 -11.61 -1.92
N VAL F 3 26.65 -12.25 -0.90
CA VAL F 3 26.15 -13.54 -0.43
C VAL F 3 24.78 -13.35 0.21
N LEU F 4 24.66 -12.34 1.06
CA LEU F 4 23.35 -11.96 1.58
C LEU F 4 22.93 -10.62 0.99
N THR F 5 21.81 -10.61 0.28
CA THR F 5 21.38 -9.43 -0.45
C THR F 5 20.19 -8.74 0.22
N GLN F 6 20.42 -7.55 0.73
CA GLN F 6 19.36 -6.70 1.25
C GLN F 6 19.13 -5.54 0.29
N PRO F 7 17.91 -4.98 0.28
CA PRO F 7 17.64 -3.76 -0.50
C PRO F 7 18.48 -2.60 0.03
N PRO F 8 19.13 -1.84 -0.88
CA PRO F 8 20.04 -0.76 -0.48
C PRO F 8 19.40 0.29 0.42
N SER F 9 18.13 0.59 0.20
CA SER F 9 17.46 1.60 1.02
C SER F 9 16.00 1.26 1.30
N VAL F 10 15.42 1.99 2.25
CA VAL F 10 14.01 1.85 2.56
C VAL F 10 13.57 3.05 3.41
N SER F 11 12.32 3.45 3.26
CA SER F 11 11.82 4.63 3.95
C SER F 11 10.38 4.44 4.40
N ALA F 12 9.99 5.18 5.42
CA ALA F 12 8.63 5.11 5.97
C ALA F 12 8.37 6.28 6.90
N ALA F 13 7.10 6.66 7.03
CA ALA F 13 6.72 7.75 7.91
C ALA F 13 6.84 7.33 9.38
N PRO F 14 7.11 8.31 10.26
CA PRO F 14 7.11 8.02 11.69
C PRO F 14 5.76 7.48 12.14
N GLY F 15 5.78 6.44 12.97
CA GLY F 15 4.57 5.84 13.47
C GLY F 15 4.15 4.67 12.61
N GLN F 16 4.71 4.60 11.40
CA GLN F 16 4.39 3.54 10.46
C GLN F 16 5.27 2.31 10.68
N LYS F 17 5.07 1.29 9.86
CA LYS F 17 5.80 0.03 9.98
C LYS F 17 6.62 -0.24 8.72
N VAL F 18 7.79 -0.85 8.91
CA VAL F 18 8.66 -1.17 7.79
C VAL F 18 9.31 -2.54 8.04
N THR F 19 9.56 -3.30 6.98
CA THR F 19 10.34 -4.52 7.11
C THR F 19 11.50 -4.53 6.12
N ILE F 20 12.67 -4.90 6.60
CA ILE F 20 13.86 -5.05 5.76
C ILE F 20 14.14 -6.52 5.63
N SER F 21 14.53 -6.96 4.43
CA SER F 21 14.75 -8.38 4.20
C SER F 21 16.12 -8.65 3.62
N CYS F 22 16.59 -9.89 3.75
CA CYS F 22 17.76 -10.30 2.99
C CYS F 22 17.64 -11.76 2.59
N SER F 23 17.97 -12.03 1.33
CA SER F 23 17.87 -13.35 0.75
C SER F 23 19.25 -13.97 0.60
N GLY F 24 19.35 -15.25 0.92
CA GLY F 24 20.59 -15.99 0.76
C GLY F 24 20.31 -17.38 0.20
N SER F 25 21.21 -18.30 0.49
CA SER F 25 21.05 -19.70 0.08
C SER F 25 20.64 -20.56 1.26
N SER F 26 20.44 -21.85 1.01
CA SER F 26 20.11 -22.79 2.07
C SER F 26 21.36 -23.12 2.87
N SER F 27 22.50 -22.68 2.35
CA SER F 27 23.80 -22.92 2.96
C SER F 27 24.11 -21.89 4.05
N ASN F 28 23.36 -20.80 4.08
CA ASN F 28 23.51 -19.82 5.15
C ASN F 28 22.17 -19.54 5.86
N ILE F 29 21.37 -18.64 5.32
CA ILE F 29 20.10 -18.27 5.94
C ILE F 29 19.13 -19.46 5.98
N GLY F 30 19.33 -20.42 5.10
CA GLY F 30 18.49 -21.60 5.04
C GLY F 30 18.47 -22.43 6.32
N ASN F 31 19.65 -22.82 6.79
CA ASN F 31 19.74 -23.73 7.94
C ASN F 31 20.42 -23.14 9.16
N ASN F 32 21.04 -21.97 9.01
CA ASN F 32 21.77 -21.36 10.11
C ASN F 32 21.02 -20.20 10.74
N TYR F 33 21.52 -19.74 11.88
CA TYR F 33 20.84 -18.75 12.70
C TYR F 33 21.14 -17.35 12.19
N VAL F 34 20.09 -16.56 11.97
CA VAL F 34 20.24 -15.23 11.40
C VAL F 34 20.25 -14.14 12.48
N SER F 35 21.17 -13.19 12.37
CA SER F 35 21.25 -12.11 13.34
C SER F 35 21.15 -10.75 12.66
N TRP F 36 20.59 -9.78 13.38
CA TRP F 36 20.42 -8.43 12.84
C TRP F 36 21.19 -7.40 13.67
N TYR F 37 21.84 -6.48 12.97
CA TYR F 37 22.71 -5.48 13.58
C TYR F 37 22.37 -4.06 13.14
N GLN F 38 22.20 -3.17 14.13
CA GLN F 38 21.89 -1.77 13.88
C GLN F 38 23.12 -0.87 14.00
N GLN F 39 23.31 0.00 13.03
CA GLN F 39 24.41 0.95 13.03
C GLN F 39 23.89 2.36 12.78
N LEU F 40 23.76 3.12 13.87
CA LEU F 40 23.40 4.53 13.80
C LEU F 40 24.57 5.32 13.20
N PRO F 41 24.29 6.50 12.61
CA PRO F 41 25.30 7.26 11.87
C PRO F 41 26.60 7.50 12.65
N GLY F 42 27.71 7.00 12.11
CA GLY F 42 29.01 7.11 12.76
C GLY F 42 29.03 6.48 14.14
N THR F 43 28.80 5.17 14.21
CA THR F 43 28.67 4.46 15.48
C THR F 43 28.98 2.98 15.27
N ALA F 44 29.51 2.33 16.31
CA ALA F 44 29.72 0.89 16.28
C ALA F 44 28.38 0.17 16.12
N PRO F 45 28.36 -0.87 15.28
CA PRO F 45 27.19 -1.75 15.12
C PRO F 45 26.71 -2.32 16.45
N LYS F 46 25.40 -2.51 16.58
CA LYS F 46 24.79 -3.03 17.79
C LYS F 46 23.88 -4.21 17.47
N LEU F 47 24.00 -5.30 18.22
CA LEU F 47 23.18 -6.48 17.98
C LEU F 47 21.70 -6.17 18.22
N LEU F 48 20.89 -6.41 17.19
CA LEU F 48 19.45 -6.17 17.24
C LEU F 48 18.66 -7.45 17.44
N ILE F 49 18.98 -8.46 16.64
CA ILE F 49 18.26 -9.74 16.71
C ILE F 49 19.25 -10.90 16.71
N TYR F 50 18.98 -11.93 17.52
CA TYR F 50 19.78 -13.14 17.47
C TYR F 50 18.87 -14.35 17.40
N ASP F 51 19.41 -15.49 16.96
CA ASP F 51 18.64 -16.71 16.77
C ASP F 51 17.39 -16.47 15.92
N SER F 52 17.59 -15.76 14.81
CA SER F 52 16.55 -15.47 13.81
C SER F 52 15.39 -14.60 14.31
N ASN F 53 14.91 -14.86 15.53
CA ASN F 53 13.72 -14.15 16.03
C ASN F 53 13.74 -13.83 17.52
N LYS F 54 14.92 -13.64 18.09
CA LYS F 54 15.00 -13.32 19.51
C LYS F 54 15.60 -11.94 19.74
N ARG F 55 15.11 -11.26 20.78
CA ARG F 55 15.59 -9.92 21.13
C ARG F 55 16.51 -9.94 22.36
N PRO F 56 17.68 -9.29 22.24
CA PRO F 56 18.50 -8.98 23.41
C PRO F 56 17.73 -8.10 24.38
N SER F 57 18.09 -8.13 25.66
CA SER F 57 17.44 -7.25 26.62
C SER F 57 17.83 -5.81 26.33
N GLY F 58 16.86 -4.90 26.50
CA GLY F 58 17.10 -3.50 26.22
C GLY F 58 16.65 -3.11 24.83
N ILE F 59 16.48 -4.11 23.97
CA ILE F 59 15.97 -3.88 22.62
C ILE F 59 14.45 -3.92 22.62
N PRO F 60 13.82 -2.79 22.27
CA PRO F 60 12.35 -2.64 22.31
C PRO F 60 11.64 -3.73 21.52
N ASP F 61 10.44 -4.09 21.95
CA ASP F 61 9.69 -5.14 21.27
C ASP F 61 9.12 -4.65 19.94
N ARG F 62 9.41 -3.39 19.60
CA ARG F 62 9.08 -2.85 18.28
C ARG F 62 9.82 -3.61 17.19
N PHE F 63 10.99 -4.13 17.55
CA PHE F 63 11.83 -4.84 16.60
C PHE F 63 11.51 -6.34 16.58
N SER F 64 11.43 -6.91 15.39
CA SER F 64 11.01 -8.30 15.23
C SER F 64 11.91 -9.03 14.24
N GLY F 65 12.08 -10.33 14.44
CA GLY F 65 12.85 -11.12 13.51
C GLY F 65 12.03 -12.31 13.04
N SER F 66 12.25 -12.69 11.79
CA SER F 66 11.59 -13.87 11.26
C SER F 66 12.38 -14.45 10.11
N LYS F 67 12.18 -15.73 9.84
CA LYS F 67 12.94 -16.43 8.82
C LYS F 67 12.01 -17.34 8.01
N SER F 68 12.07 -17.20 6.68
CA SER F 68 11.28 -18.04 5.79
C SER F 68 12.14 -18.60 4.65
N GLY F 69 12.25 -19.91 4.59
CA GLY F 69 13.05 -20.56 3.57
C GLY F 69 14.50 -20.08 3.57
N THR F 70 14.88 -19.34 2.53
CA THR F 70 16.23 -18.81 2.45
C THR F 70 16.25 -17.28 2.47
N SER F 71 15.29 -16.68 3.16
CA SER F 71 15.28 -15.22 3.31
C SER F 71 14.78 -14.83 4.71
N ALA F 72 15.47 -13.86 5.31
CA ALA F 72 15.10 -13.42 6.64
C ALA F 72 14.56 -12.01 6.58
N THR F 73 13.75 -11.65 7.56
CA THR F 73 13.15 -10.32 7.64
C THR F 73 13.22 -9.74 9.06
N LEU F 74 13.72 -8.52 9.16
CA LEU F 74 13.61 -7.70 10.35
C LEU F 74 12.42 -6.78 10.19
N GLY F 75 11.67 -6.55 11.26
CA GLY F 75 10.48 -5.75 11.17
C GLY F 75 10.39 -4.72 12.28
N ILE F 76 10.38 -3.45 11.89
CA ILE F 76 10.30 -2.35 12.85
C ILE F 76 8.95 -1.66 12.73
N THR F 77 8.20 -1.65 13.83
CA THR F 77 6.87 -1.05 13.85
C THR F 77 6.82 0.08 14.88
N GLY F 78 5.94 1.05 14.64
CA GLY F 78 5.88 2.23 15.48
C GLY F 78 7.13 3.05 15.30
N LEU F 79 7.54 3.16 14.04
CA LEU F 79 8.81 3.77 13.66
C LEU F 79 9.04 5.15 14.29
N GLN F 80 10.25 5.36 14.79
CA GLN F 80 10.66 6.64 15.38
C GLN F 80 11.85 7.18 14.61
N THR F 81 12.03 8.50 14.60
CA THR F 81 13.15 9.11 13.89
C THR F 81 14.49 8.66 14.46
N GLY F 82 14.47 8.16 15.69
CA GLY F 82 15.65 7.62 16.32
C GLY F 82 16.05 6.27 15.75
N ASP F 83 15.21 5.74 14.87
CA ASP F 83 15.49 4.46 14.22
C ASP F 83 16.20 4.67 12.89
N GLU F 84 16.30 5.92 12.45
CA GLU F 84 17.02 6.28 11.23
C GLU F 84 18.45 5.75 11.30
N ALA F 85 18.77 4.76 10.47
CA ALA F 85 20.05 4.08 10.63
C ALA F 85 20.44 3.21 9.45
N ASP F 86 21.47 2.38 9.66
CA ASP F 86 21.80 1.33 8.70
C ASP F 86 21.62 -0.02 9.36
N TYR F 87 21.02 -0.97 8.65
CA TYR F 87 20.72 -2.28 9.23
C TYR F 87 21.37 -3.40 8.42
N TYR F 88 21.95 -4.36 9.13
CA TYR F 88 22.65 -5.47 8.48
C TYR F 88 22.13 -6.82 8.97
N CYS F 89 21.95 -7.77 8.05
CA CYS F 89 21.71 -9.15 8.45
C CYS F 89 23.02 -9.91 8.32
N GLY F 90 23.19 -10.92 9.17
CA GLY F 90 24.42 -11.69 9.17
C GLY F 90 24.22 -13.12 9.63
N THR F 91 25.05 -14.01 9.08
CA THR F 91 24.99 -15.42 9.46
C THR F 91 26.22 -16.16 8.94
N TRP F 92 26.44 -17.35 9.48
CA TRP F 92 27.54 -18.20 9.03
C TRP F 92 27.17 -18.97 7.77
N ASP F 93 28.10 -19.04 6.83
CA ASP F 93 27.87 -19.80 5.60
C ASP F 93 28.54 -21.17 5.69
N SER F 94 27.73 -22.22 5.78
CA SER F 94 28.24 -23.57 5.94
C SER F 94 28.93 -24.08 4.67
N SER F 95 28.65 -23.45 3.55
CA SER F 95 29.21 -23.88 2.27
C SER F 95 30.54 -23.21 1.96
N LEU F 96 30.70 -21.97 2.42
CA LEU F 96 31.90 -21.20 2.13
C LEU F 96 32.84 -21.16 3.33
N SER F 97 32.36 -21.72 4.45
CA SER F 97 33.10 -21.71 5.71
C SER F 97 33.55 -20.29 6.05
N VAL F 98 32.63 -19.36 5.93
CA VAL F 98 32.90 -17.93 6.12
C VAL F 98 31.67 -17.25 6.71
N TRP F 99 31.88 -16.38 7.68
CA TRP F 99 30.80 -15.59 8.25
C TRP F 99 30.48 -14.43 7.30
N VAL F 100 29.19 -14.13 7.12
CA VAL F 100 28.78 -13.14 6.12
C VAL F 100 27.77 -12.12 6.63
N PHE F 101 28.05 -10.86 6.31
CA PHE F 101 27.12 -9.75 6.53
C PHE F 101 26.38 -9.43 5.24
N GLY F 102 25.18 -8.86 5.38
CA GLY F 102 24.46 -8.37 4.23
C GLY F 102 25.07 -7.05 3.77
N GLY F 103 24.70 -6.62 2.58
CA GLY F 103 25.19 -5.36 2.04
C GLY F 103 24.80 -4.15 2.86
N GLY F 104 23.76 -4.29 3.67
CA GLY F 104 23.28 -3.20 4.49
C GLY F 104 22.10 -2.48 3.87
N THR F 105 21.23 -1.91 4.72
CA THR F 105 20.05 -1.19 4.26
C THR F 105 19.89 0.12 5.03
N LYS F 106 19.78 1.23 4.31
CA LYS F 106 19.60 2.51 5.00
C LYS F 106 18.13 2.82 5.26
N LEU F 107 17.73 2.74 6.51
CA LEU F 107 16.39 3.12 6.93
C LEU F 107 16.29 4.61 7.19
N THR F 108 15.61 5.31 6.28
CA THR F 108 15.27 6.71 6.44
C THR F 108 13.88 6.83 7.05
N VAL F 109 13.76 7.60 8.11
CA VAL F 109 12.46 7.90 8.68
C VAL F 109 12.04 9.28 8.21
N LEU F 110 11.11 9.31 7.25
CA LEU F 110 10.71 10.52 6.52
C LEU F 110 10.34 11.67 7.46
N GLY F 111 10.93 12.83 7.20
CA GLY F 111 10.68 14.01 8.02
C GLY F 111 10.38 15.23 7.18
N GLN F 112 10.48 15.07 5.86
CA GLN F 112 10.19 16.15 4.93
C GLN F 112 9.75 15.55 3.60
N PRO F 113 9.12 16.38 2.74
CA PRO F 113 8.75 15.87 1.40
C PRO F 113 9.92 15.26 0.65
N LYS F 114 9.65 14.14 -0.02
CA LYS F 114 10.64 13.47 -0.86
C LYS F 114 11.16 14.41 -1.94
N ALA F 115 12.46 14.36 -2.21
CA ALA F 115 13.07 15.23 -3.20
C ALA F 115 13.74 14.44 -4.31
N ALA F 116 13.31 14.69 -5.54
CA ALA F 116 13.91 14.04 -6.70
C ALA F 116 15.28 14.64 -6.98
N PRO F 117 16.27 13.78 -7.22
CA PRO F 117 17.64 14.20 -7.47
C PRO F 117 17.75 15.08 -8.71
N SER F 118 18.56 16.12 -8.62
CA SER F 118 18.90 16.95 -9.76
C SER F 118 20.21 16.44 -10.33
N VAL F 119 20.20 16.13 -11.62
CA VAL F 119 21.32 15.44 -12.25
C VAL F 119 21.93 16.24 -13.40
N THR F 120 23.25 16.40 -13.36
CA THR F 120 23.96 17.11 -14.42
C THR F 120 25.12 16.26 -14.95
N LEU F 121 25.28 16.20 -16.27
CA LEU F 121 26.31 15.36 -16.86
C LEU F 121 27.28 16.16 -17.72
N PHE F 122 28.56 16.08 -17.38
CA PHE F 122 29.61 16.78 -18.14
C PHE F 122 30.53 15.79 -18.86
N PRO F 123 30.76 16.05 -20.16
CA PRO F 123 31.67 15.25 -20.99
C PRO F 123 33.12 15.53 -20.64
N PRO F 124 34.05 14.69 -21.14
CA PRO F 124 35.47 15.02 -20.95
C PRO F 124 35.82 16.33 -21.65
N SER F 125 36.61 17.16 -20.98
CA SER F 125 37.03 18.43 -21.56
C SER F 125 38.10 18.20 -22.63
N SER F 126 38.11 19.05 -23.65
CA SER F 126 39.11 18.98 -24.70
C SER F 126 40.51 19.21 -24.13
N GLU F 127 40.58 19.94 -23.02
CA GLU F 127 41.83 20.18 -22.31
C GLU F 127 42.30 18.90 -21.63
N GLU F 128 41.37 17.98 -21.36
CA GLU F 128 41.72 16.69 -20.77
C GLU F 128 41.97 15.64 -21.86
N LEU F 129 41.32 15.81 -23.01
CA LEU F 129 41.55 14.92 -24.15
C LEU F 129 42.97 15.09 -24.69
N GLN F 130 43.49 16.31 -24.59
CA GLN F 130 44.84 16.61 -25.04
C GLN F 130 45.86 16.24 -23.95
N ALA F 131 45.36 15.89 -22.77
CA ALA F 131 46.19 15.28 -21.74
C ALA F 131 46.03 13.76 -21.83
N ASN F 132 45.40 13.34 -22.94
CA ASN F 132 45.24 11.94 -23.32
C ASN F 132 44.35 11.12 -22.39
N LYS F 133 43.73 11.77 -21.41
CA LYS F 133 42.78 11.10 -20.53
C LYS F 133 41.35 11.56 -20.80
N ALA F 134 40.39 10.89 -20.17
CA ALA F 134 38.98 11.22 -20.36
C ALA F 134 38.20 10.93 -19.08
N THR F 135 37.41 11.90 -18.63
CA THR F 135 36.61 11.74 -17.43
C THR F 135 35.20 12.28 -17.65
N LEU F 136 34.21 11.41 -17.48
CA LEU F 136 32.82 11.84 -17.49
C LEU F 136 32.33 12.10 -16.07
N VAL F 137 31.68 13.23 -15.86
CA VAL F 137 31.28 13.65 -14.52
C VAL F 137 29.76 13.71 -14.37
N CYS F 138 29.22 12.84 -13.53
CA CYS F 138 27.78 12.82 -13.25
C CYS F 138 27.52 13.34 -11.85
N LEU F 139 26.77 14.43 -11.75
CA LEU F 139 26.59 15.10 -10.47
C LEU F 139 25.13 15.09 -10.02
N ILE F 140 24.94 14.60 -8.80
CA ILE F 140 23.63 14.37 -8.23
C ILE F 140 23.43 15.21 -6.98
N SER F 141 22.35 15.99 -6.92
CA SER F 141 22.16 16.86 -5.76
C SER F 141 20.70 17.00 -5.33
N ASP F 142 20.52 17.49 -4.09
CA ASP F 142 19.21 17.86 -3.56
C ASP F 142 18.17 16.74 -3.60
N PHE F 143 18.54 15.55 -3.15
CA PHE F 143 17.58 14.45 -3.12
C PHE F 143 17.35 13.94 -1.70
N TYR F 144 16.12 13.52 -1.44
CA TYR F 144 15.74 12.95 -0.15
C TYR F 144 14.67 11.88 -0.38
N PRO F 145 14.84 10.69 0.24
CA PRO F 145 15.87 10.30 1.19
C PRO F 145 17.27 10.17 0.57
N GLY F 146 18.28 10.10 1.43
CA GLY F 146 19.66 10.06 0.99
C GLY F 146 20.10 8.69 0.52
N ALA F 147 19.63 8.31 -0.65
CA ALA F 147 19.98 7.02 -1.24
C ALA F 147 19.63 6.99 -2.71
N VAL F 148 20.65 6.82 -3.55
CA VAL F 148 20.43 6.62 -4.96
C VAL F 148 21.25 5.44 -5.46
N THR F 149 20.96 4.99 -6.68
CA THR F 149 21.79 3.98 -7.31
C THR F 149 22.13 4.46 -8.72
N VAL F 150 23.43 4.53 -9.01
CA VAL F 150 23.90 5.07 -10.29
C VAL F 150 24.26 3.95 -11.27
N ALA F 151 23.97 4.19 -12.53
CA ALA F 151 24.27 3.23 -13.58
C ALA F 151 24.82 3.94 -14.80
N TRP F 152 25.75 3.29 -15.50
CA TRP F 152 26.34 3.89 -16.70
C TRP F 152 26.02 3.08 -17.95
N LYS F 153 25.77 3.76 -19.05
CA LYS F 153 25.40 3.10 -20.29
C LYS F 153 26.41 3.53 -21.34
N ALA F 154 26.70 2.62 -22.28
CA ALA F 154 27.20 2.93 -23.60
C ALA F 154 25.99 3.17 -24.51
N ASP F 155 26.17 2.96 -25.81
CA ASP F 155 25.09 3.16 -26.77
C ASP F 155 23.79 2.57 -26.26
N SER F 156 23.82 1.29 -25.92
CA SER F 156 22.64 0.60 -25.41
C SER F 156 23.06 -0.59 -24.55
N SER F 157 24.30 -0.57 -24.10
CA SER F 157 24.82 -1.62 -23.23
C SER F 157 25.51 -1.06 -21.99
N PRO F 158 25.26 -1.69 -20.82
CA PRO F 158 25.82 -1.30 -19.52
C PRO F 158 27.34 -1.20 -19.48
N VAL F 159 27.85 -0.31 -18.63
CA VAL F 159 29.29 -0.16 -18.42
C VAL F 159 29.57 -0.22 -16.92
N LYS F 160 30.54 -1.04 -16.52
CA LYS F 160 30.80 -1.24 -15.09
C LYS F 160 32.25 -0.94 -14.70
N ALA F 161 33.16 -1.02 -15.66
CA ALA F 161 34.58 -0.84 -15.36
C ALA F 161 34.99 0.63 -15.39
N GLY F 162 35.80 1.02 -14.41
CA GLY F 162 36.34 2.37 -14.34
C GLY F 162 35.34 3.40 -13.88
N VAL F 163 34.56 3.07 -12.85
CA VAL F 163 33.58 4.00 -12.31
C VAL F 163 33.74 4.16 -10.80
N GLU F 164 34.07 5.37 -10.37
CA GLU F 164 34.17 5.67 -8.94
C GLU F 164 32.97 6.51 -8.52
N THR F 165 32.26 6.09 -7.49
CA THR F 165 31.06 6.81 -7.08
C THR F 165 31.06 7.11 -5.58
N THR F 166 30.82 8.38 -5.25
CA THR F 166 30.73 8.80 -3.86
C THR F 166 29.53 8.18 -3.17
N THR F 167 29.53 8.23 -1.84
CA THR F 167 28.39 7.85 -1.06
C THR F 167 27.69 9.16 -0.77
N PRO F 168 26.35 9.16 -0.73
CA PRO F 168 25.45 10.25 -0.34
C PRO F 168 25.98 10.97 0.89
N SER F 169 26.20 12.27 0.74
CA SER F 169 26.63 13.12 1.84
C SER F 169 25.59 14.18 2.16
N LYS F 170 25.40 14.43 3.45
CA LYS F 170 24.37 15.37 3.91
C LYS F 170 24.62 16.78 3.39
N GLN F 171 23.63 17.33 2.72
CA GLN F 171 23.67 18.73 2.25
C GLN F 171 23.53 19.63 3.46
N SER F 172 23.78 20.92 3.29
CA SER F 172 23.60 21.88 4.37
C SER F 172 22.13 21.95 4.76
N ASN F 173 21.25 21.83 3.77
CA ASN F 173 19.81 21.88 4.01
C ASN F 173 19.17 20.50 4.14
N ASN F 174 19.90 19.59 4.80
CA ASN F 174 19.41 18.24 5.10
C ASN F 174 19.02 17.38 3.90
N LYS F 175 19.25 17.89 2.68
CA LYS F 175 19.16 17.05 1.49
C LYS F 175 20.46 16.25 1.38
N TYR F 176 20.69 15.61 0.24
CA TYR F 176 21.90 14.82 0.06
C TYR F 176 22.53 15.04 -1.30
N ALA F 177 23.85 14.89 -1.36
CA ALA F 177 24.58 15.04 -2.62
C ALA F 177 25.50 13.86 -2.85
N ALA F 178 25.72 13.55 -4.13
CA ALA F 178 26.63 12.48 -4.50
C ALA F 178 27.16 12.72 -5.91
N SER F 179 28.28 12.08 -6.22
CA SER F 179 28.93 12.26 -7.51
C SER F 179 29.47 10.94 -8.05
N SER F 180 29.55 10.84 -9.37
CA SER F 180 30.05 9.63 -10.02
C SER F 180 30.93 9.96 -11.21
N TYR F 181 32.15 9.43 -11.21
CA TYR F 181 33.09 9.69 -12.28
C TYR F 181 33.38 8.42 -13.07
N LEU F 182 33.28 8.54 -14.40
CA LEU F 182 33.60 7.44 -15.31
C LEU F 182 34.85 7.75 -16.10
N SER F 183 35.93 7.00 -15.83
CA SER F 183 37.19 7.19 -16.54
C SER F 183 37.19 6.44 -17.87
N LEU F 184 37.89 6.99 -18.85
CA LEU F 184 37.95 6.41 -20.19
C LEU F 184 39.26 6.72 -20.89
N THR F 185 39.28 6.49 -22.20
CA THR F 185 40.34 6.95 -23.07
C THR F 185 39.67 7.65 -24.26
N PRO F 186 40.32 8.66 -24.83
CA PRO F 186 39.74 9.45 -25.93
C PRO F 186 39.17 8.58 -27.05
N GLU F 187 39.82 7.47 -27.34
CA GLU F 187 39.34 6.53 -28.35
C GLU F 187 37.95 6.00 -27.99
N GLN F 188 37.77 5.65 -26.73
CA GLN F 188 36.48 5.15 -26.26
C GLN F 188 35.38 6.19 -26.41
N TRP F 189 35.70 7.43 -26.05
CA TRP F 189 34.73 8.52 -26.12
C TRP F 189 34.36 8.87 -27.55
N LYS F 190 35.33 8.81 -28.46
CA LYS F 190 35.06 9.10 -29.87
C LYS F 190 34.39 7.93 -30.58
N SER F 191 34.54 6.73 -30.02
CA SER F 191 34.02 5.52 -30.65
C SER F 191 32.49 5.41 -30.60
N HIS F 192 31.94 5.63 -29.41
CA HIS F 192 30.51 5.46 -29.18
C HIS F 192 29.72 6.70 -29.61
N ARG F 193 28.44 6.52 -29.90
CA ARG F 193 27.58 7.61 -30.33
C ARG F 193 27.28 8.55 -29.16
N SER F 194 27.16 7.98 -27.96
CA SER F 194 26.90 8.75 -26.75
C SER F 194 27.11 7.93 -25.48
N TYR F 195 27.12 8.63 -24.35
CA TYR F 195 27.18 7.98 -23.05
C TYR F 195 26.00 8.42 -22.19
N SER F 196 25.55 7.54 -21.30
CA SER F 196 24.41 7.88 -20.44
C SER F 196 24.65 7.60 -18.95
N CYS F 197 24.07 8.46 -18.13
CA CYS F 197 24.11 8.33 -16.67
C CYS F 197 22.69 8.19 -16.14
N GLN F 198 22.46 7.14 -15.36
CA GLN F 198 21.12 6.85 -14.84
C GLN F 198 21.09 6.80 -13.32
N VAL F 199 20.45 7.79 -12.72
CA VAL F 199 20.31 7.85 -11.27
C VAL F 199 18.93 7.37 -10.85
N THR F 200 18.89 6.37 -9.98
CA THR F 200 17.62 5.85 -9.50
C THR F 200 17.41 6.22 -8.04
N HIS F 201 16.30 6.91 -7.80
CA HIS F 201 15.92 7.38 -6.48
C HIS F 201 14.45 7.05 -6.22
N GLU F 202 14.19 6.32 -5.14
CA GLU F 202 12.85 5.89 -4.77
C GLU F 202 12.06 5.31 -5.94
N GLY F 203 12.67 4.37 -6.65
CA GLY F 203 12.00 3.67 -7.73
C GLY F 203 11.79 4.50 -8.99
N SER F 204 12.28 5.73 -9.00
CA SER F 204 12.18 6.59 -10.17
C SER F 204 13.57 6.85 -10.74
N THR F 205 13.73 6.69 -12.05
CA THR F 205 15.06 6.77 -12.67
C THR F 205 15.20 7.91 -13.66
N VAL F 206 16.14 8.81 -13.38
CA VAL F 206 16.47 9.93 -14.25
C VAL F 206 17.70 9.59 -15.09
N GLU F 207 17.69 10.02 -16.36
CA GLU F 207 18.82 9.73 -17.25
C GLU F 207 19.31 10.98 -17.99
N LYS F 208 20.63 11.12 -18.08
CA LYS F 208 21.24 12.21 -18.85
C LYS F 208 22.26 11.67 -19.84
N THR F 209 22.27 12.21 -21.06
CA THR F 209 23.08 11.67 -22.13
C THR F 209 23.96 12.73 -22.79
N VAL F 210 25.22 12.38 -23.06
CA VAL F 210 26.15 13.31 -23.72
C VAL F 210 26.80 12.69 -24.96
N ALA F 211 27.05 13.51 -25.97
CA ALA F 211 27.61 13.06 -27.25
C ALA F 211 28.93 13.76 -27.58
N PRO F 212 29.83 13.05 -28.28
CA PRO F 212 31.15 13.58 -28.65
C PRO F 212 31.09 14.66 -29.73
N THR F 213 30.17 14.54 -30.68
CA THR F 213 30.05 15.53 -31.75
C THR F 213 28.97 16.56 -31.41
N GLU F 214 29.34 17.55 -30.61
CA GLU F 214 28.40 18.57 -30.18
C GLU F 214 29.10 19.90 -29.91
N VAL G 46 33.99 22.79 30.84
CA VAL G 46 34.01 21.37 31.18
C VAL G 46 32.61 20.88 31.54
N THR G 47 32.26 20.96 32.81
CA THR G 47 30.98 20.43 33.28
C THR G 47 29.93 21.54 33.40
N THR G 48 29.47 22.03 32.25
CA THR G 48 28.38 22.98 32.21
C THR G 48 27.08 22.23 32.48
N THR G 49 26.41 22.54 33.59
CA THR G 49 25.31 21.71 34.07
C THR G 49 24.14 22.52 34.64
N VAL G 50 22.92 22.22 34.18
CA VAL G 50 21.69 22.83 34.68
C VAL G 50 21.25 21.93 35.83
N SER G 51 20.65 22.51 36.87
CA SER G 51 20.04 21.75 37.95
C SER G 51 18.54 21.60 37.67
N ASN G 52 17.77 21.23 38.69
CA ASN G 52 16.35 20.86 38.54
C ASN G 52 15.60 21.96 37.78
N MET G 53 14.63 21.57 36.96
CA MET G 53 13.91 22.54 36.12
C MET G 53 12.40 22.46 36.28
N ALA G 54 11.74 23.61 36.15
CA ALA G 54 10.28 23.65 36.17
C ALA G 54 9.76 23.60 34.74
N GLU G 55 8.81 22.70 34.49
CA GLU G 55 8.30 22.49 33.13
C GLU G 55 7.38 23.62 32.69
N VAL G 56 7.74 24.26 31.58
CA VAL G 56 6.96 25.35 31.03
C VAL G 56 5.69 24.84 30.35
N ARG G 57 5.87 24.13 29.25
CA ARG G 57 4.76 23.71 28.40
C ARG G 57 5.13 22.49 27.55
N SER G 58 4.25 21.49 27.53
CA SER G 58 4.51 20.27 26.77
C SER G 58 3.59 20.13 25.55
N TYR G 59 4.19 19.82 24.40
CA TYR G 59 3.46 19.62 23.15
C TYR G 59 3.33 18.14 22.78
N CYS G 60 2.11 17.69 22.49
CA CYS G 60 1.88 16.33 22.03
C CYS G 60 2.13 16.22 20.53
N TYR G 61 2.87 15.20 20.12
CA TYR G 61 3.18 15.02 18.71
C TYR G 61 2.70 13.68 18.16
N GLU G 62 2.28 12.78 19.05
CA GLU G 62 1.58 11.58 18.62
C GLU G 62 0.35 11.31 19.48
N ALA G 63 -0.82 11.29 18.82
CA ALA G 63 -2.09 11.32 19.52
C ALA G 63 -3.02 10.17 19.14
N SER G 64 -4.02 9.93 19.98
CA SER G 64 -4.97 8.85 19.77
C SER G 64 -6.39 9.28 20.16
N ILE G 65 -7.41 8.60 19.61
CA ILE G 65 -8.80 8.92 19.94
C ILE G 65 -9.56 7.68 20.42
N SER G 66 -10.64 7.92 21.18
CA SER G 66 -11.46 6.85 21.75
C SER G 66 -12.83 7.38 22.14
N ASP G 67 -13.74 6.48 22.50
CA ASP G 67 -15.12 6.83 22.86
C ASP G 67 -15.74 7.77 21.83
N MET G 68 -15.46 7.49 20.57
CA MET G 68 -15.91 8.32 19.47
C MET G 68 -17.39 8.11 19.18
N ALA G 69 -18.16 9.20 19.23
CA ALA G 69 -19.61 9.11 19.05
C ALA G 69 -20.14 10.23 18.16
N SER G 70 -21.32 10.01 17.59
CA SER G 70 -21.89 10.91 16.60
C SER G 70 -23.40 11.04 16.77
N ASP G 71 -23.89 12.27 16.93
CA ASP G 71 -25.34 12.50 16.99
C ASP G 71 -25.80 13.45 15.90
N SER G 72 -26.95 13.14 15.32
CA SER G 72 -27.49 13.93 14.21
C SER G 72 -29.00 14.10 14.31
N ARG G 73 -29.45 15.34 14.38
CA ARG G 73 -30.88 15.65 14.38
C ARG G 73 -31.35 16.04 12.99
N CYS G 74 -32.66 15.96 12.79
CA CYS G 74 -33.27 16.35 11.53
C CYS G 74 -33.68 17.82 11.59
N PRO G 75 -34.05 18.41 10.43
CA PRO G 75 -34.62 19.76 10.45
C PRO G 75 -35.96 19.95 11.17
N THR G 76 -36.16 21.13 11.76
CA THR G 76 -37.13 21.47 12.81
C THR G 76 -37.16 20.52 14.03
N GLN G 77 -36.00 20.02 14.42
CA GLN G 77 -35.91 19.16 15.60
C GLN G 77 -34.68 19.47 16.46
N GLY G 78 -34.24 20.72 16.43
CA GLY G 78 -33.20 21.21 17.32
C GLY G 78 -31.79 20.75 16.99
N GLU G 79 -30.82 21.26 17.74
CA GLU G 79 -29.42 20.92 17.53
C GLU G 79 -29.07 19.61 18.23
N ALA G 80 -28.06 18.92 17.70
CA ALA G 80 -27.68 17.61 18.20
C ALA G 80 -26.87 17.71 19.49
N TYR G 81 -26.93 16.66 20.30
CA TYR G 81 -26.29 16.67 21.61
C TYR G 81 -25.71 15.31 21.98
N LEU G 82 -24.48 15.33 22.48
CA LEU G 82 -23.85 14.13 23.05
C LEU G 82 -23.40 14.44 24.47
N ASP G 83 -23.34 13.41 25.31
CA ASP G 83 -23.00 13.57 26.72
C ASP G 83 -21.66 14.27 26.93
N LYS G 84 -20.63 13.77 26.24
CA LYS G 84 -19.27 14.24 26.44
C LYS G 84 -18.92 15.40 25.51
N GLN G 85 -19.94 16.11 25.04
CA GLN G 85 -19.75 17.30 24.21
C GLN G 85 -19.08 18.42 24.97
N SER G 86 -19.46 18.58 26.23
CA SER G 86 -18.92 19.64 27.08
C SER G 86 -17.71 19.17 27.87
N ASP G 87 -17.37 17.88 27.75
CA ASP G 87 -16.21 17.32 28.41
C ASP G 87 -14.93 17.94 27.85
N THR G 88 -13.96 18.18 28.73
CA THR G 88 -12.74 18.87 28.35
C THR G 88 -11.70 17.94 27.72
N GLN G 89 -11.87 16.64 27.93
CA GLN G 89 -10.96 15.66 27.35
C GLN G 89 -11.39 15.24 25.95
N TYR G 90 -12.45 15.86 25.46
CA TYR G 90 -13.02 15.50 24.17
C TYR G 90 -12.86 16.61 23.12
N VAL G 91 -12.45 16.22 21.92
CA VAL G 91 -12.44 17.14 20.79
C VAL G 91 -13.74 16.92 20.00
N CYS G 92 -14.42 18.01 19.67
CA CYS G 92 -15.72 17.91 19.02
C CYS G 92 -15.82 18.74 17.74
N LYS G 93 -16.81 18.42 16.93
CA LYS G 93 -17.10 19.18 15.72
C LYS G 93 -18.60 19.23 15.47
N ARG G 94 -19.15 20.43 15.43
CA ARG G 94 -20.56 20.64 15.14
C ARG G 94 -20.72 21.37 13.81
N THR G 95 -21.59 20.83 12.96
CA THR G 95 -21.83 21.39 11.64
C THR G 95 -23.26 21.12 11.19
N LEU G 96 -23.59 21.56 9.98
CA LEU G 96 -24.93 21.33 9.41
C LEU G 96 -24.82 20.49 8.15
N VAL G 97 -25.61 19.42 8.08
CA VAL G 97 -25.58 18.54 6.92
C VAL G 97 -26.91 18.53 6.19
N ASP G 98 -26.88 18.24 4.90
CA ASP G 98 -28.10 18.22 4.08
C ASP G 98 -28.95 17.01 4.38
N ARG G 99 -30.17 17.24 4.85
CA ARG G 99 -31.10 16.15 5.14
C ARG G 99 -32.33 16.23 4.26
N GLY G 100 -32.90 15.07 3.96
CA GLY G 100 -34.10 14.96 3.16
C GLY G 100 -34.69 13.57 3.29
N TRP G 101 -35.59 13.21 2.37
CA TRP G 101 -36.17 11.88 2.38
C TRP G 101 -35.10 10.84 2.07
N GLY G 102 -34.21 11.18 1.15
CA GLY G 102 -33.17 10.28 0.67
C GLY G 102 -32.20 9.78 1.72
N ASN G 103 -32.22 10.36 2.92
CA ASN G 103 -31.34 9.89 3.98
C ASN G 103 -32.02 9.84 5.34
N GLY G 104 -33.32 9.57 5.34
CA GLY G 104 -34.07 9.31 6.56
C GLY G 104 -34.60 10.53 7.28
N CYS G 105 -35.39 11.33 6.59
CA CYS G 105 -35.99 12.52 7.20
C CYS G 105 -37.24 12.97 6.43
N GLY G 106 -38.19 13.55 7.15
CA GLY G 106 -39.44 13.98 6.54
C GLY G 106 -39.28 15.16 5.62
N LEU G 107 -38.77 16.27 6.15
CA LEU G 107 -38.67 17.50 5.39
C LEU G 107 -37.25 17.80 4.94
N PHE G 108 -37.15 18.48 3.81
CA PHE G 108 -35.88 18.90 3.23
C PHE G 108 -35.22 19.98 4.09
N GLY G 109 -33.89 20.00 4.12
CA GLY G 109 -33.18 21.06 4.81
C GLY G 109 -32.00 20.65 5.65
N LYS G 110 -31.29 21.64 6.18
CA LYS G 110 -30.11 21.40 7.00
C LYS G 110 -30.46 20.85 8.37
N GLY G 111 -29.83 19.75 8.74
CA GLY G 111 -29.96 19.19 10.08
C GLY G 111 -28.65 19.36 10.82
N SER G 112 -28.71 19.35 12.15
CA SER G 112 -27.52 19.59 12.97
C SER G 112 -26.80 18.29 13.30
N LEU G 113 -25.52 18.22 12.95
CA LEU G 113 -24.69 17.06 13.25
C LEU G 113 -23.53 17.44 14.15
N VAL G 114 -23.20 16.56 15.10
CA VAL G 114 -22.03 16.79 15.94
C VAL G 114 -21.33 15.47 16.28
N THR G 115 -20.00 15.48 16.19
CA THR G 115 -19.19 14.31 16.49
C THR G 115 -18.14 14.62 17.56
N CYS G 116 -17.98 13.70 18.50
CA CYS G 116 -17.03 13.90 19.60
C CYS G 116 -16.14 12.69 19.82
N ALA G 117 -14.84 12.94 19.98
CA ALA G 117 -13.89 11.87 20.25
C ALA G 117 -12.98 12.23 21.43
N LYS G 118 -12.77 11.27 22.33
CA LYS G 118 -11.93 11.50 23.51
C LYS G 118 -10.46 11.52 23.11
N PHE G 119 -9.88 12.71 23.16
CA PHE G 119 -8.49 12.90 22.78
C PHE G 119 -7.52 12.45 23.88
N ALA G 120 -6.48 11.73 23.48
CA ALA G 120 -5.47 11.26 24.40
C ALA G 120 -4.08 11.35 23.77
N CYS G 121 -3.08 11.60 24.58
CA CYS G 121 -1.72 11.71 24.07
C CYS G 121 -0.96 10.39 24.19
N SER G 122 -0.17 10.08 23.17
CA SER G 122 0.68 8.90 23.20
C SER G 122 2.15 9.32 23.33
N LYS G 123 2.56 10.32 22.55
CA LYS G 123 3.93 10.85 22.66
C LYS G 123 3.97 12.37 22.65
N LYS G 124 4.61 12.94 23.66
CA LYS G 124 4.71 14.39 23.80
C LYS G 124 6.14 14.81 24.07
N MET G 125 6.45 16.05 23.75
CA MET G 125 7.73 16.66 24.11
C MET G 125 7.49 17.72 25.18
N THR G 126 8.47 17.91 26.05
CA THR G 126 8.31 18.88 27.13
C THR G 126 9.30 20.02 27.00
N GLY G 127 8.90 21.21 27.44
CA GLY G 127 9.75 22.37 27.42
C GLY G 127 10.09 22.80 28.84
N LYS G 128 11.29 23.33 29.04
CA LYS G 128 11.72 23.74 30.37
C LYS G 128 12.43 25.10 30.32
N SER G 129 12.22 25.90 31.36
CA SER G 129 12.84 27.22 31.44
C SER G 129 14.16 27.16 32.20
N ILE G 130 15.20 27.72 31.59
CA ILE G 130 16.51 27.75 32.22
C ILE G 130 16.84 29.17 32.68
N GLN G 131 16.90 29.36 34.00
CA GLN G 131 17.28 30.64 34.57
C GLN G 131 18.74 30.60 34.96
N PRO G 132 19.45 31.72 34.81
CA PRO G 132 20.83 31.80 35.29
C PRO G 132 20.93 31.73 36.82
N GLU G 133 20.14 30.86 37.44
CA GLU G 133 20.11 30.69 38.88
C GLU G 133 20.56 29.29 39.27
N ASN G 134 19.98 28.27 38.63
CA ASN G 134 20.38 26.89 38.87
C ASN G 134 21.30 26.39 37.76
N LEU G 135 22.12 27.29 37.23
CA LEU G 135 23.10 26.97 36.19
C LEU G 135 24.51 27.05 36.78
N GLU G 136 25.42 26.25 36.24
CA GLU G 136 26.79 26.19 36.78
C GLU G 136 27.85 26.05 35.68
N TYR G 137 28.63 27.11 35.49
CA TYR G 137 29.74 27.10 34.53
C TYR G 137 30.92 26.25 35.03
N ARG G 138 31.84 25.92 34.13
CA ARG G 138 33.08 25.23 34.49
C ARG G 138 34.10 25.18 33.35
N ILE G 139 35.36 25.51 33.68
CA ILE G 139 36.46 25.42 32.74
C ILE G 139 37.68 24.81 33.45
N MET G 140 38.50 24.06 32.73
CA MET G 140 39.72 23.50 33.29
C MET G 140 40.82 24.56 33.37
N ASP G 197 23.37 33.78 26.89
CA ASP G 197 22.06 34.37 27.11
C ASP G 197 21.00 33.27 27.25
N PHE G 198 20.44 33.14 28.45
CA PHE G 198 19.49 32.08 28.74
C PHE G 198 18.11 32.61 29.12
N SER G 199 17.78 33.79 28.63
CA SER G 199 16.45 34.36 28.82
C SER G 199 15.66 34.22 27.53
N ASP G 200 16.31 33.65 26.52
CA ASP G 200 15.71 33.48 25.20
C ASP G 200 15.62 32.01 24.83
N LEU G 201 16.01 31.14 25.77
CA LEU G 201 16.12 29.71 25.48
C LEU G 201 15.33 28.81 26.44
N TYR G 202 14.73 27.76 25.87
CA TYR G 202 14.11 26.70 26.64
C TYR G 202 14.88 25.40 26.46
N TYR G 203 14.72 24.48 27.40
CA TYR G 203 15.34 23.16 27.29
C TYR G 203 14.34 22.13 26.78
N LEU G 204 14.34 21.91 25.48
CA LEU G 204 13.41 21.00 24.83
C LEU G 204 13.87 19.55 24.95
N THR G 205 12.97 18.68 25.40
CA THR G 205 13.26 17.25 25.50
C THR G 205 12.19 16.43 24.78
N MET G 206 12.62 15.55 23.87
CA MET G 206 11.68 14.73 23.11
C MET G 206 12.21 13.32 22.84
N ASN G 207 11.62 12.34 23.53
CA ASN G 207 11.93 10.92 23.32
C ASN G 207 13.42 10.63 23.50
N ASN G 208 13.94 10.99 24.66
CA ASN G 208 15.35 10.83 25.00
C ASN G 208 16.32 11.50 24.02
N LYS G 209 16.05 12.76 23.70
CA LYS G 209 16.97 13.59 22.94
C LYS G 209 16.68 15.06 23.24
N HIS G 210 17.72 15.86 23.42
CA HIS G 210 17.55 17.18 24.01
C HIS G 210 18.20 18.31 23.22
N TRP G 211 17.50 19.45 23.15
CA TRP G 211 18.01 20.65 22.50
C TRP G 211 17.76 21.89 23.38
N LEU G 212 18.40 22.99 23.01
CA LEU G 212 18.10 24.30 23.59
C LEU G 212 17.54 25.20 22.50
N VAL G 213 16.28 25.61 22.64
CA VAL G 213 15.58 26.30 21.55
C VAL G 213 15.12 27.71 21.88
N HIS G 214 14.90 28.52 20.85
CA HIS G 214 14.45 29.89 21.04
C HIS G 214 13.03 29.95 21.61
N LYS G 215 12.79 30.96 22.43
CA LYS G 215 11.53 31.12 23.16
C LYS G 215 10.31 31.26 22.23
N GLU G 216 10.43 32.14 21.25
CA GLU G 216 9.34 32.45 20.33
C GLU G 216 8.99 31.25 19.46
N TRP G 217 10.03 30.62 18.90
CA TRP G 217 9.87 29.43 18.07
C TRP G 217 9.10 28.36 18.83
N PHE G 218 9.56 28.05 20.04
CA PHE G 218 8.92 27.05 20.88
C PHE G 218 7.47 27.42 21.21
N HIS G 219 7.24 28.68 21.55
CA HIS G 219 5.92 29.14 21.97
C HIS G 219 4.92 29.19 20.81
N ASP G 220 5.41 29.19 19.58
CA ASP G 220 4.50 29.25 18.43
C ASP G 220 4.61 28.05 17.49
N ILE G 221 4.56 26.83 18.03
CA ILE G 221 4.46 25.64 17.18
C ILE G 221 3.03 25.11 17.22
N PRO G 222 2.54 24.62 16.07
CA PRO G 222 1.13 24.22 15.89
C PRO G 222 0.81 22.80 16.35
N LEU G 223 0.82 22.55 17.65
CA LEU G 223 0.47 21.24 18.19
C LEU G 223 -0.32 21.38 19.49
N PRO G 224 -1.04 20.31 19.89
CA PRO G 224 -1.72 20.32 21.19
C PRO G 224 -0.73 20.49 22.34
N TRP G 225 -1.14 21.20 23.39
CA TRP G 225 -0.20 21.53 24.46
C TRP G 225 -0.85 21.65 25.84
N HIS G 226 -0.04 21.46 26.87
CA HIS G 226 -0.49 21.81 28.23
C HIS G 226 0.60 22.60 28.96
N ALA G 227 0.23 23.21 30.07
CA ALA G 227 1.18 23.95 30.89
C ALA G 227 1.24 23.37 32.30
N GLY G 228 2.40 23.49 32.94
CA GLY G 228 2.61 22.89 34.25
C GLY G 228 3.37 21.58 34.18
N ALA G 229 2.68 20.49 34.52
CA ALA G 229 3.30 19.17 34.58
C ALA G 229 2.22 18.09 34.58
N ASP G 230 2.56 16.89 34.11
CA ASP G 230 1.57 15.80 34.05
C ASP G 230 1.51 15.02 35.36
N THR G 231 0.54 15.35 36.20
CA THR G 231 0.25 14.53 37.37
C THR G 231 -0.78 13.48 36.97
N GLY G 232 -0.96 13.32 35.67
CA GLY G 232 -2.07 12.54 35.14
C GLY G 232 -3.26 13.45 34.95
N THR G 233 -4.14 13.07 34.02
CA THR G 233 -5.33 13.86 33.66
C THR G 233 -5.07 15.34 33.34
N PRO G 234 -4.20 15.64 32.36
CA PRO G 234 -4.00 17.05 32.04
C PRO G 234 -4.93 17.54 30.93
N HIS G 235 -5.22 18.84 30.89
CA HIS G 235 -6.03 19.41 29.81
C HIS G 235 -5.18 19.71 28.59
N TRP G 236 -5.53 19.09 27.47
CA TRP G 236 -4.82 19.30 26.22
C TRP G 236 -5.46 20.42 25.40
N ASN G 237 -4.75 21.52 25.25
CA ASN G 237 -5.25 22.67 24.50
C ASN G 237 -5.05 22.52 23.01
N ASN G 238 -6.04 22.95 22.23
CA ASN G 238 -5.97 22.91 20.76
C ASN G 238 -5.70 21.51 20.23
N LYS G 239 -6.68 20.62 20.37
CA LYS G 239 -6.52 19.23 19.94
C LYS G 239 -6.77 19.09 18.44
N GLU G 240 -7.31 20.15 17.83
CA GLU G 240 -7.64 20.14 16.40
C GLU G 240 -6.40 20.16 15.51
N ALA G 241 -5.24 20.32 16.12
CA ALA G 241 -3.98 20.35 15.39
C ALA G 241 -3.59 18.94 14.93
N LEU G 242 -4.15 17.94 15.59
CA LEU G 242 -3.83 16.54 15.29
C LEU G 242 -5.07 15.72 14.95
N VAL G 243 -6.24 16.22 15.30
CA VAL G 243 -7.49 15.53 14.97
C VAL G 243 -8.40 16.40 14.11
N GLU G 244 -8.63 15.97 12.87
CA GLU G 244 -9.52 16.74 12.00
C GLU G 244 -10.78 15.94 11.64
N PHE G 245 -11.83 16.66 11.26
CA PHE G 245 -13.12 16.05 10.96
C PHE G 245 -13.47 16.21 9.49
N LYS G 246 -13.69 15.10 8.80
CA LYS G 246 -13.92 15.12 7.37
C LYS G 246 -15.25 14.49 6.97
N ASP G 247 -15.73 14.93 5.80
CA ASP G 247 -16.92 14.38 5.16
C ASP G 247 -18.17 14.52 6.01
N ALA G 248 -18.71 15.74 6.05
CA ALA G 248 -20.00 15.99 6.70
C ALA G 248 -21.06 15.11 6.05
N HIS G 249 -21.74 14.32 6.85
CA HIS G 249 -22.57 13.25 6.35
C HIS G 249 -23.75 13.00 7.30
N ALA G 250 -24.85 12.49 6.76
CA ALA G 250 -26.11 12.32 7.50
C ALA G 250 -25.97 11.77 8.92
N LYS G 251 -25.46 10.56 9.05
CA LYS G 251 -25.42 9.90 10.36
C LYS G 251 -24.08 10.05 11.09
N ARG G 252 -23.01 10.31 10.35
CA ARG G 252 -21.69 10.40 10.97
C ARG G 252 -20.79 11.47 10.37
N GLN G 253 -19.53 11.48 10.81
CA GLN G 253 -18.51 12.41 10.32
C GLN G 253 -17.16 11.79 10.60
N THR G 254 -16.42 11.45 9.55
CA THR G 254 -15.23 10.62 9.71
C THR G 254 -14.06 11.40 10.29
N VAL G 255 -13.58 10.99 11.47
CA VAL G 255 -12.46 11.67 12.09
C VAL G 255 -11.14 11.08 11.61
N VAL G 256 -10.11 11.92 11.58
CA VAL G 256 -8.79 11.51 11.13
C VAL G 256 -7.74 12.05 12.09
N VAL G 257 -6.92 11.15 12.62
CA VAL G 257 -5.83 11.54 13.50
C VAL G 257 -4.53 11.57 12.72
N LEU G 258 -3.81 12.68 12.82
CA LEU G 258 -2.52 12.83 12.17
C LEU G 258 -1.53 11.85 12.76
N GLY G 259 -0.66 11.33 11.90
CA GLY G 259 0.42 10.47 12.35
C GLY G 259 1.44 11.26 13.13
N SER G 260 2.38 10.56 13.75
CA SER G 260 3.43 11.19 14.55
C SER G 260 4.12 12.33 13.80
N GLN G 261 4.18 13.49 14.44
CA GLN G 261 4.82 14.65 13.85
C GLN G 261 6.29 14.73 14.28
N GLU G 262 6.81 13.60 14.74
CA GLU G 262 8.17 13.51 15.26
C GLU G 262 9.21 13.94 14.24
N GLY G 263 9.05 13.47 13.01
CA GLY G 263 9.99 13.76 11.93
C GLY G 263 9.98 15.21 11.53
N ALA G 264 8.79 15.81 11.52
CA ALA G 264 8.64 17.22 11.18
C ALA G 264 9.26 18.12 12.25
N VAL G 265 8.98 17.81 13.51
CA VAL G 265 9.57 18.52 14.63
C VAL G 265 11.09 18.41 14.59
N HIS G 266 11.57 17.20 14.35
CA HIS G 266 13.00 16.95 14.22
C HIS G 266 13.62 17.78 13.10
N THR G 267 13.03 17.76 11.91
CA THR G 267 13.57 18.49 10.77
C THR G 267 13.46 20.00 10.97
N ALA G 268 12.56 20.41 11.85
CA ALA G 268 12.45 21.82 12.21
C ALA G 268 13.63 22.22 13.08
N LEU G 269 14.05 21.31 13.96
CA LEU G 269 15.19 21.54 14.85
C LEU G 269 16.53 21.30 14.17
N ALA G 270 16.60 21.55 12.86
CA ALA G 270 17.82 21.33 12.10
C ALA G 270 18.92 22.27 12.58
N GLY G 271 18.75 23.56 12.31
CA GLY G 271 19.69 24.56 12.79
C GLY G 271 19.39 24.94 14.23
N ALA G 272 19.43 23.95 15.11
CA ALA G 272 19.13 24.16 16.52
C ALA G 272 20.28 23.69 17.40
N LEU G 273 20.37 24.27 18.60
CA LEU G 273 21.48 24.00 19.51
C LEU G 273 21.34 22.64 20.19
N GLU G 274 22.14 21.69 19.75
CA GLU G 274 22.12 20.32 20.28
C GLU G 274 22.61 20.26 21.72
N ALA G 275 21.79 19.66 22.60
CA ALA G 275 22.15 19.52 24.01
C ALA G 275 22.16 18.05 24.44
N GLU G 276 22.29 17.82 25.74
CA GLU G 276 22.40 16.47 26.28
C GLU G 276 22.08 16.47 27.77
N MET G 277 21.67 15.32 28.31
CA MET G 277 21.31 15.22 29.73
C MET G 277 21.86 13.96 30.41
N ASP G 278 22.09 14.05 31.72
CA ASP G 278 22.57 12.94 32.52
C ASP G 278 21.82 12.83 33.85
N GLY G 279 20.64 12.23 33.83
CA GLY G 279 19.85 12.06 35.03
C GLY G 279 18.83 13.16 35.25
N ALA G 280 19.01 13.93 36.33
CA ALA G 280 18.11 15.04 36.65
C ALA G 280 18.72 16.37 36.25
N LYS G 281 19.88 16.30 35.60
CA LYS G 281 20.58 17.50 35.15
C LYS G 281 20.86 17.42 33.65
N GLY G 282 21.47 18.45 33.10
CA GLY G 282 21.76 18.50 31.68
C GLY G 282 23.12 19.07 31.34
N ARG G 283 23.90 18.31 30.57
CA ARG G 283 25.24 18.75 30.17
C ARG G 283 25.17 19.69 28.97
N LEU G 284 25.67 20.91 29.16
CA LEU G 284 25.69 21.88 28.06
C LEU G 284 27.03 21.84 27.34
N SER G 285 27.33 22.91 26.60
CA SER G 285 28.57 23.01 25.84
C SER G 285 28.86 24.45 25.47
N GLU H 44 -34.86 -40.19 -24.32
CA GLU H 44 -33.83 -41.22 -24.30
C GLU H 44 -33.02 -41.23 -25.59
N LEU H 45 -31.70 -41.35 -25.43
CA LEU H 45 -30.80 -41.43 -26.58
C LEU H 45 -30.13 -42.81 -26.64
N VAL H 46 -30.24 -43.46 -27.79
CA VAL H 46 -29.75 -44.82 -27.95
C VAL H 46 -28.25 -44.89 -28.26
N THR H 47 -27.89 -44.65 -29.51
CA THR H 47 -26.49 -44.78 -29.93
C THR H 47 -25.95 -43.47 -30.49
N THR H 48 -25.74 -42.50 -29.61
CA THR H 48 -25.10 -41.25 -30.00
C THR H 48 -23.61 -41.50 -30.12
N THR H 49 -23.03 -41.17 -31.27
CA THR H 49 -21.67 -41.61 -31.57
C THR H 49 -20.84 -40.60 -32.36
N VAL H 50 -19.64 -40.31 -31.88
CA VAL H 50 -18.69 -39.47 -32.62
C VAL H 50 -17.84 -40.44 -33.44
N SER H 51 -17.46 -40.00 -34.64
CA SER H 51 -16.67 -40.83 -35.54
C SER H 51 -15.14 -40.79 -35.62
N ASN H 52 -14.61 -39.92 -36.48
CA ASN H 52 -13.17 -39.63 -36.51
C ASN H 52 -12.85 -38.30 -35.84
N MET H 53 -11.74 -38.26 -35.08
CA MET H 53 -11.34 -37.05 -34.37
C MET H 53 -9.85 -36.76 -34.50
N ALA H 54 -9.52 -35.54 -34.93
CA ALA H 54 -8.13 -35.09 -34.98
C ALA H 54 -7.72 -34.54 -33.61
N GLU H 55 -6.56 -34.99 -33.12
CA GLU H 55 -6.10 -34.61 -31.79
C GLU H 55 -5.65 -33.15 -31.73
N VAL H 56 -6.08 -32.45 -30.69
CA VAL H 56 -5.75 -31.04 -30.52
C VAL H 56 -4.48 -30.85 -29.70
N ARG H 57 -4.51 -31.34 -28.47
CA ARG H 57 -3.41 -31.14 -27.53
C ARG H 57 -3.39 -32.19 -26.43
N SER H 58 -2.20 -32.72 -26.15
CA SER H 58 -2.05 -33.69 -25.07
C SER H 58 -1.27 -33.11 -23.88
N TYR H 59 -1.73 -33.41 -22.67
CA TYR H 59 -1.06 -32.98 -21.45
C TYR H 59 -0.38 -34.15 -20.73
N CYS H 60 0.92 -34.00 -20.44
CA CYS H 60 1.64 -35.00 -19.68
C CYS H 60 1.39 -34.85 -18.18
N TYR H 61 0.94 -35.93 -17.53
CA TYR H 61 0.67 -35.88 -16.10
C TYR H 61 1.60 -36.80 -15.31
N GLU H 62 2.40 -37.60 -16.01
CA GLU H 62 3.47 -38.34 -15.34
C GLU H 62 4.75 -38.36 -16.17
N ALA H 63 5.78 -37.72 -15.64
CA ALA H 63 7.01 -37.53 -16.39
C ALA H 63 8.22 -38.14 -15.68
N SER H 64 9.30 -38.33 -16.43
CA SER H 64 10.57 -38.80 -15.88
C SER H 64 11.72 -38.03 -16.51
N ILE H 65 12.89 -38.07 -15.88
CA ILE H 65 14.05 -37.35 -16.39
C ILE H 65 15.24 -38.29 -16.57
N SER H 66 16.09 -37.97 -17.56
CA SER H 66 17.30 -38.74 -17.83
C SER H 66 18.40 -37.82 -18.36
N ASP H 67 19.57 -38.38 -18.60
CA ASP H 67 20.75 -37.65 -19.05
C ASP H 67 20.95 -36.36 -18.23
N MET H 68 20.80 -36.49 -16.91
CA MET H 68 20.93 -35.35 -16.02
C MET H 68 22.40 -34.92 -15.94
N ALA H 69 22.65 -33.62 -16.06
CA ALA H 69 24.02 -33.11 -16.05
C ALA H 69 24.07 -31.69 -15.51
N SER H 70 25.20 -31.34 -14.89
CA SER H 70 25.37 -30.03 -14.29
C SER H 70 26.72 -29.40 -14.66
N ASP H 71 26.71 -28.11 -14.92
CA ASP H 71 27.95 -27.38 -15.20
C ASP H 71 28.04 -26.13 -14.33
N SER H 72 29.21 -25.90 -13.74
CA SER H 72 29.40 -24.78 -12.84
C SER H 72 30.72 -24.06 -13.07
N ARG H 73 30.64 -22.83 -13.56
CA ARG H 73 31.83 -21.98 -13.71
C ARG H 73 32.08 -21.21 -12.42
N CYS H 74 33.26 -20.63 -12.31
CA CYS H 74 33.63 -19.82 -11.16
C CYS H 74 33.50 -18.34 -11.54
N PRO H 75 33.68 -17.43 -10.56
CA PRO H 75 33.78 -16.01 -10.93
C PRO H 75 34.98 -15.60 -11.78
N THR H 76 34.78 -14.61 -12.66
CA THR H 76 35.65 -14.21 -13.74
C THR H 76 36.10 -15.31 -14.74
N GLN H 77 35.23 -16.31 -14.91
CA GLN H 77 35.53 -17.37 -15.88
C GLN H 77 34.30 -17.78 -16.70
N GLY H 78 33.59 -16.79 -17.23
CA GLY H 78 32.44 -17.03 -18.09
C GLY H 78 31.27 -17.66 -17.38
N GLU H 79 30.18 -17.86 -18.10
CA GLU H 79 29.01 -18.53 -17.52
C GLU H 79 28.86 -19.94 -18.08
N ALA H 80 28.15 -20.78 -17.33
CA ALA H 80 28.14 -22.22 -17.57
C ALA H 80 27.50 -22.62 -18.90
N TYR H 81 27.90 -23.79 -19.39
CA TYR H 81 27.40 -24.32 -20.66
C TYR H 81 27.43 -25.84 -20.69
N LEU H 82 26.29 -26.44 -21.00
CA LEU H 82 26.21 -27.87 -21.26
C LEU H 82 25.90 -28.05 -22.75
N ASP H 83 26.28 -29.19 -23.33
CA ASP H 83 26.04 -29.44 -24.75
C ASP H 83 24.56 -29.53 -25.07
N LYS H 84 23.83 -30.31 -24.28
CA LYS H 84 22.41 -30.53 -24.49
C LYS H 84 21.55 -29.43 -23.85
N GLN H 85 22.16 -28.27 -23.64
CA GLN H 85 21.46 -27.11 -23.10
C GLN H 85 20.45 -26.55 -24.10
N SER H 86 20.85 -26.49 -25.36
CA SER H 86 20.00 -25.93 -26.40
C SER H 86 19.07 -26.99 -27.02
N ASP H 87 19.14 -28.21 -26.50
CA ASP H 87 18.28 -29.30 -26.97
C ASP H 87 16.83 -29.03 -26.57
N THR H 88 15.91 -29.36 -27.47
CA THR H 88 14.50 -29.05 -27.27
C THR H 88 13.81 -30.06 -26.33
N GLN H 89 14.44 -31.21 -26.13
CA GLN H 89 13.89 -32.25 -25.27
C GLN H 89 14.27 -32.06 -23.81
N TYR H 90 15.27 -31.21 -23.57
CA TYR H 90 15.82 -31.04 -22.23
C TYR H 90 15.24 -29.84 -21.49
N VAL H 91 14.87 -30.06 -20.24
CA VAL H 91 14.48 -28.97 -19.35
C VAL H 91 15.70 -28.54 -18.54
N CYS H 92 15.92 -27.23 -18.49
CA CYS H 92 17.12 -26.67 -17.85
C CYS H 92 16.85 -25.53 -16.89
N LYS H 93 17.83 -25.26 -16.04
CA LYS H 93 17.76 -24.14 -15.10
C LYS H 93 19.13 -23.49 -14.97
N ARG H 94 19.18 -22.18 -15.21
CA ARG H 94 20.42 -21.43 -15.07
C ARG H 94 20.30 -20.39 -13.95
N THR H 95 21.22 -20.44 -13.01
CA THR H 95 21.20 -19.55 -11.86
C THR H 95 22.61 -19.17 -11.42
N LEU H 96 22.70 -18.43 -10.32
CA LEU H 96 23.99 -18.00 -9.77
C LEU H 96 24.16 -18.49 -8.34
N VAL H 97 25.33 -19.05 -8.03
CA VAL H 97 25.59 -19.56 -6.69
C VAL H 97 26.81 -18.90 -6.04
N ASP H 98 26.89 -19.00 -4.72
CA ASP H 98 27.99 -18.41 -3.98
C ASP H 98 29.26 -19.24 -4.09
N ARG H 99 30.31 -18.64 -4.62
CA ARG H 99 31.59 -19.33 -4.74
C ARG H 99 32.70 -18.57 -4.04
N GLY H 100 33.59 -19.31 -3.40
CA GLY H 100 34.75 -18.75 -2.74
C GLY H 100 35.81 -19.81 -2.57
N TRP H 101 36.78 -19.57 -1.70
CA TRP H 101 37.80 -20.57 -1.42
C TRP H 101 37.16 -21.78 -0.76
N GLY H 102 36.12 -21.53 0.01
CA GLY H 102 35.43 -22.56 0.77
C GLY H 102 34.94 -23.75 -0.03
N ASN H 103 34.61 -23.52 -1.30
CA ASN H 103 34.08 -24.61 -2.14
C ASN H 103 34.82 -24.79 -3.46
N GLY H 104 36.07 -24.34 -3.53
CA GLY H 104 36.93 -24.65 -4.65
C GLY H 104 37.18 -23.57 -5.70
N CYS H 105 37.01 -22.30 -5.31
CA CYS H 105 37.27 -21.20 -6.23
C CYS H 105 38.31 -20.22 -5.69
N GLY H 106 38.99 -19.54 -6.60
CA GLY H 106 40.04 -18.62 -6.22
C GLY H 106 39.51 -17.36 -5.57
N LEU H 107 38.54 -16.72 -6.22
CA LEU H 107 38.02 -15.46 -5.73
C LEU H 107 36.55 -15.54 -5.32
N PHE H 108 36.16 -14.62 -4.45
CA PHE H 108 34.82 -14.58 -3.88
C PHE H 108 33.82 -14.01 -4.86
N GLY H 109 32.57 -14.49 -4.79
CA GLY H 109 31.52 -13.92 -5.60
C GLY H 109 30.59 -14.91 -6.28
N LYS H 110 29.75 -14.40 -7.17
CA LYS H 110 28.75 -15.22 -7.86
C LYS H 110 29.34 -16.01 -9.02
N GLY H 111 29.21 -17.34 -8.95
CA GLY H 111 29.57 -18.20 -10.06
C GLY H 111 28.32 -18.65 -10.79
N SER H 112 28.44 -18.86 -12.11
CA SER H 112 27.29 -19.26 -12.90
C SER H 112 27.11 -20.78 -12.91
N LEU H 113 25.88 -21.21 -12.68
CA LEU H 113 25.55 -22.64 -12.64
C LEU H 113 24.39 -22.96 -13.58
N VAL H 114 24.48 -24.09 -14.27
CA VAL H 114 23.38 -24.55 -15.10
C VAL H 114 23.17 -26.06 -14.91
N THR H 115 21.90 -26.48 -14.90
CA THR H 115 21.56 -27.88 -14.73
C THR H 115 20.53 -28.30 -15.78
N CYS H 116 20.74 -29.44 -16.41
CA CYS H 116 19.82 -29.89 -17.47
C CYS H 116 19.49 -31.37 -17.39
N ALA H 117 18.22 -31.70 -17.64
CA ALA H 117 17.79 -33.09 -17.66
C ALA H 117 16.87 -33.35 -18.85
N LYS H 118 16.99 -34.54 -19.45
CA LYS H 118 16.18 -34.87 -20.62
C LYS H 118 14.77 -35.28 -20.24
N PHE H 119 13.80 -34.46 -20.67
CA PHE H 119 12.41 -34.67 -20.28
C PHE H 119 11.76 -35.79 -21.09
N ALA H 120 11.08 -36.69 -20.37
CA ALA H 120 10.32 -37.76 -21.00
C ALA H 120 8.96 -37.87 -20.34
N CYS H 121 7.95 -38.25 -21.11
CA CYS H 121 6.59 -38.38 -20.58
C CYS H 121 6.16 -39.85 -20.47
N SER H 122 5.94 -40.30 -19.25
CA SER H 122 5.50 -41.67 -19.00
C SER H 122 4.00 -41.82 -19.28
N LYS H 123 3.20 -40.88 -18.76
CA LYS H 123 1.75 -40.93 -18.95
C LYS H 123 1.16 -39.57 -19.29
N LYS H 124 0.38 -39.52 -20.38
CA LYS H 124 -0.26 -38.29 -20.83
C LYS H 124 -1.76 -38.47 -21.02
N MET H 125 -2.47 -37.36 -21.19
CA MET H 125 -3.90 -37.37 -21.51
C MET H 125 -4.12 -36.61 -22.82
N THR H 126 -4.99 -37.12 -23.67
CA THR H 126 -5.20 -36.47 -24.97
C THR H 126 -6.57 -35.79 -25.08
N GLY H 127 -6.60 -34.65 -25.75
CA GLY H 127 -7.84 -33.91 -25.94
C GLY H 127 -8.12 -33.69 -27.42
N LYS H 128 -9.35 -33.97 -27.82
CA LYS H 128 -9.74 -33.89 -29.23
C LYS H 128 -10.91 -32.95 -29.39
N SER H 129 -11.19 -32.57 -30.64
CA SER H 129 -12.26 -31.63 -30.93
C SER H 129 -13.48 -32.33 -31.50
N ILE H 130 -14.67 -31.84 -31.15
CA ILE H 130 -15.91 -32.40 -31.65
C ILE H 130 -16.73 -31.38 -32.44
N GLN H 131 -16.89 -31.63 -33.73
CA GLN H 131 -17.73 -30.81 -34.60
C GLN H 131 -19.07 -31.47 -34.86
N PRO H 132 -20.15 -30.70 -34.94
CA PRO H 132 -21.46 -31.24 -35.29
C PRO H 132 -21.55 -31.71 -36.75
N GLU H 133 -20.40 -32.01 -37.37
CA GLU H 133 -20.35 -32.52 -38.74
C GLU H 133 -20.05 -34.01 -38.75
N ASN H 134 -19.34 -34.47 -37.73
CA ASN H 134 -19.04 -35.89 -37.55
C ASN H 134 -19.80 -36.45 -36.35
N LEU H 135 -20.84 -35.74 -35.94
CA LEU H 135 -21.69 -36.14 -34.81
C LEU H 135 -22.95 -36.83 -35.34
N GLU H 136 -23.49 -37.76 -34.54
CA GLU H 136 -24.66 -38.53 -34.95
C GLU H 136 -25.60 -38.84 -33.79
N TYR H 137 -26.74 -38.14 -33.76
CA TYR H 137 -27.78 -38.37 -32.75
C TYR H 137 -28.53 -39.69 -33.01
N ARG H 138 -29.31 -40.14 -32.02
CA ARG H 138 -30.15 -41.32 -32.16
C ARG H 138 -31.16 -41.47 -31.02
N ILE H 139 -32.39 -41.84 -31.37
CA ILE H 139 -33.45 -42.10 -30.39
C ILE H 139 -34.20 -43.38 -30.79
N MET H 140 -34.73 -44.10 -29.82
CA MET H 140 -35.53 -45.29 -30.08
C MET H 140 -36.94 -44.91 -30.55
N ASP H 197 -24.16 -27.86 -27.36
CA ASP H 197 -23.16 -27.13 -28.13
C ASP H 197 -21.78 -27.74 -27.94
N PHE H 198 -21.19 -28.22 -29.05
CA PHE H 198 -19.93 -28.95 -28.98
C PHE H 198 -18.73 -28.11 -29.42
N SER H 199 -18.93 -26.80 -29.57
CA SER H 199 -17.83 -25.90 -29.88
C SER H 199 -17.11 -25.48 -28.60
N ASP H 200 -17.79 -25.72 -27.47
CA ASP H 200 -17.26 -25.37 -26.16
C ASP H 200 -16.63 -26.59 -25.50
N LEU H 201 -16.74 -27.74 -26.17
CA LEU H 201 -16.33 -29.00 -25.56
C LEU H 201 -15.18 -29.69 -26.27
N TYR H 202 -14.46 -30.51 -25.52
CA TYR H 202 -13.37 -31.34 -26.02
C TYR H 202 -13.59 -32.78 -25.54
N TYR H 203 -13.10 -33.75 -26.30
CA TYR H 203 -13.09 -35.12 -25.82
C TYR H 203 -11.76 -35.40 -25.11
N LEU H 204 -11.84 -35.52 -23.79
CA LEU H 204 -10.66 -35.79 -22.97
C LEU H 204 -10.53 -37.27 -22.63
N THR H 205 -9.36 -37.82 -22.91
CA THR H 205 -9.08 -39.23 -22.62
C THR H 205 -7.81 -39.38 -21.78
N MET H 206 -7.95 -40.03 -20.64
CA MET H 206 -6.81 -40.29 -19.76
C MET H 206 -6.87 -41.69 -19.17
N ASN H 207 -5.99 -42.57 -19.66
CA ASN H 207 -5.89 -43.94 -19.17
C ASN H 207 -7.20 -44.72 -19.25
N ASN H 208 -7.70 -44.90 -20.47
CA ASN H 208 -8.91 -45.67 -20.74
C ASN H 208 -10.11 -45.22 -19.92
N LYS H 209 -10.19 -43.92 -19.68
CA LYS H 209 -11.34 -43.31 -19.03
C LYS H 209 -11.56 -41.94 -19.67
N HIS H 210 -12.81 -41.63 -20.04
CA HIS H 210 -13.06 -40.51 -20.93
C HIS H 210 -14.16 -39.55 -20.45
N TRP H 211 -13.96 -38.27 -20.71
CA TRP H 211 -14.95 -37.25 -20.38
C TRP H 211 -15.07 -36.21 -21.49
N LEU H 212 -16.06 -35.33 -21.38
CA LEU H 212 -16.18 -34.17 -22.27
C LEU H 212 -16.01 -32.89 -21.46
N VAL H 213 -14.97 -32.11 -21.77
CA VAL H 213 -14.60 -30.98 -20.93
C VAL H 213 -14.72 -29.62 -21.62
N HIS H 214 -14.83 -28.55 -20.84
CA HIS H 214 -14.95 -27.20 -21.40
C HIS H 214 -13.64 -26.76 -22.06
N LYS H 215 -13.76 -25.85 -23.03
CA LYS H 215 -12.61 -25.38 -23.80
C LYS H 215 -11.60 -24.59 -22.95
N GLU H 216 -12.11 -23.57 -22.27
CA GLU H 216 -11.28 -22.67 -21.48
C GLU H 216 -10.60 -23.41 -20.34
N TRP H 217 -11.31 -24.40 -19.78
CA TRP H 217 -10.76 -25.22 -18.72
C TRP H 217 -9.60 -26.07 -19.23
N PHE H 218 -9.83 -26.77 -20.33
CA PHE H 218 -8.80 -27.64 -20.91
C PHE H 218 -7.56 -26.86 -21.31
N HIS H 219 -7.76 -25.68 -21.88
CA HIS H 219 -6.63 -24.87 -22.33
C HIS H 219 -5.80 -24.33 -21.15
N ASP H 220 -6.48 -24.03 -20.04
CA ASP H 220 -5.80 -23.46 -18.88
C ASP H 220 -5.59 -24.48 -17.75
N ILE H 221 -4.76 -25.48 -17.99
CA ILE H 221 -4.34 -26.37 -16.91
C ILE H 221 -2.81 -26.39 -16.85
N PRO H 222 -2.24 -26.49 -15.64
CA PRO H 222 -0.80 -26.35 -15.45
C PRO H 222 -0.03 -27.67 -15.56
N LEU H 223 0.12 -28.17 -16.78
CA LEU H 223 0.91 -29.37 -17.03
C LEU H 223 1.67 -29.23 -18.35
N PRO H 224 2.75 -30.01 -18.51
CA PRO H 224 3.44 -30.07 -19.81
C PRO H 224 2.49 -30.48 -20.92
N TRP H 225 2.76 -30.07 -22.16
CA TRP H 225 1.83 -30.36 -23.24
C TRP H 225 2.46 -30.32 -24.63
N HIS H 226 1.79 -30.98 -25.58
CA HIS H 226 2.13 -30.80 -26.99
C HIS H 226 0.86 -30.67 -27.81
N ALA H 227 1.00 -30.28 -29.08
CA ALA H 227 -0.12 -30.14 -29.98
C ALA H 227 0.11 -30.95 -31.25
N GLY H 228 -0.88 -31.75 -31.64
CA GLY H 228 -0.77 -32.58 -32.83
C GLY H 228 -0.37 -34.01 -32.51
N ALA H 229 0.35 -34.18 -31.40
CA ALA H 229 0.80 -35.48 -30.91
C ALA H 229 1.68 -36.22 -31.92
N THR H 233 8.22 -38.70 -31.12
CA THR H 233 9.08 -37.57 -30.78
C THR H 233 8.37 -36.22 -30.92
N PRO H 234 7.53 -35.87 -29.93
CA PRO H 234 6.89 -34.56 -29.90
C PRO H 234 7.62 -33.58 -28.98
N HIS H 235 7.57 -32.29 -29.31
CA HIS H 235 8.14 -31.26 -28.44
C HIS H 235 7.22 -30.96 -27.28
N TRP H 236 7.69 -31.21 -26.06
CA TRP H 236 6.90 -30.97 -24.87
C TRP H 236 7.05 -29.53 -24.38
N ASN H 237 5.93 -28.81 -24.33
CA ASN H 237 5.91 -27.42 -23.87
C ASN H 237 5.70 -27.34 -22.36
N ASN H 238 6.31 -26.33 -21.73
CA ASN H 238 6.15 -26.10 -20.30
C ASN H 238 6.49 -27.32 -19.44
N LYS H 239 7.71 -27.82 -19.60
CA LYS H 239 8.16 -29.01 -18.88
C LYS H 239 8.35 -28.72 -17.39
N GLU H 240 8.48 -27.43 -17.06
CA GLU H 240 8.75 -27.01 -15.69
C GLU H 240 7.59 -27.28 -14.73
N ALA H 241 6.43 -27.62 -15.27
CA ALA H 241 5.25 -27.88 -14.46
C ALA H 241 5.36 -29.21 -13.69
N LEU H 242 6.31 -30.05 -14.11
CA LEU H 242 6.51 -31.35 -13.49
C LEU H 242 7.94 -31.54 -13.00
N VAL H 243 8.85 -30.69 -13.49
CA VAL H 243 10.25 -30.76 -13.09
C VAL H 243 10.70 -29.44 -12.49
N GLU H 244 11.19 -29.49 -11.26
CA GLU H 244 11.61 -28.27 -10.57
C GLU H 244 13.03 -28.40 -10.01
N PHE H 245 13.76 -27.29 -9.98
CA PHE H 245 15.15 -27.31 -9.55
C PHE H 245 15.31 -26.61 -8.19
N LYS H 246 15.89 -27.33 -7.24
CA LYS H 246 16.02 -26.83 -5.88
C LYS H 246 17.45 -26.88 -5.36
N ASP H 247 17.71 -26.07 -4.33
CA ASP H 247 18.98 -26.03 -3.62
C ASP H 247 20.16 -25.71 -4.53
N ALA H 248 20.21 -24.45 -5.00
CA ALA H 248 21.35 -23.97 -5.77
C ALA H 248 22.64 -24.22 -5.01
N HIS H 249 23.61 -24.81 -5.69
CA HIS H 249 24.81 -25.33 -5.04
C HIS H 249 26.04 -25.07 -5.91
N ALA H 250 27.23 -25.22 -5.31
CA ALA H 250 28.48 -24.97 -6.01
C ALA H 250 28.72 -25.95 -7.17
N LYS H 251 28.44 -27.23 -6.95
CA LYS H 251 28.74 -28.23 -7.96
C LYS H 251 27.51 -28.79 -8.68
N ARG H 252 26.35 -28.75 -8.03
CA ARG H 252 25.14 -29.32 -8.62
C ARG H 252 23.90 -28.49 -8.31
N GLN H 253 22.73 -29.06 -8.60
CA GLN H 253 21.44 -28.43 -8.34
C GLN H 253 20.38 -29.52 -8.41
N THR H 254 19.73 -29.82 -7.27
CA THR H 254 18.92 -31.03 -7.19
C THR H 254 17.62 -30.91 -7.98
N VAL H 255 17.39 -31.83 -8.91
CA VAL H 255 16.14 -31.82 -9.66
C VAL H 255 15.09 -32.69 -8.97
N VAL H 256 13.84 -32.28 -9.07
CA VAL H 256 12.73 -33.02 -8.49
C VAL H 256 11.60 -33.16 -9.51
N VAL H 257 11.16 -34.40 -9.71
CA VAL H 257 10.04 -34.67 -10.60
C VAL H 257 8.80 -35.01 -9.80
N LEU H 258 7.70 -34.31 -10.08
CA LEU H 258 6.46 -34.54 -9.36
C LEU H 258 5.84 -35.88 -9.76
N GLY H 259 5.22 -36.54 -8.81
CA GLY H 259 4.54 -37.80 -9.07
C GLY H 259 3.33 -37.62 -9.97
N SER H 260 2.69 -38.74 -10.30
CA SER H 260 1.52 -38.72 -11.16
C SER H 260 0.46 -37.76 -10.64
N GLN H 261 0.05 -36.82 -11.48
CA GLN H 261 -0.97 -35.85 -11.12
C GLN H 261 -2.36 -36.35 -11.51
N GLU H 262 -2.45 -37.65 -11.81
CA GLU H 262 -3.69 -38.28 -12.26
C GLU H 262 -4.84 -38.06 -11.28
N GLY H 263 -4.52 -38.08 -9.98
CA GLY H 263 -5.52 -37.90 -8.94
C GLY H 263 -6.06 -36.48 -8.89
N ALA H 264 -5.14 -35.52 -9.02
CA ALA H 264 -5.51 -34.11 -9.02
C ALA H 264 -6.37 -33.77 -10.23
N VAL H 265 -5.97 -34.32 -11.37
CA VAL H 265 -6.73 -34.14 -12.60
C VAL H 265 -8.12 -34.76 -12.46
N HIS H 266 -8.17 -35.96 -11.90
CA HIS H 266 -9.45 -36.64 -11.66
C HIS H 266 -10.39 -35.80 -10.79
N THR H 267 -9.90 -35.37 -9.64
CA THR H 267 -10.71 -34.58 -8.72
C THR H 267 -11.06 -33.22 -9.33
N ALA H 268 -10.25 -32.76 -10.29
CA ALA H 268 -10.59 -31.55 -11.02
C ALA H 268 -11.78 -31.86 -11.94
N LEU H 269 -11.77 -33.05 -12.52
CA LEU H 269 -12.85 -33.51 -13.37
C LEU H 269 -13.99 -34.14 -12.58
N ALA H 270 -14.00 -33.90 -11.27
CA ALA H 270 -15.08 -34.38 -10.41
C ALA H 270 -16.46 -34.03 -10.96
N GLY H 271 -16.70 -32.75 -11.20
CA GLY H 271 -17.97 -32.30 -11.73
C GLY H 271 -17.99 -32.19 -13.23
N ALA H 272 -17.26 -33.07 -13.91
CA ALA H 272 -17.19 -33.05 -15.36
C ALA H 272 -18.29 -33.90 -15.99
N LEU H 273 -18.51 -33.71 -17.29
CA LEU H 273 -19.54 -34.41 -18.02
C LEU H 273 -19.06 -35.80 -18.47
N GLU H 274 -19.47 -36.82 -17.73
CA GLU H 274 -19.01 -38.20 -17.96
C GLU H 274 -19.40 -38.74 -19.33
N ALA H 275 -18.42 -39.26 -20.05
CA ALA H 275 -18.66 -39.85 -21.37
C ALA H 275 -18.16 -41.29 -21.40
N GLU H 276 -18.13 -41.88 -22.60
CA GLU H 276 -17.73 -43.27 -22.77
C GLU H 276 -17.26 -43.52 -24.20
N MET H 277 -16.50 -44.58 -24.42
CA MET H 277 -15.96 -44.87 -25.74
C MET H 277 -16.05 -46.34 -26.13
N ASP H 278 -16.12 -46.59 -27.44
CA ASP H 278 -16.13 -47.93 -28.01
C ASP H 278 -15.29 -48.01 -29.27
N GLY H 279 -14.16 -48.71 -29.17
CA GLY H 279 -13.26 -48.89 -30.30
C GLY H 279 -12.64 -47.59 -30.79
N ALA H 280 -13.15 -47.07 -31.91
CA ALA H 280 -12.68 -45.79 -32.45
C ALA H 280 -13.82 -44.79 -32.52
N LYS H 281 -14.97 -45.15 -31.94
CA LYS H 281 -16.15 -44.31 -31.92
C LYS H 281 -16.63 -44.07 -30.49
N GLY H 282 -16.77 -42.80 -30.11
CA GLY H 282 -17.15 -42.46 -28.76
C GLY H 282 -18.65 -42.49 -28.50
N ARG H 283 -19.06 -43.31 -27.53
CA ARG H 283 -20.47 -43.42 -27.19
C ARG H 283 -20.89 -42.33 -26.20
N LEU H 284 -21.68 -41.38 -26.68
CA LEU H 284 -22.13 -40.27 -25.83
C LEU H 284 -23.41 -40.65 -25.07
N SER H 285 -23.96 -39.69 -24.34
CA SER H 285 -25.16 -39.92 -23.54
C SER H 285 -26.29 -38.99 -23.95
#